data_2MFK
#
_entry.id   2MFK
#
_entity_poly.entity_id   1
_entity_poly.type   'polypeptide(L)'
_entity_poly.pdbx_seq_one_letter_code
;GPLGSDLIVHEGGKTYHVVCHEEGPIPHPGNVHKYIICSKSGSLWYITVMPCSIGTKFDPISRNCVLDN
;
_entity_poly.pdbx_strand_id   A
#
# COMPACT_ATOMS: atom_id res chain seq x y z
N GLY A 1 4.16 14.96 14.84
CA GLY A 1 4.52 13.53 14.85
C GLY A 1 4.97 13.06 13.47
N PRO A 2 6.29 12.95 13.25
CA PRO A 2 6.85 12.55 11.96
C PRO A 2 6.99 11.03 11.81
N LEU A 3 6.12 10.30 12.50
CA LEU A 3 6.14 8.84 12.44
C LEU A 3 5.65 8.37 11.08
N GLY A 4 6.55 7.77 10.32
CA GLY A 4 6.21 7.29 9.01
C GLY A 4 6.64 5.86 8.79
N SER A 5 7.07 5.21 9.87
CA SER A 5 7.49 3.83 9.81
C SER A 5 6.35 2.94 9.34
N ASP A 6 5.21 3.05 10.01
CA ASP A 6 4.06 2.22 9.69
C ASP A 6 2.76 2.85 10.16
N LEU A 7 1.83 2.96 9.26
CA LEU A 7 0.52 3.47 9.58
C LEU A 7 -0.46 2.31 9.67
N ILE A 8 -1.42 2.40 10.56
CA ILE A 8 -2.37 1.34 10.72
C ILE A 8 -3.65 1.61 9.95
N VAL A 9 -4.24 0.56 9.41
CA VAL A 9 -5.46 0.66 8.62
C VAL A 9 -6.42 -0.46 9.03
N HIS A 10 -7.62 -0.43 8.49
CA HIS A 10 -8.62 -1.45 8.81
C HIS A 10 -9.10 -2.17 7.56
N GLU A 11 -8.83 -3.45 7.50
CA GLU A 11 -9.28 -4.29 6.40
C GLU A 11 -10.36 -5.22 6.90
N GLY A 12 -11.60 -4.93 6.57
CA GLY A 12 -12.70 -5.75 7.04
C GLY A 12 -12.77 -5.79 8.56
N GLY A 13 -12.63 -4.63 9.17
CA GLY A 13 -12.67 -4.55 10.62
C GLY A 13 -11.31 -4.81 11.27
N LYS A 14 -10.48 -5.66 10.65
CA LYS A 14 -9.20 -6.01 11.25
C LYS A 14 -8.15 -4.97 10.98
N THR A 15 -7.32 -4.73 11.95
CA THR A 15 -6.25 -3.78 11.85
C THR A 15 -5.02 -4.37 11.20
N TYR A 16 -4.45 -3.62 10.27
CA TYR A 16 -3.22 -4.02 9.59
C TYR A 16 -2.26 -2.85 9.57
N HIS A 17 -0.97 -3.15 9.49
CA HIS A 17 0.04 -2.12 9.46
C HIS A 17 0.56 -1.92 8.03
N VAL A 18 0.87 -0.70 7.70
CA VAL A 18 1.42 -0.37 6.41
C VAL A 18 2.78 0.27 6.59
N VAL A 19 3.78 -0.37 6.06
CA VAL A 19 5.14 0.09 6.18
C VAL A 19 5.77 0.24 4.80
N CYS A 20 6.51 1.30 4.60
CA CYS A 20 7.15 1.52 3.32
C CYS A 20 8.66 1.37 3.44
N HIS A 21 9.21 0.50 2.62
CA HIS A 21 10.63 0.23 2.61
C HIS A 21 11.30 0.92 1.44
N GLU A 22 10.51 1.23 0.42
CA GLU A 22 11.01 1.87 -0.78
C GLU A 22 10.04 2.90 -1.30
N GLU A 23 10.57 3.90 -1.98
CA GLU A 23 9.77 4.94 -2.60
C GLU A 23 9.12 4.42 -3.86
N GLY A 24 7.83 4.19 -3.78
CA GLY A 24 7.08 3.70 -4.90
C GLY A 24 5.84 2.98 -4.44
N PRO A 25 4.94 2.66 -5.36
CA PRO A 25 3.72 1.94 -5.03
C PRO A 25 3.95 0.44 -4.84
N ILE A 26 3.40 -0.09 -3.76
CA ILE A 26 3.49 -1.51 -3.44
C ILE A 26 2.13 -2.01 -2.96
N PRO A 27 1.86 -3.32 -3.05
CA PRO A 27 0.56 -3.89 -2.64
C PRO A 27 0.36 -3.83 -1.14
N HIS A 28 -0.84 -4.16 -0.71
CA HIS A 28 -1.20 -4.15 0.68
C HIS A 28 -0.89 -5.54 1.24
N PRO A 29 -0.14 -5.62 2.36
CA PRO A 29 0.28 -6.90 2.97
C PRO A 29 -0.89 -7.87 3.17
N GLY A 30 -1.90 -7.39 3.87
CA GLY A 30 -3.10 -8.20 4.10
C GLY A 30 -3.84 -8.55 2.81
N ASN A 31 -4.32 -7.53 2.11
CA ASN A 31 -5.12 -7.73 0.90
C ASN A 31 -4.51 -7.02 -0.31
N VAL A 32 -3.85 -7.81 -1.18
CA VAL A 32 -3.20 -7.30 -2.41
C VAL A 32 -4.16 -6.58 -3.36
N HIS A 33 -5.47 -6.67 -3.12
CA HIS A 33 -6.45 -5.95 -3.93
C HIS A 33 -6.30 -4.42 -3.75
N LYS A 34 -5.51 -4.05 -2.77
CA LYS A 34 -5.24 -2.67 -2.51
C LYS A 34 -3.75 -2.46 -2.48
N TYR A 35 -3.33 -1.25 -2.68
CA TYR A 35 -1.92 -0.95 -2.68
C TYR A 35 -1.66 0.38 -2.01
N ILE A 36 -0.43 0.63 -1.68
CA ILE A 36 -0.06 1.85 -1.02
C ILE A 36 1.00 2.57 -1.84
N ILE A 37 0.87 3.87 -1.92
CA ILE A 37 1.84 4.67 -2.62
C ILE A 37 2.78 5.28 -1.61
N CYS A 38 4.04 4.95 -1.70
CA CYS A 38 5.01 5.49 -0.79
C CYS A 38 5.77 6.59 -1.50
N SER A 39 5.75 7.78 -0.95
CA SER A 39 6.41 8.90 -1.57
C SER A 39 7.28 9.65 -0.59
N LYS A 40 8.37 10.19 -1.09
CA LYS A 40 9.29 10.95 -0.28
C LYS A 40 9.01 12.45 -0.43
N SER A 41 9.10 13.14 0.67
CA SER A 41 8.98 14.57 0.70
C SER A 41 10.17 15.12 1.46
N GLY A 42 11.26 15.31 0.73
CA GLY A 42 12.49 15.73 1.36
C GLY A 42 13.08 14.56 2.13
N SER A 43 12.97 14.60 3.44
CA SER A 43 13.41 13.51 4.27
C SER A 43 12.22 12.85 5.00
N LEU A 44 11.01 13.20 4.58
CA LEU A 44 9.80 12.70 5.22
C LEU A 44 9.05 11.76 4.30
N TRP A 45 8.45 10.72 4.86
CA TRP A 45 7.70 9.76 4.08
C TRP A 45 6.19 10.00 4.17
N TYR A 46 5.54 9.99 3.02
CA TYR A 46 4.09 10.08 2.95
C TYR A 46 3.54 8.83 2.28
N ILE A 47 2.52 8.25 2.88
CA ILE A 47 1.93 7.03 2.34
C ILE A 47 0.43 7.23 2.10
N THR A 48 -0.09 6.53 1.12
CA THR A 48 -1.51 6.57 0.80
C THR A 48 -1.98 5.21 0.29
N VAL A 49 -2.98 4.64 0.96
CA VAL A 49 -3.48 3.32 0.58
C VAL A 49 -4.70 3.43 -0.34
N MET A 50 -4.52 3.05 -1.59
CA MET A 50 -5.58 3.11 -2.59
C MET A 50 -5.97 1.70 -3.04
N PRO A 51 -7.26 1.47 -3.29
CA PRO A 51 -7.74 0.19 -3.79
C PRO A 51 -7.67 0.12 -5.31
N CYS A 52 -7.33 -1.04 -5.84
CA CYS A 52 -7.28 -1.21 -7.27
C CYS A 52 -8.62 -1.73 -7.78
N SER A 53 -8.71 -1.95 -9.08
CA SER A 53 -9.93 -2.41 -9.68
C SER A 53 -10.26 -3.82 -9.21
N ILE A 54 -11.53 -4.10 -9.05
CA ILE A 54 -11.97 -5.40 -8.60
C ILE A 54 -11.69 -6.44 -9.68
N GLY A 55 -11.11 -7.55 -9.28
CA GLY A 55 -10.72 -8.58 -10.22
C GLY A 55 -9.23 -8.57 -10.47
N THR A 56 -8.58 -7.47 -10.13
CA THR A 56 -7.14 -7.36 -10.31
C THR A 56 -6.44 -7.19 -8.96
N LYS A 57 -5.17 -7.51 -8.93
CA LYS A 57 -4.36 -7.39 -7.72
C LYS A 57 -3.06 -6.69 -8.03
N PHE A 58 -2.53 -5.96 -7.08
CA PHE A 58 -1.32 -5.20 -7.28
C PHE A 58 -0.06 -6.05 -7.03
N ASP A 59 0.95 -5.88 -7.87
CA ASP A 59 2.24 -6.57 -7.74
C ASP A 59 3.31 -5.59 -7.26
N PRO A 60 4.16 -5.99 -6.30
CA PRO A 60 5.18 -5.11 -5.70
C PRO A 60 6.30 -4.73 -6.67
N ILE A 61 6.81 -5.70 -7.39
CA ILE A 61 7.93 -5.47 -8.29
C ILE A 61 7.49 -4.79 -9.58
N SER A 62 6.43 -5.30 -10.17
CA SER A 62 5.91 -4.75 -11.40
C SER A 62 5.31 -3.37 -11.15
N ARG A 63 4.71 -3.20 -9.97
CA ARG A 63 4.12 -1.93 -9.52
C ARG A 63 2.89 -1.58 -10.35
N ASN A 64 2.07 -2.58 -10.61
CA ASN A 64 0.85 -2.39 -11.36
C ASN A 64 -0.15 -3.46 -10.94
N CYS A 65 -1.34 -3.40 -11.46
CA CYS A 65 -2.35 -4.36 -11.12
C CYS A 65 -2.49 -5.40 -12.22
N VAL A 66 -2.38 -6.66 -11.83
CA VAL A 66 -2.50 -7.75 -12.76
C VAL A 66 -3.80 -8.49 -12.53
N LEU A 67 -4.26 -9.20 -13.53
CA LEU A 67 -5.50 -9.94 -13.44
C LEU A 67 -5.37 -11.12 -12.50
N ASP A 68 -6.11 -11.08 -11.41
CA ASP A 68 -6.12 -12.16 -10.46
C ASP A 68 -6.90 -13.33 -11.03
N ASN A 69 -6.17 -14.30 -11.51
CA ASN A 69 -6.77 -15.47 -12.15
C ASN A 69 -5.85 -16.64 -11.98
N GLY A 1 -0.59 12.01 14.17
CA GLY A 1 -0.62 12.83 12.95
C GLY A 1 -0.42 12.01 11.70
N PRO A 2 -0.21 12.64 10.54
CA PRO A 2 0.00 11.93 9.28
C PRO A 2 1.29 11.13 9.30
N LEU A 3 1.17 9.84 9.54
CA LEU A 3 2.31 8.96 9.65
C LEU A 3 2.77 8.50 8.28
N GLY A 4 3.94 7.90 8.24
CA GLY A 4 4.51 7.43 6.99
C GLY A 4 5.40 6.23 7.20
N SER A 5 6.05 6.19 8.36
CA SER A 5 6.93 5.08 8.69
C SER A 5 6.11 3.85 9.05
N ASP A 6 4.96 4.08 9.70
CA ASP A 6 4.08 2.99 10.12
C ASP A 6 2.68 3.53 10.38
N LEU A 7 1.78 3.26 9.46
CA LEU A 7 0.39 3.65 9.65
C LEU A 7 -0.49 2.42 9.69
N ILE A 8 -1.38 2.37 10.66
CA ILE A 8 -2.28 1.25 10.76
C ILE A 8 -3.63 1.62 10.17
N VAL A 9 -4.28 0.66 9.52
CA VAL A 9 -5.54 0.90 8.87
C VAL A 9 -6.51 -0.24 9.16
N HIS A 10 -7.79 0.01 8.92
CA HIS A 10 -8.81 -1.00 9.12
C HIS A 10 -9.09 -1.72 7.81
N GLU A 11 -8.80 -3.00 7.78
CA GLU A 11 -8.98 -3.81 6.61
C GLU A 11 -9.76 -5.06 6.98
N GLY A 12 -11.02 -5.10 6.59
CA GLY A 12 -11.87 -6.21 6.94
C GLY A 12 -12.12 -6.23 8.44
N GLY A 13 -12.11 -5.05 9.02
CA GLY A 13 -12.32 -4.92 10.45
C GLY A 13 -11.03 -5.08 11.23
N LYS A 14 -10.06 -5.75 10.64
CA LYS A 14 -8.79 -6.01 11.32
C LYS A 14 -7.77 -4.92 11.02
N THR A 15 -6.93 -4.63 11.99
CA THR A 15 -5.90 -3.62 11.84
C THR A 15 -4.68 -4.17 11.12
N TYR A 16 -4.27 -3.50 10.07
CA TYR A 16 -3.08 -3.87 9.33
C TYR A 16 -2.14 -2.69 9.25
N HIS A 17 -0.86 -2.97 9.32
CA HIS A 17 0.16 -1.93 9.28
C HIS A 17 0.60 -1.64 7.86
N VAL A 18 0.93 -0.39 7.61
CA VAL A 18 1.47 0.04 6.35
C VAL A 18 2.83 0.65 6.58
N VAL A 19 3.83 0.06 5.98
CA VAL A 19 5.20 0.52 6.14
C VAL A 19 5.87 0.68 4.78
N CYS A 20 6.58 1.77 4.60
CA CYS A 20 7.28 2.01 3.36
C CYS A 20 8.77 2.12 3.60
N HIS A 21 9.51 1.16 3.07
CA HIS A 21 10.96 1.13 3.22
C HIS A 21 11.62 1.83 2.04
N GLU A 22 10.89 1.92 0.95
CA GLU A 22 11.39 2.50 -0.28
C GLU A 22 10.25 3.20 -1.01
N GLU A 23 10.61 4.12 -1.88
CA GLU A 23 9.63 4.91 -2.59
C GLU A 23 9.06 4.12 -3.76
N GLY A 24 7.80 4.35 -4.05
CA GLY A 24 7.14 3.64 -5.11
C GLY A 24 5.88 2.95 -4.64
N PRO A 25 5.00 2.54 -5.55
CA PRO A 25 3.77 1.84 -5.22
C PRO A 25 3.96 0.32 -5.04
N ILE A 26 3.37 -0.21 -3.98
CA ILE A 26 3.41 -1.64 -3.68
C ILE A 26 2.07 -2.09 -3.11
N PRO A 27 1.70 -3.38 -3.24
CA PRO A 27 0.40 -3.88 -2.75
C PRO A 27 0.31 -3.86 -1.23
N HIS A 28 -0.87 -4.09 -0.71
CA HIS A 28 -1.10 -4.08 0.72
C HIS A 28 -0.78 -5.45 1.30
N PRO A 29 -0.05 -5.50 2.43
CA PRO A 29 0.34 -6.76 3.09
C PRO A 29 -0.87 -7.63 3.44
N GLY A 30 -2.00 -6.97 3.62
CA GLY A 30 -3.22 -7.66 3.92
C GLY A 30 -3.91 -8.16 2.67
N ASN A 31 -4.37 -7.23 1.84
CA ASN A 31 -5.05 -7.59 0.62
C ASN A 31 -4.40 -6.95 -0.62
N VAL A 32 -3.83 -7.80 -1.48
CA VAL A 32 -3.20 -7.34 -2.73
C VAL A 32 -4.19 -6.58 -3.65
N HIS A 33 -5.48 -6.63 -3.32
CA HIS A 33 -6.50 -5.88 -4.07
C HIS A 33 -6.32 -4.38 -3.86
N LYS A 34 -5.42 -4.02 -2.96
CA LYS A 34 -5.12 -2.63 -2.67
C LYS A 34 -3.64 -2.42 -2.67
N TYR A 35 -3.23 -1.21 -2.89
CA TYR A 35 -1.81 -0.90 -2.91
C TYR A 35 -1.55 0.44 -2.26
N ILE A 36 -0.32 0.66 -1.89
CA ILE A 36 0.06 1.90 -1.25
C ILE A 36 1.10 2.60 -2.08
N ILE A 37 0.96 3.89 -2.24
CA ILE A 37 1.93 4.68 -2.93
C ILE A 37 2.84 5.27 -1.89
N CYS A 38 4.09 4.92 -1.92
CA CYS A 38 5.03 5.45 -0.96
C CYS A 38 5.75 6.65 -1.57
N SER A 39 5.64 7.77 -0.92
CA SER A 39 6.26 8.99 -1.39
C SER A 39 7.19 9.54 -0.34
N LYS A 40 8.42 9.79 -0.71
CA LYS A 40 9.37 10.35 0.20
C LYS A 40 9.50 11.84 -0.02
N SER A 41 9.12 12.60 0.97
CA SER A 41 9.21 14.03 0.91
C SER A 41 10.35 14.51 1.78
N GLY A 42 11.55 14.48 1.21
CA GLY A 42 12.72 14.88 1.94
C GLY A 42 13.04 13.90 3.05
N SER A 43 12.67 14.26 4.26
CA SER A 43 12.90 13.42 5.42
C SER A 43 11.59 12.87 5.96
N LEU A 44 10.50 13.14 5.26
CA LEU A 44 9.19 12.71 5.70
C LEU A 44 8.54 11.77 4.71
N TRP A 45 7.98 10.69 5.20
CA TRP A 45 7.32 9.72 4.34
C TRP A 45 5.81 9.94 4.30
N TYR A 46 5.28 9.94 3.08
CA TYR A 46 3.86 10.03 2.87
C TYR A 46 3.36 8.75 2.22
N ILE A 47 2.32 8.19 2.76
CA ILE A 47 1.75 6.98 2.22
C ILE A 47 0.31 7.20 1.80
N THR A 48 -0.10 6.48 0.79
CA THR A 48 -1.47 6.55 0.32
C THR A 48 -1.94 5.17 -0.12
N VAL A 49 -2.91 4.61 0.59
CA VAL A 49 -3.39 3.27 0.27
C VAL A 49 -4.63 3.34 -0.62
N MET A 50 -4.43 3.06 -1.88
CA MET A 50 -5.48 3.10 -2.87
C MET A 50 -5.89 1.70 -3.29
N PRO A 51 -7.18 1.45 -3.42
CA PRO A 51 -7.68 0.17 -3.89
C PRO A 51 -7.62 0.07 -5.40
N CYS A 52 -7.30 -1.09 -5.91
CA CYS A 52 -7.25 -1.28 -7.34
C CYS A 52 -8.59 -1.77 -7.83
N SER A 53 -8.68 -2.02 -9.12
CA SER A 53 -9.89 -2.51 -9.72
C SER A 53 -10.26 -3.87 -9.12
N ILE A 54 -11.54 -4.06 -8.87
CA ILE A 54 -12.01 -5.32 -8.33
C ILE A 54 -11.76 -6.42 -9.36
N GLY A 55 -11.32 -7.57 -8.89
CA GLY A 55 -10.96 -8.64 -9.80
C GLY A 55 -9.49 -8.63 -10.16
N THR A 56 -8.80 -7.54 -9.84
CA THR A 56 -7.37 -7.45 -10.12
C THR A 56 -6.59 -7.23 -8.83
N LYS A 57 -5.30 -7.51 -8.88
CA LYS A 57 -4.43 -7.34 -7.73
C LYS A 57 -3.15 -6.62 -8.14
N PHE A 58 -2.62 -5.81 -7.25
CA PHE A 58 -1.42 -5.04 -7.54
C PHE A 58 -0.17 -5.87 -7.25
N ASP A 59 0.79 -5.79 -8.15
CA ASP A 59 2.04 -6.53 -8.02
C ASP A 59 3.13 -5.64 -7.44
N PRO A 60 3.91 -6.16 -6.47
CA PRO A 60 4.98 -5.38 -5.81
C PRO A 60 6.15 -5.06 -6.73
N ILE A 61 6.63 -6.05 -7.47
CA ILE A 61 7.78 -5.86 -8.35
C ILE A 61 7.40 -5.13 -9.63
N SER A 62 6.40 -5.64 -10.34
CA SER A 62 5.98 -5.04 -11.59
C SER A 62 5.33 -3.69 -11.36
N ARG A 63 4.66 -3.56 -10.21
CA ARG A 63 4.02 -2.30 -9.80
C ARG A 63 2.87 -1.94 -10.72
N ASN A 64 2.02 -2.93 -10.95
CA ASN A 64 0.83 -2.75 -11.76
C ASN A 64 -0.23 -3.72 -11.30
N CYS A 65 -1.43 -3.61 -11.82
CA CYS A 65 -2.49 -4.51 -11.44
C CYS A 65 -2.71 -5.58 -12.50
N VAL A 66 -2.68 -6.83 -12.06
CA VAL A 66 -2.91 -7.97 -12.92
C VAL A 66 -4.16 -8.68 -12.47
N LEU A 67 -4.74 -9.51 -13.33
CA LEU A 67 -5.94 -10.26 -12.97
C LEU A 67 -5.69 -11.06 -11.69
N ASP A 68 -6.55 -10.86 -10.71
CA ASP A 68 -6.39 -11.48 -9.42
C ASP A 68 -6.80 -12.93 -9.42
N ASN A 69 -5.85 -13.81 -9.68
CA ASN A 69 -6.08 -15.22 -9.57
C ASN A 69 -5.78 -15.65 -8.15
N GLY A 1 3.78 18.07 9.18
CA GLY A 1 3.54 17.00 8.20
C GLY A 1 3.36 15.65 8.87
N PRO A 2 2.21 14.99 8.66
CA PRO A 2 1.94 13.67 9.24
C PRO A 2 2.88 12.61 8.69
N LEU A 3 3.56 11.93 9.58
CA LEU A 3 4.49 10.89 9.17
C LEU A 3 3.75 9.63 8.78
N GLY A 4 4.20 8.99 7.72
CA GLY A 4 3.58 7.76 7.27
C GLY A 4 4.55 6.62 7.35
N SER A 5 5.38 6.65 8.37
CA SER A 5 6.36 5.60 8.59
C SER A 5 5.66 4.36 9.13
N ASP A 6 4.48 4.59 9.71
CA ASP A 6 3.68 3.53 10.29
C ASP A 6 2.26 4.01 10.44
N LEU A 7 1.43 3.71 9.47
CA LEU A 7 0.04 4.09 9.53
C LEU A 7 -0.81 2.86 9.71
N ILE A 8 -1.77 2.93 10.59
CA ILE A 8 -2.63 1.81 10.83
C ILE A 8 -3.92 1.95 10.03
N VAL A 9 -4.41 0.84 9.54
CA VAL A 9 -5.61 0.82 8.72
C VAL A 9 -6.45 -0.39 9.09
N HIS A 10 -7.60 -0.53 8.47
CA HIS A 10 -8.46 -1.66 8.75
C HIS A 10 -8.67 -2.53 7.53
N GLU A 11 -8.36 -3.81 7.70
CA GLU A 11 -8.53 -4.81 6.66
C GLU A 11 -9.59 -5.81 7.11
N GLY A 12 -10.78 -5.69 6.54
CA GLY A 12 -11.87 -6.56 6.94
C GLY A 12 -12.32 -6.27 8.36
N GLY A 13 -11.95 -5.10 8.84
CA GLY A 13 -12.29 -4.71 10.19
C GLY A 13 -11.09 -4.75 11.13
N LYS A 14 -10.15 -5.63 10.86
CA LYS A 14 -8.96 -5.79 11.71
C LYS A 14 -7.94 -4.72 11.40
N THR A 15 -7.11 -4.38 12.38
CA THR A 15 -6.11 -3.36 12.19
C THR A 15 -4.81 -3.91 11.61
N TYR A 16 -4.36 -3.28 10.54
CA TYR A 16 -3.10 -3.62 9.88
C TYR A 16 -2.22 -2.39 9.77
N HIS A 17 -0.93 -2.60 9.74
CA HIS A 17 0.02 -1.51 9.66
C HIS A 17 0.54 -1.34 8.24
N VAL A 18 0.86 -0.13 7.88
CA VAL A 18 1.44 0.18 6.61
C VAL A 18 2.79 0.84 6.82
N VAL A 19 3.83 0.21 6.34
CA VAL A 19 5.18 0.71 6.48
C VAL A 19 5.89 0.65 5.14
N CYS A 20 6.52 1.74 4.76
CA CYS A 20 7.22 1.78 3.49
C CYS A 20 8.71 1.92 3.70
N HIS A 21 9.47 1.19 2.90
CA HIS A 21 10.92 1.22 2.99
C HIS A 21 11.52 1.70 1.68
N GLU A 22 10.74 1.64 0.61
CA GLU A 22 11.17 2.06 -0.70
C GLU A 22 10.19 3.06 -1.27
N GLU A 23 10.69 4.07 -1.95
CA GLU A 23 9.82 5.04 -2.59
C GLU A 23 9.22 4.45 -3.84
N GLY A 24 7.96 4.07 -3.76
CA GLY A 24 7.28 3.48 -4.87
C GLY A 24 6.01 2.80 -4.43
N PRO A 25 5.16 2.40 -5.37
CA PRO A 25 3.92 1.71 -5.06
C PRO A 25 4.12 0.20 -4.84
N ILE A 26 3.52 -0.31 -3.78
CA ILE A 26 3.58 -1.73 -3.45
C ILE A 26 2.23 -2.20 -2.92
N PRO A 27 1.91 -3.51 -3.03
CA PRO A 27 0.62 -4.07 -2.58
C PRO A 27 0.39 -3.89 -1.07
N HIS A 28 -0.85 -4.12 -0.65
CA HIS A 28 -1.22 -3.96 0.74
C HIS A 28 -1.05 -5.29 1.48
N PRO A 29 -0.42 -5.27 2.67
CA PRO A 29 -0.14 -6.49 3.47
C PRO A 29 -1.39 -7.34 3.74
N GLY A 30 -2.51 -6.68 3.97
CA GLY A 30 -3.75 -7.39 4.22
C GLY A 30 -4.28 -8.07 2.97
N ASN A 31 -4.65 -7.27 1.99
CA ASN A 31 -5.15 -7.81 0.73
C ASN A 31 -4.48 -7.14 -0.46
N VAL A 32 -3.80 -7.94 -1.27
CA VAL A 32 -3.14 -7.48 -2.50
C VAL A 32 -4.10 -6.78 -3.48
N HIS A 33 -5.40 -6.86 -3.20
CA HIS A 33 -6.41 -6.16 -4.01
C HIS A 33 -6.32 -4.64 -3.80
N LYS A 34 -5.41 -4.24 -2.94
CA LYS A 34 -5.16 -2.85 -2.65
C LYS A 34 -3.66 -2.63 -2.59
N TYR A 35 -3.24 -1.40 -2.78
CA TYR A 35 -1.83 -1.10 -2.74
C TYR A 35 -1.59 0.27 -2.11
N ILE A 36 -0.34 0.60 -1.90
CA ILE A 36 0.01 1.89 -1.32
C ILE A 36 1.10 2.53 -2.15
N ILE A 37 1.02 3.83 -2.30
CA ILE A 37 2.07 4.57 -2.97
C ILE A 37 2.95 5.18 -1.91
N CYS A 38 4.18 4.76 -1.87
CA CYS A 38 5.07 5.27 -0.87
C CYS A 38 5.88 6.40 -1.45
N SER A 39 5.79 7.54 -0.83
CA SER A 39 6.50 8.72 -1.29
C SER A 39 7.32 9.30 -0.15
N LYS A 40 8.50 9.76 -0.44
CA LYS A 40 9.35 10.29 0.58
C LYS A 40 9.65 11.75 0.32
N SER A 41 9.02 12.61 1.08
CA SER A 41 9.21 14.03 0.96
C SER A 41 10.44 14.44 1.75
N GLY A 42 11.58 14.39 1.09
CA GLY A 42 12.81 14.71 1.75
C GLY A 42 13.18 13.65 2.76
N SER A 43 12.90 13.91 4.03
CA SER A 43 13.19 13.00 5.10
C SER A 43 11.90 12.49 5.75
N LEU A 44 10.76 12.85 5.16
CA LEU A 44 9.46 12.47 5.72
C LEU A 44 8.70 11.58 4.75
N TRP A 45 8.19 10.47 5.25
CA TRP A 45 7.45 9.55 4.40
C TRP A 45 5.95 9.84 4.39
N TYR A 46 5.40 9.89 3.20
CA TYR A 46 3.97 10.04 2.99
C TYR A 46 3.43 8.86 2.21
N ILE A 47 2.39 8.24 2.69
CA ILE A 47 1.82 7.08 2.02
C ILE A 47 0.36 7.32 1.64
N THR A 48 -0.06 6.66 0.57
CA THR A 48 -1.43 6.75 0.11
C THR A 48 -1.92 5.38 -0.35
N VAL A 49 -2.96 4.87 0.30
CA VAL A 49 -3.48 3.55 -0.04
C VAL A 49 -4.59 3.65 -1.08
N MET A 50 -4.42 2.93 -2.17
CA MET A 50 -5.38 2.93 -3.27
C MET A 50 -5.79 1.50 -3.58
N PRO A 51 -7.07 1.27 -3.84
CA PRO A 51 -7.56 -0.05 -4.21
C PRO A 51 -7.45 -0.32 -5.71
N CYS A 52 -7.13 -1.54 -6.08
CA CYS A 52 -7.07 -1.91 -7.48
C CYS A 52 -8.45 -2.22 -7.99
N SER A 53 -8.57 -2.36 -9.29
CA SER A 53 -9.81 -2.72 -9.92
C SER A 53 -10.31 -4.05 -9.38
N ILE A 54 -11.60 -4.21 -9.33
CA ILE A 54 -12.20 -5.42 -8.82
C ILE A 54 -11.80 -6.60 -9.70
N GLY A 55 -11.32 -7.65 -9.07
CA GLY A 55 -10.88 -8.81 -9.79
C GLY A 55 -9.40 -8.78 -10.14
N THR A 56 -8.69 -7.76 -9.66
CA THR A 56 -7.27 -7.64 -9.93
C THR A 56 -6.46 -7.49 -8.63
N LYS A 57 -5.17 -7.73 -8.72
CA LYS A 57 -4.27 -7.63 -7.59
C LYS A 57 -3.04 -6.82 -7.99
N PHE A 58 -2.52 -6.03 -7.09
CA PHE A 58 -1.36 -5.19 -7.39
C PHE A 58 -0.05 -5.97 -7.26
N ASP A 59 0.81 -5.82 -8.26
CA ASP A 59 2.12 -6.45 -8.25
C ASP A 59 3.18 -5.45 -7.83
N PRO A 60 4.02 -5.80 -6.83
CA PRO A 60 5.04 -4.90 -6.29
C PRO A 60 6.12 -4.53 -7.30
N ILE A 61 6.55 -5.50 -8.08
CA ILE A 61 7.65 -5.31 -9.01
C ILE A 61 7.21 -4.53 -10.25
N SER A 62 6.17 -5.01 -10.89
CA SER A 62 5.65 -4.37 -12.10
C SER A 62 5.04 -3.01 -11.78
N ARG A 63 4.46 -2.90 -10.58
CA ARG A 63 3.86 -1.66 -10.10
C ARG A 63 2.58 -1.35 -10.85
N ASN A 64 1.71 -2.34 -10.91
CA ASN A 64 0.43 -2.21 -11.57
C ASN A 64 -0.51 -3.28 -11.04
N CYS A 65 -1.76 -3.22 -11.43
CA CYS A 65 -2.72 -4.21 -11.00
C CYS A 65 -2.95 -5.22 -12.12
N VAL A 66 -2.75 -6.50 -11.81
CA VAL A 66 -2.92 -7.55 -12.78
C VAL A 66 -4.11 -8.42 -12.40
N LEU A 67 -4.59 -9.20 -13.35
CA LEU A 67 -5.75 -10.06 -13.12
C LEU A 67 -5.51 -11.03 -11.95
N ASP A 68 -6.39 -10.98 -10.97
CA ASP A 68 -6.30 -11.86 -9.82
C ASP A 68 -7.10 -13.13 -10.05
N ASN A 69 -6.40 -14.18 -10.43
CA ASN A 69 -7.04 -15.44 -10.69
C ASN A 69 -6.81 -16.39 -9.52
N GLY A 1 8.34 2.21 17.86
CA GLY A 1 6.89 2.36 18.00
C GLY A 1 6.21 2.47 16.66
N PRO A 2 4.88 2.30 16.60
CA PRO A 2 4.13 2.40 15.37
C PRO A 2 3.68 3.83 15.09
N LEU A 3 4.52 4.58 14.39
CA LEU A 3 4.23 5.96 14.06
C LEU A 3 5.28 6.53 13.10
N GLY A 4 4.82 7.26 12.10
CA GLY A 4 5.74 7.88 11.16
C GLY A 4 6.20 6.90 10.10
N SER A 5 6.92 5.90 10.55
CA SER A 5 7.42 4.87 9.67
C SER A 5 6.30 3.95 9.19
N ASP A 6 5.28 3.79 10.02
CA ASP A 6 4.21 2.88 9.71
C ASP A 6 2.86 3.47 10.10
N LEU A 7 1.95 3.37 9.18
CA LEU A 7 0.59 3.82 9.40
C LEU A 7 -0.32 2.62 9.55
N ILE A 8 -1.23 2.67 10.50
CA ILE A 8 -2.13 1.58 10.71
C ILE A 8 -3.45 1.83 10.00
N VAL A 9 -4.03 0.78 9.45
CA VAL A 9 -5.28 0.86 8.72
C VAL A 9 -6.18 -0.31 9.10
N HIS A 10 -7.46 -0.15 8.90
CA HIS A 10 -8.41 -1.21 9.21
C HIS A 10 -8.90 -1.88 7.95
N GLU A 11 -8.39 -3.07 7.69
CA GLU A 11 -8.83 -3.85 6.54
C GLU A 11 -9.81 -4.89 7.00
N GLY A 12 -11.08 -4.67 6.71
CA GLY A 12 -12.10 -5.58 7.16
C GLY A 12 -12.20 -5.55 8.67
N GLY A 13 -11.90 -4.39 9.24
CA GLY A 13 -11.93 -4.23 10.67
C GLY A 13 -10.60 -4.56 11.32
N LYS A 14 -9.78 -5.35 10.64
CA LYS A 14 -8.51 -5.80 11.19
C LYS A 14 -7.42 -4.76 10.99
N THR A 15 -6.65 -4.53 12.03
CA THR A 15 -5.60 -3.54 11.99
C THR A 15 -4.32 -4.05 11.34
N TYR A 16 -4.00 -3.50 10.19
CA TYR A 16 -2.78 -3.82 9.47
C TYR A 16 -1.86 -2.62 9.46
N HIS A 17 -0.58 -2.86 9.51
CA HIS A 17 0.41 -1.78 9.48
C HIS A 17 0.96 -1.59 8.08
N VAL A 18 1.19 -0.36 7.71
CA VAL A 18 1.74 -0.03 6.41
C VAL A 18 3.07 0.66 6.58
N VAL A 19 4.10 0.07 6.04
CA VAL A 19 5.44 0.60 6.16
C VAL A 19 6.19 0.50 4.84
N CYS A 20 7.00 1.51 4.55
CA CYS A 20 7.80 1.53 3.35
C CYS A 20 9.19 2.06 3.65
N HIS A 21 10.20 1.31 3.24
CA HIS A 21 11.58 1.73 3.44
C HIS A 21 12.13 2.26 2.13
N GLU A 22 11.29 2.23 1.12
CA GLU A 22 11.61 2.71 -0.21
C GLU A 22 10.39 3.39 -0.82
N GLU A 23 10.63 4.24 -1.79
CA GLU A 23 9.54 4.92 -2.48
C GLU A 23 9.00 4.07 -3.61
N GLY A 24 7.75 4.28 -3.94
CA GLY A 24 7.14 3.56 -5.03
C GLY A 24 5.86 2.89 -4.60
N PRO A 25 5.01 2.50 -5.56
CA PRO A 25 3.77 1.82 -5.26
C PRO A 25 3.98 0.31 -5.07
N ILE A 26 3.38 -0.23 -4.04
CA ILE A 26 3.47 -1.66 -3.74
C ILE A 26 2.12 -2.15 -3.23
N PRO A 27 1.84 -3.47 -3.33
CA PRO A 27 0.54 -4.03 -2.89
C PRO A 27 0.31 -3.85 -1.39
N HIS A 28 -0.93 -4.02 -0.97
CA HIS A 28 -1.29 -3.88 0.41
C HIS A 28 -1.18 -5.23 1.13
N PRO A 29 -0.35 -5.32 2.19
CA PRO A 29 -0.11 -6.60 2.91
C PRO A 29 -1.37 -7.23 3.50
N GLY A 30 -2.41 -6.43 3.65
CA GLY A 30 -3.66 -6.93 4.20
C GLY A 30 -4.63 -7.39 3.13
N ASN A 31 -4.42 -6.93 1.91
CA ASN A 31 -5.30 -7.25 0.79
C ASN A 31 -4.67 -6.85 -0.54
N VAL A 32 -4.13 -7.83 -1.26
CA VAL A 32 -3.48 -7.61 -2.58
C VAL A 32 -4.39 -6.89 -3.60
N HIS A 33 -5.69 -6.82 -3.31
CA HIS A 33 -6.63 -6.10 -4.18
C HIS A 33 -6.45 -4.58 -4.03
N LYS A 34 -5.52 -4.19 -3.18
CA LYS A 34 -5.23 -2.80 -2.94
C LYS A 34 -3.74 -2.61 -2.88
N TYR A 35 -3.32 -1.39 -3.06
CA TYR A 35 -1.92 -1.07 -3.04
C TYR A 35 -1.68 0.25 -2.36
N ILE A 36 -0.44 0.59 -2.17
CA ILE A 36 -0.08 1.82 -1.50
C ILE A 36 0.98 2.54 -2.31
N ILE A 37 0.89 3.85 -2.34
CA ILE A 37 1.88 4.66 -2.99
C ILE A 37 2.76 5.25 -1.92
N CYS A 38 4.00 4.84 -1.87
CA CYS A 38 4.89 5.30 -0.84
C CYS A 38 5.84 6.36 -1.37
N SER A 39 5.82 7.51 -0.73
CA SER A 39 6.64 8.63 -1.13
C SER A 39 7.43 9.16 0.05
N LYS A 40 8.64 9.60 -0.20
CA LYS A 40 9.48 10.15 0.83
C LYS A 40 9.71 11.62 0.57
N SER A 41 9.02 12.45 1.31
CA SER A 41 9.14 13.88 1.17
C SER A 41 10.23 14.39 2.08
N GLY A 42 11.46 14.22 1.65
CA GLY A 42 12.57 14.63 2.43
C GLY A 42 12.80 13.69 3.58
N SER A 43 12.33 14.07 4.75
CA SER A 43 12.49 13.25 5.94
C SER A 43 11.12 12.73 6.40
N LEU A 44 10.09 13.09 5.65
CA LEU A 44 8.74 12.74 6.01
C LEU A 44 8.14 11.74 5.02
N TRP A 45 7.69 10.61 5.52
CA TRP A 45 7.05 9.61 4.66
C TRP A 45 5.57 9.90 4.51
N TYR A 46 5.11 9.87 3.27
CA TYR A 46 3.71 10.02 2.96
C TYR A 46 3.23 8.86 2.13
N ILE A 47 2.22 8.17 2.60
CA ILE A 47 1.70 7.01 1.91
C ILE A 47 0.20 7.13 1.67
N THR A 48 -0.26 6.58 0.57
CA THR A 48 -1.67 6.58 0.23
C THR A 48 -2.09 5.19 -0.24
N VAL A 49 -3.11 4.62 0.38
CA VAL A 49 -3.56 3.29 0.01
C VAL A 49 -4.74 3.35 -0.96
N MET A 50 -4.48 2.95 -2.18
CA MET A 50 -5.48 2.97 -3.25
C MET A 50 -5.85 1.55 -3.66
N PRO A 51 -7.10 1.31 -4.03
CA PRO A 51 -7.55 -0.01 -4.45
C PRO A 51 -7.38 -0.25 -5.95
N CYS A 52 -7.18 -1.50 -6.32
CA CYS A 52 -7.10 -1.88 -7.74
C CYS A 52 -8.48 -2.25 -8.26
N SER A 53 -8.57 -2.44 -9.57
CA SER A 53 -9.80 -2.85 -10.21
C SER A 53 -10.32 -4.13 -9.54
N ILE A 54 -11.62 -4.29 -9.50
CA ILE A 54 -12.22 -5.45 -8.88
C ILE A 54 -11.81 -6.72 -9.63
N GLY A 55 -11.32 -7.70 -8.90
CA GLY A 55 -10.86 -8.92 -9.51
C GLY A 55 -9.39 -8.87 -9.90
N THR A 56 -8.71 -7.79 -9.53
CA THR A 56 -7.29 -7.68 -9.84
C THR A 56 -6.48 -7.51 -8.56
N LYS A 57 -5.20 -7.81 -8.65
CA LYS A 57 -4.29 -7.71 -7.54
C LYS A 57 -3.08 -6.90 -7.98
N PHE A 58 -2.54 -6.11 -7.08
CA PHE A 58 -1.37 -5.29 -7.41
C PHE A 58 -0.08 -6.09 -7.25
N ASP A 59 0.81 -5.94 -8.20
CA ASP A 59 2.11 -6.63 -8.17
C ASP A 59 3.19 -5.70 -7.66
N PRO A 60 4.04 -6.17 -6.74
CA PRO A 60 5.10 -5.35 -6.13
C PRO A 60 6.22 -4.97 -7.09
N ILE A 61 6.64 -5.91 -7.92
CA ILE A 61 7.74 -5.67 -8.84
C ILE A 61 7.30 -4.94 -10.10
N SER A 62 6.25 -5.43 -10.72
CA SER A 62 5.73 -4.81 -11.93
C SER A 62 5.10 -3.47 -11.60
N ARG A 63 4.45 -3.41 -10.45
CA ARG A 63 3.81 -2.19 -9.95
C ARG A 63 2.62 -1.80 -10.81
N ASN A 64 1.70 -2.73 -10.94
CA ASN A 64 0.48 -2.54 -11.68
C ASN A 64 -0.56 -3.50 -11.13
N CYS A 65 -1.80 -3.37 -11.59
CA CYS A 65 -2.83 -4.28 -11.13
C CYS A 65 -3.07 -5.34 -12.21
N VAL A 66 -2.97 -6.59 -11.82
CA VAL A 66 -3.13 -7.71 -12.73
C VAL A 66 -4.31 -8.56 -12.32
N LEU A 67 -4.86 -9.31 -13.26
CA LEU A 67 -6.03 -10.14 -12.98
C LEU A 67 -5.73 -11.24 -11.98
N ASP A 68 -6.43 -11.22 -10.87
CA ASP A 68 -6.32 -12.29 -9.90
C ASP A 68 -7.23 -13.41 -10.34
N ASN A 69 -6.68 -14.30 -11.12
CA ASN A 69 -7.45 -15.37 -11.72
C ASN A 69 -6.56 -16.56 -12.04
N GLY A 1 5.37 4.56 15.01
CA GLY A 1 4.40 5.67 15.06
C GLY A 1 3.85 6.01 13.69
N PRO A 2 2.69 6.68 13.63
CA PRO A 2 2.03 7.06 12.36
C PRO A 2 2.70 8.25 11.68
N LEU A 3 4.01 8.33 11.82
CA LEU A 3 4.80 9.44 11.27
C LEU A 3 5.23 9.11 9.85
N GLY A 4 4.38 8.39 9.14
CA GLY A 4 4.70 7.95 7.80
C GLY A 4 5.43 6.62 7.82
N SER A 5 6.05 6.33 8.95
CA SER A 5 6.79 5.11 9.15
C SER A 5 5.86 3.92 9.33
N ASP A 6 4.87 4.05 10.22
CA ASP A 6 3.93 2.97 10.49
C ASP A 6 2.52 3.52 10.63
N LEU A 7 1.70 3.29 9.65
CA LEU A 7 0.32 3.74 9.72
C LEU A 7 -0.60 2.54 9.89
N ILE A 8 -1.51 2.64 10.83
CA ILE A 8 -2.44 1.55 11.05
C ILE A 8 -3.69 1.79 10.23
N VAL A 9 -4.21 0.73 9.65
CA VAL A 9 -5.38 0.80 8.80
C VAL A 9 -6.34 -0.33 9.13
N HIS A 10 -7.49 -0.34 8.50
CA HIS A 10 -8.48 -1.39 8.73
C HIS A 10 -8.70 -2.23 7.50
N GLU A 11 -8.38 -3.49 7.61
CA GLU A 11 -8.58 -4.47 6.55
C GLU A 11 -9.60 -5.47 7.01
N GLY A 12 -10.81 -5.37 6.50
CA GLY A 12 -11.87 -6.27 6.93
C GLY A 12 -12.20 -6.08 8.39
N GLY A 13 -12.10 -4.85 8.85
CA GLY A 13 -12.35 -4.53 10.24
C GLY A 13 -11.13 -4.68 11.13
N LYS A 14 -10.21 -5.54 10.73
CA LYS A 14 -9.01 -5.79 11.52
C LYS A 14 -7.96 -4.73 11.26
N THR A 15 -7.19 -4.41 12.27
CA THR A 15 -6.15 -3.43 12.15
C THR A 15 -4.86 -3.99 11.61
N TYR A 16 -4.41 -3.44 10.50
CA TYR A 16 -3.16 -3.84 9.91
C TYR A 16 -2.22 -2.66 9.92
N HIS A 17 -0.95 -2.93 10.01
CA HIS A 17 0.05 -1.89 10.01
C HIS A 17 0.64 -1.73 8.63
N VAL A 18 0.95 -0.51 8.26
CA VAL A 18 1.55 -0.24 6.98
C VAL A 18 2.88 0.44 7.19
N VAL A 19 3.91 -0.21 6.75
CA VAL A 19 5.25 0.31 6.87
C VAL A 19 5.93 0.20 5.51
N CYS A 20 6.55 1.28 5.09
CA CYS A 20 7.19 1.25 3.80
C CYS A 20 8.69 1.18 3.92
N HIS A 21 9.29 0.37 3.07
CA HIS A 21 10.73 0.17 3.08
C HIS A 21 11.36 0.81 1.86
N GLU A 22 10.57 0.97 0.81
CA GLU A 22 11.07 1.53 -0.44
C GLU A 22 10.13 2.61 -0.95
N GLU A 23 10.70 3.65 -1.53
CA GLU A 23 9.92 4.74 -2.10
C GLU A 23 9.28 4.30 -3.41
N GLY A 24 7.97 4.12 -3.38
CA GLY A 24 7.26 3.66 -4.56
C GLY A 24 5.97 2.98 -4.18
N PRO A 25 5.22 2.49 -5.16
CA PRO A 25 3.97 1.82 -4.94
C PRO A 25 4.13 0.31 -4.79
N ILE A 26 3.58 -0.21 -3.71
CA ILE A 26 3.63 -1.64 -3.43
C ILE A 26 2.28 -2.13 -2.90
N PRO A 27 1.98 -3.44 -3.04
CA PRO A 27 0.69 -4.00 -2.59
C PRO A 27 0.49 -3.89 -1.08
N HIS A 28 -0.75 -4.08 -0.65
CA HIS A 28 -1.08 -3.97 0.75
C HIS A 28 -0.87 -5.32 1.44
N PRO A 29 -0.19 -5.33 2.61
CA PRO A 29 0.09 -6.56 3.36
C PRO A 29 -1.18 -7.33 3.75
N GLY A 30 -2.30 -6.62 3.76
CA GLY A 30 -3.57 -7.24 4.09
C GLY A 30 -4.28 -7.78 2.87
N ASN A 31 -4.73 -6.89 2.00
CA ASN A 31 -5.42 -7.30 0.78
C ASN A 31 -4.66 -6.84 -0.45
N VAL A 32 -4.08 -7.80 -1.17
CA VAL A 32 -3.36 -7.52 -2.43
C VAL A 32 -4.23 -6.78 -3.47
N HIS A 33 -5.55 -6.73 -3.25
CA HIS A 33 -6.46 -6.00 -4.13
C HIS A 33 -6.31 -4.49 -3.93
N LYS A 34 -5.38 -4.12 -3.09
CA LYS A 34 -5.10 -2.73 -2.78
C LYS A 34 -3.61 -2.52 -2.67
N TYR A 35 -3.17 -1.30 -2.85
CA TYR A 35 -1.76 -1.01 -2.77
C TYR A 35 -1.52 0.34 -2.13
N ILE A 36 -0.29 0.63 -1.82
CA ILE A 36 0.07 1.89 -1.22
C ILE A 36 1.14 2.57 -2.04
N ILE A 37 1.01 3.86 -2.19
CA ILE A 37 2.01 4.64 -2.87
C ILE A 37 2.85 5.33 -1.83
N CYS A 38 4.09 4.94 -1.74
CA CYS A 38 4.97 5.56 -0.79
C CYS A 38 5.75 6.66 -1.47
N SER A 39 5.64 7.84 -0.93
CA SER A 39 6.26 8.99 -1.52
C SER A 39 7.21 9.65 -0.53
N LYS A 40 8.36 10.03 -1.03
CA LYS A 40 9.37 10.65 -0.22
C LYS A 40 9.28 12.15 -0.36
N SER A 41 8.96 12.82 0.71
CA SER A 41 8.91 14.26 0.70
C SER A 41 10.09 14.78 1.50
N GLY A 42 11.24 14.79 0.87
CA GLY A 42 12.45 15.18 1.52
C GLY A 42 12.92 14.11 2.47
N SER A 43 12.73 14.33 3.76
CA SER A 43 13.11 13.37 4.76
C SER A 43 11.87 12.80 5.45
N LEU A 44 10.72 13.07 4.86
CA LEU A 44 9.46 12.65 5.41
C LEU A 44 8.75 11.68 4.48
N TRP A 45 8.20 10.61 5.04
CA TRP A 45 7.47 9.62 4.26
C TRP A 45 5.97 9.87 4.32
N TYR A 46 5.35 9.87 3.16
CA TYR A 46 3.90 9.98 3.07
C TYR A 46 3.37 8.87 2.19
N ILE A 47 2.38 8.16 2.70
CA ILE A 47 1.82 7.03 1.98
C ILE A 47 0.34 7.22 1.67
N THR A 48 -0.15 6.50 0.69
CA THR A 48 -1.56 6.53 0.31
C THR A 48 -2.00 5.15 -0.17
N VAL A 49 -3.00 4.58 0.48
CA VAL A 49 -3.47 3.26 0.11
C VAL A 49 -4.66 3.35 -0.87
N MET A 50 -4.41 2.95 -2.09
CA MET A 50 -5.43 3.00 -3.13
C MET A 50 -5.80 1.57 -3.54
N PRO A 51 -7.08 1.32 -3.83
CA PRO A 51 -7.54 0.02 -4.26
C PRO A 51 -7.42 -0.20 -5.76
N CYS A 52 -7.10 -1.42 -6.15
CA CYS A 52 -7.01 -1.78 -7.55
C CYS A 52 -8.38 -2.09 -8.11
N SER A 53 -8.42 -2.32 -9.41
CA SER A 53 -9.65 -2.70 -10.07
C SER A 53 -10.16 -4.02 -9.51
N ILE A 54 -11.46 -4.15 -9.42
CA ILE A 54 -12.05 -5.37 -8.89
C ILE A 54 -11.71 -6.54 -9.79
N GLY A 55 -11.16 -7.58 -9.19
CA GLY A 55 -10.72 -8.72 -9.95
C GLY A 55 -9.22 -8.72 -10.22
N THR A 56 -8.55 -7.63 -9.86
CA THR A 56 -7.12 -7.54 -10.06
C THR A 56 -6.38 -7.29 -8.74
N LYS A 57 -5.11 -7.65 -8.72
CA LYS A 57 -4.27 -7.47 -7.56
C LYS A 57 -3.04 -6.66 -7.95
N PHE A 58 -2.52 -5.87 -7.05
CA PHE A 58 -1.36 -5.06 -7.35
C PHE A 58 -0.08 -5.87 -7.23
N ASP A 59 0.78 -5.74 -8.22
CA ASP A 59 2.05 -6.43 -8.23
C ASP A 59 3.16 -5.45 -7.88
N PRO A 60 4.00 -5.79 -6.89
CA PRO A 60 5.06 -4.91 -6.39
C PRO A 60 6.10 -4.56 -7.43
N ILE A 61 6.51 -5.54 -8.21
CA ILE A 61 7.54 -5.34 -9.21
C ILE A 61 7.00 -4.67 -10.46
N SER A 62 5.90 -5.19 -10.99
CA SER A 62 5.30 -4.61 -12.19
C SER A 62 4.83 -3.17 -11.95
N ARG A 63 4.30 -2.93 -10.73
CA ARG A 63 3.83 -1.60 -10.31
C ARG A 63 2.50 -1.26 -10.95
N ASN A 64 1.62 -2.23 -11.01
CA ASN A 64 0.30 -2.05 -11.58
C ASN A 64 -0.60 -3.18 -11.09
N CYS A 65 -1.83 -3.19 -11.52
CA CYS A 65 -2.75 -4.21 -11.07
C CYS A 65 -2.89 -5.28 -12.15
N VAL A 66 -2.66 -6.52 -11.76
CA VAL A 66 -2.72 -7.65 -12.67
C VAL A 66 -3.87 -8.57 -12.33
N LEU A 67 -4.20 -9.47 -13.25
CA LEU A 67 -5.30 -10.41 -13.07
C LEU A 67 -5.11 -11.21 -11.78
N ASP A 68 -6.03 -11.03 -10.85
CA ASP A 68 -5.97 -11.71 -9.57
C ASP A 68 -6.72 -13.03 -9.58
N ASN A 69 -5.98 -14.11 -9.71
CA ASN A 69 -6.57 -15.42 -9.67
C ASN A 69 -6.34 -16.04 -8.31
N GLY A 1 4.48 14.62 16.60
CA GLY A 1 5.72 14.57 15.80
C GLY A 1 5.48 14.08 14.39
N PRO A 2 6.49 14.16 13.51
CA PRO A 2 6.36 13.71 12.13
C PRO A 2 6.49 12.20 11.99
N LEU A 3 5.35 11.52 12.03
CA LEU A 3 5.33 10.07 11.92
C LEU A 3 4.53 9.61 10.72
N GLY A 4 5.24 9.18 9.70
CA GLY A 4 4.61 8.63 8.51
C GLY A 4 5.29 7.35 8.11
N SER A 5 6.15 6.88 8.99
CA SER A 5 6.95 5.69 8.77
C SER A 5 6.10 4.43 8.94
N ASP A 6 5.00 4.57 9.66
CA ASP A 6 4.12 3.45 9.94
C ASP A 6 2.68 3.94 9.93
N LEU A 7 1.97 3.62 8.87
CA LEU A 7 0.59 4.04 8.74
C LEU A 7 -0.30 2.82 8.93
N ILE A 8 -1.27 2.92 9.82
CA ILE A 8 -2.14 1.80 10.09
C ILE A 8 -3.44 1.94 9.32
N VAL A 9 -3.97 0.82 8.88
CA VAL A 9 -5.21 0.80 8.13
C VAL A 9 -6.16 -0.21 8.76
N HIS A 10 -7.44 0.04 8.61
CA HIS A 10 -8.45 -0.85 9.15
C HIS A 10 -9.14 -1.63 8.05
N GLU A 11 -8.72 -2.87 7.87
CA GLU A 11 -9.30 -3.73 6.85
C GLU A 11 -10.20 -4.76 7.49
N GLY A 12 -11.50 -4.58 7.37
CA GLY A 12 -12.44 -5.52 7.96
C GLY A 12 -12.32 -5.56 9.46
N GLY A 13 -12.08 -4.40 10.06
CA GLY A 13 -11.92 -4.31 11.50
C GLY A 13 -10.53 -4.72 11.96
N LYS A 14 -9.72 -5.21 11.04
CA LYS A 14 -8.37 -5.65 11.35
C LYS A 14 -7.37 -4.56 11.05
N THR A 15 -6.54 -4.27 12.01
CA THR A 15 -5.54 -3.26 11.86
C THR A 15 -4.27 -3.82 11.22
N TYR A 16 -3.86 -3.21 10.13
CA TYR A 16 -2.65 -3.59 9.43
C TYR A 16 -1.71 -2.40 9.37
N HIS A 17 -0.43 -2.63 9.54
CA HIS A 17 0.53 -1.56 9.48
C HIS A 17 1.19 -1.52 8.11
N VAL A 18 1.38 -0.34 7.58
CA VAL A 18 2.01 -0.16 6.29
C VAL A 18 3.31 0.58 6.47
N VAL A 19 4.38 -0.03 6.02
CA VAL A 19 5.70 0.55 6.13
C VAL A 19 6.42 0.44 4.79
N CYS A 20 6.93 1.53 4.31
CA CYS A 20 7.59 1.54 3.02
C CYS A 20 9.09 1.46 3.19
N HIS A 21 9.71 0.57 2.44
CA HIS A 21 11.16 0.38 2.48
C HIS A 21 11.83 1.44 1.65
N GLU A 22 11.10 1.87 0.63
CA GLU A 22 11.57 2.85 -0.34
C GLU A 22 10.36 3.48 -0.99
N GLU A 23 10.59 4.38 -1.92
CA GLU A 23 9.50 5.05 -2.59
C GLU A 23 8.99 4.22 -3.77
N GLY A 24 7.73 4.42 -4.11
CA GLY A 24 7.13 3.67 -5.18
C GLY A 24 5.86 2.98 -4.72
N PRO A 25 5.07 2.47 -5.65
CA PRO A 25 3.84 1.76 -5.32
C PRO A 25 4.06 0.26 -5.06
N ILE A 26 3.46 -0.24 -3.99
CA ILE A 26 3.54 -1.65 -3.63
C ILE A 26 2.19 -2.14 -3.10
N PRO A 27 1.92 -3.46 -3.18
CA PRO A 27 0.62 -4.04 -2.75
C PRO A 27 0.32 -3.83 -1.27
N HIS A 28 -0.93 -4.07 -0.91
CA HIS A 28 -1.40 -3.90 0.45
C HIS A 28 -1.19 -5.21 1.21
N PRO A 29 -0.55 -5.16 2.40
CA PRO A 29 -0.22 -6.36 3.19
C PRO A 29 -1.43 -7.27 3.43
N GLY A 30 -2.51 -6.69 3.90
CA GLY A 30 -3.71 -7.45 4.18
C GLY A 30 -4.36 -8.00 2.92
N ASN A 31 -4.82 -7.11 2.07
CA ASN A 31 -5.48 -7.48 0.84
C ASN A 31 -4.76 -6.92 -0.38
N VAL A 32 -4.05 -7.82 -1.09
CA VAL A 32 -3.30 -7.47 -2.31
C VAL A 32 -4.18 -6.82 -3.40
N HIS A 33 -5.50 -6.84 -3.22
CA HIS A 33 -6.42 -6.19 -4.16
C HIS A 33 -6.36 -4.67 -4.01
N LYS A 34 -5.46 -4.21 -3.16
CA LYS A 34 -5.23 -2.81 -2.92
C LYS A 34 -3.74 -2.57 -2.83
N TYR A 35 -3.32 -1.34 -3.02
CA TYR A 35 -1.90 -1.03 -2.94
C TYR A 35 -1.66 0.32 -2.31
N ILE A 36 -0.40 0.64 -2.07
CA ILE A 36 -0.04 1.90 -1.48
C ILE A 36 1.04 2.57 -2.30
N ILE A 37 0.96 3.88 -2.42
CA ILE A 37 1.99 4.65 -3.10
C ILE A 37 2.88 5.26 -2.04
N CYS A 38 4.15 4.92 -2.07
CA CYS A 38 5.08 5.41 -1.06
C CYS A 38 5.86 6.60 -1.58
N SER A 39 5.79 7.69 -0.85
CA SER A 39 6.51 8.89 -1.20
C SER A 39 7.24 9.39 0.04
N LYS A 40 8.48 9.82 -0.12
CA LYS A 40 9.25 10.28 1.01
C LYS A 40 9.58 11.75 0.85
N SER A 41 8.96 12.58 1.66
CA SER A 41 9.20 13.99 1.63
C SER A 41 10.30 14.35 2.63
N GLY A 42 11.52 14.07 2.24
CA GLY A 42 12.64 14.38 3.10
C GLY A 42 12.79 13.34 4.19
N SER A 43 12.29 13.67 5.37
CA SER A 43 12.35 12.77 6.50
C SER A 43 10.94 12.31 6.90
N LEU A 44 9.96 12.66 6.07
CA LEU A 44 8.58 12.33 6.36
C LEU A 44 7.98 11.51 5.23
N TRP A 45 7.43 10.36 5.58
CA TRP A 45 6.81 9.50 4.58
C TRP A 45 5.34 9.82 4.40
N TYR A 46 4.93 9.92 3.15
CA TYR A 46 3.54 10.09 2.81
C TYR A 46 3.09 8.91 1.98
N ILE A 47 2.11 8.21 2.45
CA ILE A 47 1.62 7.04 1.75
C ILE A 47 0.13 7.14 1.49
N THR A 48 -0.28 6.66 0.34
CA THR A 48 -1.69 6.67 -0.03
C THR A 48 -2.11 5.28 -0.49
N VAL A 49 -3.14 4.73 0.14
CA VAL A 49 -3.61 3.39 -0.20
C VAL A 49 -4.75 3.45 -1.22
N MET A 50 -4.47 2.98 -2.42
CA MET A 50 -5.44 2.97 -3.51
C MET A 50 -5.86 1.54 -3.82
N PRO A 51 -7.16 1.31 -4.07
CA PRO A 51 -7.66 -0.01 -4.41
C PRO A 51 -7.57 -0.30 -5.91
N CYS A 52 -7.21 -1.53 -6.26
CA CYS A 52 -7.12 -1.94 -7.65
C CYS A 52 -8.49 -2.34 -8.16
N SER A 53 -8.59 -2.56 -9.47
CA SER A 53 -9.83 -3.01 -10.07
C SER A 53 -10.27 -4.33 -9.42
N ILE A 54 -11.55 -4.48 -9.23
CA ILE A 54 -12.08 -5.69 -8.65
C ILE A 54 -11.71 -6.90 -9.51
N GLY A 55 -11.20 -7.94 -8.88
CA GLY A 55 -10.75 -9.10 -9.61
C GLY A 55 -9.27 -9.07 -9.92
N THR A 56 -8.62 -7.95 -9.64
CA THR A 56 -7.18 -7.83 -9.90
C THR A 56 -6.41 -7.62 -8.61
N LYS A 57 -5.10 -7.81 -8.68
CA LYS A 57 -4.22 -7.62 -7.54
C LYS A 57 -3.03 -6.78 -7.96
N PHE A 58 -2.50 -6.00 -7.06
CA PHE A 58 -1.35 -5.18 -7.37
C PHE A 58 -0.07 -5.98 -7.21
N ASP A 59 0.76 -5.93 -8.21
CA ASP A 59 2.04 -6.63 -8.19
C ASP A 59 3.15 -5.67 -7.78
N PRO A 60 3.96 -6.06 -6.80
CA PRO A 60 5.04 -5.21 -6.26
C PRO A 60 6.12 -4.90 -7.28
N ILE A 61 6.50 -5.89 -8.06
CA ILE A 61 7.56 -5.72 -9.03
C ILE A 61 7.08 -4.99 -10.28
N SER A 62 5.99 -5.49 -10.87
CA SER A 62 5.42 -4.86 -12.05
C SER A 62 4.94 -3.44 -11.74
N ARG A 63 4.47 -3.26 -10.50
CA ARG A 63 4.02 -1.97 -10.00
C ARG A 63 2.73 -1.51 -10.69
N ASN A 64 1.83 -2.46 -10.87
CA ASN A 64 0.52 -2.22 -11.46
C ASN A 64 -0.43 -3.31 -11.02
N CYS A 65 -1.69 -3.21 -11.41
CA CYS A 65 -2.66 -4.21 -11.00
C CYS A 65 -2.89 -5.20 -12.14
N VAL A 66 -2.70 -6.47 -11.85
CA VAL A 66 -2.84 -7.53 -12.83
C VAL A 66 -3.97 -8.47 -12.43
N LEU A 67 -4.38 -9.34 -13.35
CA LEU A 67 -5.42 -10.31 -13.06
C LEU A 67 -5.02 -11.16 -11.87
N ASP A 68 -5.82 -11.12 -10.82
CA ASP A 68 -5.48 -11.77 -9.58
C ASP A 68 -5.63 -13.29 -9.61
N ASN A 69 -4.55 -13.97 -9.97
CA ASN A 69 -4.48 -15.41 -9.84
C ASN A 69 -3.23 -15.75 -9.04
N GLY A 1 -0.73 13.64 12.12
CA GLY A 1 -0.81 12.38 12.88
C GLY A 1 0.42 11.53 12.69
N PRO A 2 0.36 10.52 11.80
CA PRO A 2 1.49 9.62 11.54
C PRO A 2 2.63 10.33 10.80
N LEU A 3 3.85 9.85 11.03
CA LEU A 3 5.03 10.43 10.39
C LEU A 3 5.15 9.97 8.96
N GLY A 4 4.46 8.89 8.66
CA GLY A 4 4.48 8.34 7.31
C GLY A 4 5.35 7.12 7.22
N SER A 5 6.15 6.89 8.25
CA SER A 5 7.03 5.74 8.29
C SER A 5 6.25 4.48 8.59
N ASP A 6 5.20 4.64 9.37
CA ASP A 6 4.37 3.52 9.79
C ASP A 6 2.90 3.96 9.90
N LEU A 7 2.06 3.31 9.15
CA LEU A 7 0.64 3.63 9.15
C LEU A 7 -0.21 2.36 9.34
N ILE A 8 -1.08 2.38 10.33
CA ILE A 8 -1.96 1.26 10.60
C ILE A 8 -3.30 1.45 9.89
N VAL A 9 -3.90 0.36 9.48
CA VAL A 9 -5.18 0.41 8.77
C VAL A 9 -6.09 -0.70 9.26
N HIS A 10 -7.35 -0.61 8.90
CA HIS A 10 -8.32 -1.63 9.28
C HIS A 10 -8.82 -2.36 8.05
N GLU A 11 -8.28 -3.53 7.79
CA GLU A 11 -8.68 -4.33 6.65
C GLU A 11 -9.87 -5.19 7.04
N GLY A 12 -11.06 -4.73 6.70
CA GLY A 12 -12.28 -5.44 7.06
C GLY A 12 -12.58 -5.27 8.53
N GLY A 13 -11.75 -4.50 9.20
CA GLY A 13 -11.91 -4.28 10.62
C GLY A 13 -10.65 -4.66 11.38
N LYS A 14 -9.86 -5.54 10.78
CA LYS A 14 -8.65 -6.03 11.41
C LYS A 14 -7.50 -5.08 11.15
N THR A 15 -6.70 -4.83 12.16
CA THR A 15 -5.60 -3.91 12.04
C THR A 15 -4.41 -4.53 11.31
N TYR A 16 -3.94 -3.81 10.31
CA TYR A 16 -2.78 -4.20 9.56
C TYR A 16 -1.80 -3.05 9.55
N HIS A 17 -0.54 -3.35 9.50
CA HIS A 17 0.50 -2.33 9.54
C HIS A 17 1.04 -2.08 8.14
N VAL A 18 1.27 -0.83 7.83
CA VAL A 18 1.80 -0.46 6.54
C VAL A 18 3.10 0.31 6.74
N VAL A 19 4.15 -0.24 6.22
CA VAL A 19 5.46 0.36 6.31
C VAL A 19 6.08 0.41 4.92
N CYS A 20 6.62 1.55 4.56
CA CYS A 20 7.21 1.70 3.24
C CYS A 20 8.72 1.81 3.35
N HIS A 21 9.42 0.89 2.73
CA HIS A 21 10.87 0.88 2.77
C HIS A 21 11.45 1.39 1.47
N GLU A 22 10.62 1.44 0.43
CA GLU A 22 11.07 1.90 -0.87
C GLU A 22 10.11 2.92 -1.45
N GLU A 23 10.66 3.88 -2.15
CA GLU A 23 9.86 4.90 -2.80
C GLU A 23 9.11 4.30 -3.98
N GLY A 24 7.81 4.25 -3.87
CA GLY A 24 6.99 3.72 -4.92
C GLY A 24 5.76 3.01 -4.39
N PRO A 25 4.81 2.67 -5.26
CA PRO A 25 3.61 1.96 -4.86
C PRO A 25 3.84 0.45 -4.68
N ILE A 26 3.30 -0.09 -3.61
CA ILE A 26 3.39 -1.52 -3.29
C ILE A 26 2.04 -2.04 -2.80
N PRO A 27 1.79 -3.36 -2.89
CA PRO A 27 0.50 -3.95 -2.47
C PRO A 27 0.19 -3.75 -0.98
N HIS A 28 -1.05 -3.99 -0.61
CA HIS A 28 -1.49 -3.82 0.76
C HIS A 28 -1.35 -5.13 1.54
N PRO A 29 -0.79 -5.08 2.76
CA PRO A 29 -0.56 -6.27 3.60
C PRO A 29 -1.86 -7.04 3.89
N GLY A 30 -2.97 -6.32 3.98
CA GLY A 30 -4.24 -6.96 4.24
C GLY A 30 -4.71 -7.77 3.05
N ASN A 31 -4.97 -7.09 1.95
CA ASN A 31 -5.37 -7.76 0.73
C ASN A 31 -4.70 -7.12 -0.47
N VAL A 32 -4.09 -7.97 -1.30
CA VAL A 32 -3.42 -7.55 -2.53
C VAL A 32 -4.33 -6.80 -3.51
N HIS A 33 -5.65 -6.80 -3.26
CA HIS A 33 -6.60 -6.08 -4.11
C HIS A 33 -6.45 -4.58 -3.90
N LYS A 34 -5.64 -4.21 -2.93
CA LYS A 34 -5.36 -2.82 -2.65
C LYS A 34 -3.87 -2.61 -2.55
N TYR A 35 -3.44 -1.38 -2.72
CA TYR A 35 -2.04 -1.05 -2.63
C TYR A 35 -1.84 0.31 -1.98
N ILE A 36 -0.61 0.66 -1.73
CA ILE A 36 -0.30 1.95 -1.15
C ILE A 36 0.76 2.64 -1.98
N ILE A 37 0.63 3.93 -2.16
CA ILE A 37 1.63 4.69 -2.85
C ILE A 37 2.54 5.31 -1.83
N CYS A 38 3.80 4.94 -1.84
CA CYS A 38 4.72 5.49 -0.88
C CYS A 38 5.60 6.53 -1.56
N SER A 39 5.56 7.73 -1.04
CA SER A 39 6.36 8.81 -1.58
C SER A 39 7.24 9.38 -0.49
N LYS A 40 8.50 9.58 -0.79
CA LYS A 40 9.41 10.12 0.19
C LYS A 40 9.72 11.56 -0.12
N SER A 41 9.26 12.44 0.73
CA SER A 41 9.49 13.85 0.57
C SER A 41 10.60 14.30 1.51
N GLY A 42 11.82 14.02 1.12
CA GLY A 42 12.95 14.38 1.93
C GLY A 42 13.13 13.44 3.10
N SER A 43 12.67 13.85 4.26
CA SER A 43 12.78 13.05 5.46
C SER A 43 11.39 12.64 5.94
N LEU A 44 10.38 13.01 5.16
CA LEU A 44 9.02 12.73 5.51
C LEU A 44 8.36 11.85 4.46
N TRP A 45 7.79 10.75 4.90
CA TRP A 45 7.11 9.85 4.00
C TRP A 45 5.62 10.18 3.91
N TYR A 46 5.12 10.21 2.71
CA TYR A 46 3.72 10.41 2.46
C TYR A 46 3.14 9.19 1.77
N ILE A 47 2.07 8.67 2.32
CA ILE A 47 1.48 7.45 1.81
C ILE A 47 -0.02 7.61 1.51
N THR A 48 -0.52 6.77 0.62
CA THR A 48 -1.93 6.74 0.31
C THR A 48 -2.35 5.35 -0.13
N VAL A 49 -3.33 4.76 0.55
CA VAL A 49 -3.79 3.42 0.18
C VAL A 49 -4.95 3.48 -0.81
N MET A 50 -4.69 2.97 -2.00
CA MET A 50 -5.68 2.95 -3.07
C MET A 50 -6.01 1.52 -3.46
N PRO A 51 -7.24 1.26 -3.91
CA PRO A 51 -7.65 -0.07 -4.35
C PRO A 51 -7.44 -0.27 -5.85
N CYS A 52 -7.13 -1.50 -6.25
CA CYS A 52 -6.96 -1.83 -7.65
C CYS A 52 -8.33 -2.06 -8.28
N SER A 53 -8.33 -2.26 -9.59
CA SER A 53 -9.53 -2.54 -10.31
C SER A 53 -10.13 -3.85 -9.81
N ILE A 54 -11.44 -3.94 -9.82
CA ILE A 54 -12.11 -5.13 -9.37
C ILE A 54 -11.68 -6.34 -10.17
N GLY A 55 -11.19 -7.35 -9.47
CA GLY A 55 -10.71 -8.55 -10.13
C GLY A 55 -9.21 -8.55 -10.33
N THR A 56 -8.52 -7.48 -9.93
CA THR A 56 -7.08 -7.42 -10.08
C THR A 56 -6.39 -7.23 -8.73
N LYS A 57 -5.10 -7.51 -8.72
CA LYS A 57 -4.29 -7.36 -7.52
C LYS A 57 -3.01 -6.63 -7.85
N PHE A 58 -2.51 -5.83 -6.94
CA PHE A 58 -1.31 -5.05 -7.19
C PHE A 58 -0.05 -5.88 -6.99
N ASP A 59 0.91 -5.72 -7.89
CA ASP A 59 2.19 -6.40 -7.81
C ASP A 59 3.27 -5.45 -7.32
N PRO A 60 4.08 -5.87 -6.33
CA PRO A 60 5.12 -5.02 -5.72
C PRO A 60 6.28 -4.70 -6.66
N ILE A 61 6.70 -5.67 -7.45
CA ILE A 61 7.85 -5.50 -8.32
C ILE A 61 7.50 -4.71 -9.57
N SER A 62 6.47 -5.15 -10.28
CA SER A 62 6.07 -4.49 -11.51
C SER A 62 5.39 -3.15 -11.23
N ARG A 63 4.72 -3.07 -10.07
CA ARG A 63 4.05 -1.85 -9.61
C ARG A 63 2.85 -1.48 -10.46
N ASN A 64 1.92 -2.41 -10.55
CA ASN A 64 0.67 -2.20 -11.27
C ASN A 64 -0.31 -3.28 -10.84
N CYS A 65 -1.52 -3.23 -11.35
CA CYS A 65 -2.52 -4.21 -10.97
C CYS A 65 -2.63 -5.27 -12.05
N VAL A 66 -2.47 -6.51 -11.65
CA VAL A 66 -2.51 -7.64 -12.57
C VAL A 66 -3.74 -8.50 -12.31
N LEU A 67 -4.03 -9.41 -13.23
CA LEU A 67 -5.16 -10.32 -13.11
C LEU A 67 -5.06 -11.15 -11.83
N ASP A 68 -6.03 -10.96 -10.95
CA ASP A 68 -6.08 -11.69 -9.70
C ASP A 68 -6.94 -12.92 -9.85
N ASN A 69 -6.30 -14.05 -9.95
CA ASN A 69 -7.02 -15.30 -10.07
C ASN A 69 -6.21 -16.41 -9.41
N GLY A 1 -3.40 3.87 17.01
CA GLY A 1 -2.99 5.07 16.25
C GLY A 1 -1.64 4.89 15.60
N PRO A 2 -1.37 5.59 14.49
CA PRO A 2 -0.09 5.50 13.79
C PRO A 2 0.99 6.35 14.45
N LEU A 3 2.24 6.13 14.06
CA LEU A 3 3.36 6.88 14.63
C LEU A 3 4.34 7.35 13.55
N GLY A 4 3.80 7.71 12.39
CA GLY A 4 4.63 8.21 11.30
C GLY A 4 5.36 7.12 10.53
N SER A 5 6.24 6.41 11.21
CA SER A 5 7.03 5.35 10.58
C SER A 5 6.16 4.13 10.31
N ASP A 6 5.06 4.05 11.04
CA ASP A 6 4.12 2.95 10.93
C ASP A 6 2.71 3.50 10.87
N LEU A 7 2.05 3.27 9.76
CA LEU A 7 0.70 3.74 9.56
C LEU A 7 -0.24 2.55 9.60
N ILE A 8 -1.22 2.60 10.48
CA ILE A 8 -2.13 1.48 10.63
C ILE A 8 -3.45 1.75 9.92
N VAL A 9 -4.04 0.71 9.37
CA VAL A 9 -5.30 0.81 8.67
C VAL A 9 -6.23 -0.32 9.11
N HIS A 10 -7.49 -0.19 8.79
CA HIS A 10 -8.47 -1.21 9.13
C HIS A 10 -9.03 -1.85 7.88
N GLU A 11 -8.73 -3.12 7.69
CA GLU A 11 -9.21 -3.87 6.53
C GLU A 11 -10.28 -4.86 6.94
N GLY A 12 -11.54 -4.46 6.81
CA GLY A 12 -12.65 -5.34 7.15
C GLY A 12 -12.83 -5.51 8.65
N GLY A 13 -11.91 -4.97 9.42
CA GLY A 13 -11.98 -5.07 10.85
C GLY A 13 -10.63 -5.43 11.44
N LYS A 14 -9.71 -5.83 10.59
CA LYS A 14 -8.37 -6.17 11.02
C LYS A 14 -7.43 -5.00 10.84
N THR A 15 -6.68 -4.67 11.87
CA THR A 15 -5.74 -3.59 11.80
C THR A 15 -4.41 -4.02 11.22
N TYR A 16 -4.15 -3.61 10.00
CA TYR A 16 -2.90 -3.92 9.34
C TYR A 16 -1.99 -2.72 9.37
N HIS A 17 -0.71 -2.97 9.46
CA HIS A 17 0.27 -1.91 9.53
C HIS A 17 0.93 -1.72 8.19
N VAL A 18 1.22 -0.47 7.87
CA VAL A 18 1.87 -0.13 6.64
C VAL A 18 3.24 0.44 6.93
N VAL A 19 4.24 -0.19 6.37
CA VAL A 19 5.62 0.21 6.56
C VAL A 19 6.32 0.15 5.21
N CYS A 20 6.92 1.25 4.82
CA CYS A 20 7.61 1.30 3.54
C CYS A 20 9.11 1.19 3.74
N HIS A 21 9.72 0.27 3.01
CA HIS A 21 11.15 0.07 3.05
C HIS A 21 11.83 0.92 1.99
N GLU A 22 11.07 1.24 0.96
CA GLU A 22 11.58 2.00 -0.15
C GLU A 22 10.47 2.84 -0.77
N GLU A 23 10.85 3.81 -1.56
CA GLU A 23 9.88 4.64 -2.24
C GLU A 23 9.32 3.90 -3.46
N GLY A 24 8.04 4.09 -3.70
CA GLY A 24 7.40 3.41 -4.79
C GLY A 24 6.12 2.74 -4.35
N PRO A 25 5.28 2.30 -5.29
CA PRO A 25 4.04 1.62 -4.97
C PRO A 25 4.22 0.11 -4.75
N ILE A 26 3.55 -0.41 -3.73
CA ILE A 26 3.58 -1.83 -3.40
C ILE A 26 2.20 -2.28 -2.94
N PRO A 27 1.89 -3.59 -3.01
CA PRO A 27 0.57 -4.12 -2.63
C PRO A 27 0.27 -3.93 -1.14
N HIS A 28 -0.98 -4.11 -0.78
CA HIS A 28 -1.42 -3.94 0.58
C HIS A 28 -1.28 -5.25 1.36
N PRO A 29 -0.65 -5.21 2.54
CA PRO A 29 -0.40 -6.42 3.36
C PRO A 29 -1.68 -7.13 3.82
N GLY A 30 -2.77 -6.39 3.89
CA GLY A 30 -4.02 -6.96 4.34
C GLY A 30 -4.88 -7.48 3.22
N ASN A 31 -4.61 -7.01 2.00
CA ASN A 31 -5.40 -7.39 0.84
C ASN A 31 -4.70 -6.97 -0.45
N VAL A 32 -4.14 -7.95 -1.17
CA VAL A 32 -3.45 -7.72 -2.45
C VAL A 32 -4.34 -7.01 -3.50
N HIS A 33 -5.64 -6.91 -3.23
CA HIS A 33 -6.56 -6.20 -4.14
C HIS A 33 -6.43 -4.69 -3.98
N LYS A 34 -5.44 -4.27 -3.20
CA LYS A 34 -5.17 -2.87 -2.95
C LYS A 34 -3.68 -2.67 -2.86
N TYR A 35 -3.24 -1.44 -2.99
CA TYR A 35 -1.83 -1.13 -2.91
C TYR A 35 -1.59 0.18 -2.20
N ILE A 36 -0.34 0.48 -1.96
CA ILE A 36 0.03 1.69 -1.27
C ILE A 36 1.16 2.38 -2.02
N ILE A 37 1.13 3.68 -2.04
CA ILE A 37 2.18 4.45 -2.66
C ILE A 37 3.07 5.01 -1.59
N CYS A 38 4.34 4.69 -1.64
CA CYS A 38 5.27 5.20 -0.66
C CYS A 38 6.07 6.33 -1.28
N SER A 39 6.02 7.50 -0.67
CA SER A 39 6.70 8.64 -1.21
C SER A 39 7.47 9.36 -0.11
N LYS A 40 8.65 9.83 -0.44
CA LYS A 40 9.47 10.54 0.52
C LYS A 40 9.51 12.02 0.16
N SER A 41 8.77 12.80 0.92
CA SER A 41 8.71 14.22 0.69
C SER A 41 9.78 14.93 1.51
N GLY A 42 10.94 15.05 0.92
CA GLY A 42 12.05 15.67 1.59
C GLY A 42 12.52 14.86 2.77
N SER A 43 12.11 15.25 3.96
CA SER A 43 12.51 14.55 5.16
C SER A 43 11.34 13.80 5.80
N LEU A 44 10.19 13.80 5.15
CA LEU A 44 9.02 13.12 5.71
C LEU A 44 8.40 12.16 4.71
N TRP A 45 7.96 11.01 5.19
CA TRP A 45 7.36 9.99 4.35
C TRP A 45 5.84 10.14 4.31
N TYR A 46 5.29 10.08 3.12
CA TYR A 46 3.85 10.11 2.93
C TYR A 46 3.41 8.87 2.19
N ILE A 47 2.39 8.21 2.72
CA ILE A 47 1.88 7.00 2.10
C ILE A 47 0.39 7.12 1.82
N THR A 48 -0.05 6.51 0.75
CA THR A 48 -1.45 6.53 0.38
C THR A 48 -1.89 5.13 -0.08
N VAL A 49 -2.94 4.58 0.52
CA VAL A 49 -3.41 3.28 0.11
C VAL A 49 -4.55 3.40 -0.91
N MET A 50 -4.26 2.98 -2.12
CA MET A 50 -5.22 3.03 -3.21
C MET A 50 -5.63 1.62 -3.61
N PRO A 51 -6.92 1.43 -3.94
CA PRO A 51 -7.43 0.13 -4.35
C PRO A 51 -7.27 -0.17 -5.84
N CYS A 52 -7.22 -1.45 -6.18
CA CYS A 52 -7.16 -1.87 -7.57
C CYS A 52 -8.55 -2.14 -8.09
N SER A 53 -8.66 -2.24 -9.41
CA SER A 53 -9.91 -2.56 -10.06
C SER A 53 -10.41 -3.93 -9.60
N ILE A 54 -11.71 -4.08 -9.56
CA ILE A 54 -12.31 -5.33 -9.15
C ILE A 54 -11.87 -6.46 -10.07
N GLY A 55 -11.40 -7.54 -9.47
CA GLY A 55 -10.92 -8.65 -10.23
C GLY A 55 -9.42 -8.61 -10.46
N THR A 56 -8.77 -7.55 -9.98
CA THR A 56 -7.33 -7.45 -10.14
C THR A 56 -6.62 -7.35 -8.79
N LYS A 57 -5.32 -7.56 -8.80
CA LYS A 57 -4.49 -7.49 -7.61
C LYS A 57 -3.17 -6.81 -7.96
N PHE A 58 -2.63 -6.04 -7.06
CA PHE A 58 -1.42 -5.27 -7.33
C PHE A 58 -0.16 -6.11 -7.15
N ASP A 59 0.78 -5.94 -8.08
CA ASP A 59 2.08 -6.61 -8.02
C ASP A 59 3.16 -5.60 -7.63
N PRO A 60 4.01 -5.94 -6.66
CA PRO A 60 5.04 -5.04 -6.14
C PRO A 60 6.14 -4.73 -7.16
N ILE A 61 6.51 -5.72 -7.95
CA ILE A 61 7.61 -5.56 -8.88
C ILE A 61 7.19 -4.81 -10.14
N SER A 62 6.17 -5.30 -10.82
CA SER A 62 5.68 -4.65 -12.03
C SER A 62 5.05 -3.29 -11.71
N ARG A 63 4.47 -3.20 -10.50
CA ARG A 63 3.88 -1.96 -10.00
C ARG A 63 2.59 -1.62 -10.73
N ASN A 64 1.72 -2.60 -10.84
CA ASN A 64 0.44 -2.41 -11.49
C ASN A 64 -0.55 -3.43 -10.95
N CYS A 65 -1.79 -3.36 -11.37
CA CYS A 65 -2.77 -4.32 -10.95
C CYS A 65 -2.97 -5.34 -12.06
N VAL A 66 -2.79 -6.61 -11.72
CA VAL A 66 -2.90 -7.69 -12.69
C VAL A 66 -4.17 -8.48 -12.48
N LEU A 67 -4.57 -9.20 -13.50
CA LEU A 67 -5.77 -10.03 -13.44
C LEU A 67 -5.62 -11.09 -12.36
N ASP A 68 -6.51 -11.03 -11.37
CA ASP A 68 -6.51 -11.99 -10.28
C ASP A 68 -7.30 -13.22 -10.67
N ASN A 69 -6.60 -14.26 -11.04
CA ASN A 69 -7.22 -15.51 -11.43
C ASN A 69 -7.86 -16.18 -10.24
N GLY A 1 -1.27 16.42 9.96
CA GLY A 1 -2.04 15.52 9.08
C GLY A 1 -1.85 14.06 9.46
N PRO A 2 -1.87 13.15 8.48
CA PRO A 2 -1.69 11.72 8.73
C PRO A 2 -0.22 11.33 8.81
N LEU A 3 0.03 10.10 9.22
CA LEU A 3 1.39 9.59 9.34
C LEU A 3 1.84 8.98 8.01
N GLY A 4 3.04 8.43 8.00
CA GLY A 4 3.56 7.85 6.77
C GLY A 4 4.59 6.79 7.02
N SER A 5 5.37 6.96 8.09
CA SER A 5 6.39 5.97 8.44
C SER A 5 5.70 4.68 8.88
N ASP A 6 4.69 4.83 9.70
CA ASP A 6 3.88 3.71 10.16
C ASP A 6 2.44 4.15 10.18
N LEU A 7 1.70 3.75 9.19
CA LEU A 7 0.31 4.15 9.07
C LEU A 7 -0.59 2.95 9.27
N ILE A 8 -1.52 3.05 10.20
CA ILE A 8 -2.41 1.94 10.47
C ILE A 8 -3.69 2.09 9.68
N VAL A 9 -4.19 0.99 9.17
CA VAL A 9 -5.40 0.98 8.37
C VAL A 9 -6.38 -0.03 8.91
N HIS A 10 -7.62 0.10 8.52
CA HIS A 10 -8.66 -0.82 8.96
C HIS A 10 -9.12 -1.72 7.84
N GLU A 11 -8.82 -2.99 7.98
CA GLU A 11 -9.22 -3.98 7.00
C GLU A 11 -10.18 -4.96 7.64
N GLY A 12 -11.45 -4.82 7.34
CA GLY A 12 -12.45 -5.70 7.92
C GLY A 12 -12.62 -5.46 9.41
N GLY A 13 -12.27 -4.26 9.85
CA GLY A 13 -12.38 -3.94 11.25
C GLY A 13 -11.09 -4.14 12.01
N LYS A 14 -10.18 -4.92 11.44
CA LYS A 14 -8.90 -5.18 12.07
C LYS A 14 -7.86 -4.17 11.64
N THR A 15 -6.84 -4.01 12.46
CA THR A 15 -5.80 -3.06 12.21
C THR A 15 -4.60 -3.67 11.51
N TYR A 16 -4.16 -3.00 10.48
CA TYR A 16 -2.98 -3.41 9.74
C TYR A 16 -2.03 -2.24 9.66
N HIS A 17 -0.75 -2.52 9.79
CA HIS A 17 0.24 -1.46 9.72
C HIS A 17 0.85 -1.38 8.33
N VAL A 18 1.18 -0.18 7.92
CA VAL A 18 1.79 0.04 6.64
C VAL A 18 3.20 0.59 6.83
N VAL A 19 4.16 -0.08 6.20
CA VAL A 19 5.55 0.29 6.24
C VAL A 19 6.12 0.18 4.84
N CYS A 20 6.67 1.25 4.34
CA CYS A 20 7.17 1.28 2.98
C CYS A 20 8.64 0.95 2.90
N HIS A 21 8.97 0.05 1.99
CA HIS A 21 10.34 -0.40 1.79
C HIS A 21 11.07 0.53 0.83
N GLU A 22 10.35 1.10 -0.10
CA GLU A 22 10.93 1.99 -1.09
C GLU A 22 9.92 3.06 -1.50
N GLU A 23 10.41 4.08 -2.19
CA GLU A 23 9.54 5.10 -2.74
C GLU A 23 8.89 4.57 -4.01
N GLY A 24 7.65 4.20 -3.89
CA GLY A 24 6.94 3.67 -5.01
C GLY A 24 5.70 2.96 -4.58
N PRO A 25 4.83 2.59 -5.52
CA PRO A 25 3.62 1.88 -5.21
C PRO A 25 3.85 0.38 -5.04
N ILE A 26 3.38 -0.15 -3.93
CA ILE A 26 3.49 -1.57 -3.62
C ILE A 26 2.16 -2.09 -3.11
N PRO A 27 1.90 -3.40 -3.20
CA PRO A 27 0.62 -3.99 -2.77
C PRO A 27 0.38 -3.85 -1.27
N HIS A 28 -0.84 -4.11 -0.86
CA HIS A 28 -1.22 -4.00 0.52
C HIS A 28 -0.97 -5.34 1.22
N PRO A 29 -0.18 -5.33 2.33
CA PRO A 29 0.21 -6.56 3.05
C PRO A 29 -0.97 -7.45 3.45
N GLY A 30 -2.06 -6.82 3.83
CA GLY A 30 -3.25 -7.56 4.21
C GLY A 30 -3.97 -8.13 3.00
N ASN A 31 -4.43 -7.26 2.14
CA ASN A 31 -5.17 -7.65 0.93
C ASN A 31 -4.52 -7.08 -0.33
N VAL A 32 -3.91 -7.96 -1.12
CA VAL A 32 -3.25 -7.61 -2.40
C VAL A 32 -4.20 -6.88 -3.39
N HIS A 33 -5.50 -6.93 -3.11
CA HIS A 33 -6.50 -6.23 -3.93
C HIS A 33 -6.38 -4.70 -3.76
N LYS A 34 -5.45 -4.29 -2.92
CA LYS A 34 -5.19 -2.89 -2.69
C LYS A 34 -3.70 -2.65 -2.70
N TYR A 35 -3.31 -1.42 -2.88
CA TYR A 35 -1.92 -1.07 -2.89
C TYR A 35 -1.70 0.26 -2.23
N ILE A 36 -0.46 0.62 -2.06
CA ILE A 36 -0.11 1.85 -1.41
C ILE A 36 0.93 2.59 -2.23
N ILE A 37 0.82 3.89 -2.28
CA ILE A 37 1.80 4.71 -2.96
C ILE A 37 2.70 5.31 -1.92
N CYS A 38 3.95 4.92 -1.94
CA CYS A 38 4.88 5.39 -0.94
C CYS A 38 5.77 6.48 -1.49
N SER A 39 5.76 7.62 -0.85
CA SER A 39 6.58 8.73 -1.23
C SER A 39 7.30 9.27 -0.01
N LYS A 40 8.52 9.74 -0.19
CA LYS A 40 9.26 10.27 0.92
C LYS A 40 9.58 11.73 0.70
N SER A 41 9.00 12.56 1.53
CA SER A 41 9.21 13.98 1.47
C SER A 41 10.43 14.34 2.30
N GLY A 42 11.59 14.14 1.73
CA GLY A 42 12.82 14.42 2.43
C GLY A 42 13.09 13.34 3.45
N SER A 43 12.75 13.61 4.70
CA SER A 43 12.96 12.66 5.76
C SER A 43 11.63 12.19 6.33
N LEU A 44 10.53 12.60 5.69
CA LEU A 44 9.19 12.27 6.17
C LEU A 44 8.43 11.46 5.12
N TRP A 45 7.95 10.30 5.51
CA TRP A 45 7.21 9.44 4.60
C TRP A 45 5.74 9.82 4.51
N TYR A 46 5.23 9.89 3.30
CA TYR A 46 3.80 10.09 3.05
C TYR A 46 3.28 8.96 2.19
N ILE A 47 2.25 8.30 2.67
CA ILE A 47 1.69 7.16 1.96
C ILE A 47 0.20 7.33 1.68
N THR A 48 -0.26 6.64 0.66
CA THR A 48 -1.66 6.65 0.28
C THR A 48 -2.09 5.26 -0.19
N VAL A 49 -3.07 4.67 0.48
CA VAL A 49 -3.54 3.34 0.13
C VAL A 49 -4.75 3.40 -0.82
N MET A 50 -4.57 2.87 -2.02
CA MET A 50 -5.60 2.87 -3.04
C MET A 50 -5.95 1.44 -3.44
N PRO A 51 -7.19 1.18 -3.84
CA PRO A 51 -7.63 -0.15 -4.24
C PRO A 51 -7.47 -0.42 -5.75
N CYS A 52 -7.19 -1.67 -6.09
CA CYS A 52 -7.11 -2.08 -7.49
C CYS A 52 -8.47 -2.56 -7.97
N SER A 53 -8.58 -2.81 -9.26
CA SER A 53 -9.81 -3.29 -9.84
C SER A 53 -10.15 -4.68 -9.30
N ILE A 54 -11.43 -4.96 -9.19
CA ILE A 54 -11.88 -6.25 -8.72
C ILE A 54 -11.47 -7.33 -9.73
N GLY A 55 -10.85 -8.37 -9.22
CA GLY A 55 -10.37 -9.42 -10.09
C GLY A 55 -8.89 -9.28 -10.36
N THR A 56 -8.33 -8.11 -10.10
CA THR A 56 -6.92 -7.89 -10.30
C THR A 56 -6.18 -7.78 -8.96
N LYS A 57 -4.88 -8.00 -9.01
CA LYS A 57 -4.03 -7.92 -7.84
C LYS A 57 -2.85 -7.01 -8.15
N PHE A 58 -2.41 -6.24 -7.20
CA PHE A 58 -1.29 -5.34 -7.44
C PHE A 58 0.05 -6.07 -7.35
N ASP A 59 0.93 -5.77 -8.29
CA ASP A 59 2.25 -6.38 -8.30
C ASP A 59 3.30 -5.34 -7.91
N PRO A 60 4.14 -5.67 -6.90
CA PRO A 60 5.16 -4.74 -6.39
C PRO A 60 6.25 -4.40 -7.39
N ILE A 61 6.64 -5.38 -8.20
CA ILE A 61 7.71 -5.20 -9.17
C ILE A 61 7.21 -4.42 -10.39
N SER A 62 6.10 -4.85 -10.96
CA SER A 62 5.52 -4.18 -12.10
C SER A 62 5.00 -2.80 -11.72
N ARG A 63 4.47 -2.71 -10.49
CA ARG A 63 3.95 -1.45 -9.93
C ARG A 63 2.65 -1.05 -10.61
N ASN A 64 1.78 -2.02 -10.76
CA ASN A 64 0.46 -1.82 -11.33
C ASN A 64 -0.42 -3.01 -10.95
N CYS A 65 -1.67 -2.99 -11.34
CA CYS A 65 -2.57 -4.07 -10.99
C CYS A 65 -2.71 -5.01 -12.17
N VAL A 66 -2.45 -6.28 -11.93
CA VAL A 66 -2.51 -7.29 -12.98
C VAL A 66 -3.67 -8.24 -12.73
N LEU A 67 -4.05 -8.99 -13.73
CA LEU A 67 -5.16 -9.92 -13.60
C LEU A 67 -4.74 -11.09 -12.71
N ASP A 68 -5.54 -11.35 -11.70
CA ASP A 68 -5.25 -12.42 -10.77
C ASP A 68 -5.96 -13.67 -11.18
N ASN A 69 -5.26 -14.56 -11.81
CA ASN A 69 -5.83 -15.82 -12.21
C ASN A 69 -5.08 -16.95 -11.54
N GLY A 1 7.27 14.18 15.81
CA GLY A 1 6.95 14.40 14.39
C GLY A 1 5.71 13.65 13.98
N PRO A 2 5.31 13.74 12.70
CA PRO A 2 4.13 13.06 12.20
C PRO A 2 4.40 11.59 11.91
N LEU A 3 3.36 10.79 11.94
CA LEU A 3 3.45 9.38 11.66
C LEU A 3 3.40 9.14 10.16
N GLY A 4 4.48 8.67 9.59
CA GLY A 4 4.54 8.42 8.17
C GLY A 4 5.37 7.20 7.80
N SER A 5 6.20 6.75 8.74
CA SER A 5 7.07 5.62 8.50
C SER A 5 6.28 4.31 8.55
N ASP A 6 5.27 4.27 9.41
CA ASP A 6 4.45 3.08 9.59
C ASP A 6 3.01 3.48 9.93
N LEU A 7 2.16 3.49 8.93
CA LEU A 7 0.77 3.84 9.14
C LEU A 7 -0.06 2.60 9.40
N ILE A 8 -1.06 2.72 10.24
CA ILE A 8 -1.92 1.60 10.53
C ILE A 8 -3.24 1.79 9.80
N VAL A 9 -3.83 0.70 9.34
CA VAL A 9 -5.08 0.74 8.61
C VAL A 9 -5.97 -0.43 8.97
N HIS A 10 -7.21 -0.14 9.28
CA HIS A 10 -8.17 -1.19 9.61
C HIS A 10 -8.68 -1.87 8.34
N GLU A 11 -8.50 -3.17 8.26
CA GLU A 11 -8.95 -3.94 7.13
C GLU A 11 -9.61 -5.22 7.60
N GLY A 12 -10.91 -5.34 7.36
CA GLY A 12 -11.63 -6.52 7.77
C GLY A 12 -11.74 -6.62 9.29
N GLY A 13 -11.64 -5.48 9.95
CA GLY A 13 -11.72 -5.45 11.40
C GLY A 13 -10.36 -5.59 12.06
N LYS A 14 -9.35 -5.92 11.28
CA LYS A 14 -8.00 -6.09 11.81
C LYS A 14 -7.15 -4.87 11.47
N THR A 15 -6.34 -4.43 12.41
CA THR A 15 -5.48 -3.29 12.20
C THR A 15 -4.15 -3.73 11.57
N TYR A 16 -3.99 -3.43 10.30
CA TYR A 16 -2.76 -3.77 9.57
C TYR A 16 -1.80 -2.60 9.54
N HIS A 17 -0.54 -2.90 9.46
CA HIS A 17 0.49 -1.88 9.41
C HIS A 17 1.07 -1.77 8.01
N VAL A 18 1.30 -0.56 7.58
CA VAL A 18 1.90 -0.29 6.30
C VAL A 18 3.20 0.46 6.52
N VAL A 19 4.28 -0.13 6.11
CA VAL A 19 5.59 0.46 6.27
C VAL A 19 6.30 0.53 4.94
N CYS A 20 6.98 1.63 4.69
CA CYS A 20 7.68 1.81 3.44
C CYS A 20 9.15 2.07 3.68
N HIS A 21 9.98 1.14 3.23
CA HIS A 21 11.42 1.27 3.36
C HIS A 21 11.99 1.93 2.11
N GLU A 22 11.20 1.90 1.04
CA GLU A 22 11.60 2.45 -0.24
C GLU A 22 10.42 3.13 -0.90
N GLU A 23 10.69 4.00 -1.84
CA GLU A 23 9.64 4.67 -2.57
C GLU A 23 9.08 3.78 -3.65
N GLY A 24 7.82 3.93 -3.93
CA GLY A 24 7.18 3.12 -4.93
C GLY A 24 5.93 2.49 -4.40
N PRO A 25 5.08 1.98 -5.27
CA PRO A 25 3.85 1.34 -4.87
C PRO A 25 4.03 -0.16 -4.60
N ILE A 26 3.33 -0.64 -3.58
CA ILE A 26 3.34 -2.05 -3.21
C ILE A 26 1.93 -2.46 -2.79
N PRO A 27 1.58 -3.77 -2.85
CA PRO A 27 0.23 -4.23 -2.52
C PRO A 27 -0.13 -3.98 -1.05
N HIS A 28 -1.41 -4.10 -0.75
CA HIS A 28 -1.92 -3.87 0.59
C HIS A 28 -1.81 -5.17 1.39
N PRO A 29 -1.10 -5.15 2.53
CA PRO A 29 -0.87 -6.36 3.35
C PRO A 29 -2.17 -7.03 3.79
N GLY A 30 -3.24 -6.25 3.87
CA GLY A 30 -4.51 -6.79 4.28
C GLY A 30 -5.32 -7.37 3.14
N ASN A 31 -5.00 -6.97 1.90
CA ASN A 31 -5.71 -7.47 0.71
C ASN A 31 -4.98 -7.07 -0.58
N VAL A 32 -4.53 -8.06 -1.34
CA VAL A 32 -3.86 -7.82 -2.63
C VAL A 32 -4.71 -7.00 -3.62
N HIS A 33 -5.99 -6.80 -3.33
CA HIS A 33 -6.88 -6.02 -4.20
C HIS A 33 -6.64 -4.52 -4.07
N LYS A 34 -5.73 -4.15 -3.21
CA LYS A 34 -5.38 -2.75 -3.00
C LYS A 34 -3.90 -2.61 -2.85
N TYR A 35 -3.41 -1.39 -2.99
CA TYR A 35 -2.00 -1.14 -2.86
C TYR A 35 -1.74 0.21 -2.19
N ILE A 36 -0.49 0.49 -1.90
CA ILE A 36 -0.12 1.75 -1.30
C ILE A 36 1.05 2.34 -2.06
N ILE A 37 1.03 3.65 -2.23
CA ILE A 37 2.12 4.34 -2.88
C ILE A 37 3.02 4.93 -1.81
N CYS A 38 4.29 4.58 -1.83
CA CYS A 38 5.22 5.08 -0.84
C CYS A 38 5.99 6.25 -1.43
N SER A 39 5.93 7.39 -0.76
CA SER A 39 6.61 8.57 -1.22
C SER A 39 7.45 9.20 -0.11
N LYS A 40 8.67 9.57 -0.44
CA LYS A 40 9.55 10.22 0.51
C LYS A 40 9.70 11.68 0.14
N SER A 41 9.02 12.51 0.90
CA SER A 41 9.07 13.94 0.68
C SER A 41 9.98 14.58 1.69
N GLY A 42 11.17 14.94 1.25
CA GLY A 42 12.17 15.50 2.13
C GLY A 42 12.50 14.55 3.26
N SER A 43 12.02 14.84 4.45
CA SER A 43 12.26 14.01 5.60
C SER A 43 10.96 13.34 6.05
N LEU A 44 9.89 13.56 5.32
CA LEU A 44 8.59 13.03 5.68
C LEU A 44 8.10 11.99 4.68
N TRP A 45 7.64 10.86 5.19
CA TRP A 45 7.07 9.83 4.33
C TRP A 45 5.58 10.04 4.18
N TYR A 46 5.11 9.99 2.95
CA TYR A 46 3.71 10.08 2.67
C TYR A 46 3.25 8.88 1.89
N ILE A 47 2.27 8.19 2.42
CA ILE A 47 1.78 7.01 1.77
C ILE A 47 0.29 7.13 1.50
N THR A 48 -0.14 6.61 0.38
CA THR A 48 -1.54 6.65 0.01
C THR A 48 -1.99 5.27 -0.42
N VAL A 49 -3.05 4.77 0.19
CA VAL A 49 -3.55 3.45 -0.15
C VAL A 49 -4.67 3.55 -1.19
N MET A 50 -4.37 3.10 -2.39
CA MET A 50 -5.31 3.12 -3.49
C MET A 50 -5.73 1.68 -3.84
N PRO A 51 -6.98 1.48 -4.23
CA PRO A 51 -7.47 0.17 -4.61
C PRO A 51 -7.28 -0.11 -6.10
N CYS A 52 -7.07 -1.37 -6.44
CA CYS A 52 -6.95 -1.78 -7.83
C CYS A 52 -8.33 -1.96 -8.43
N SER A 53 -8.40 -1.95 -9.74
CA SER A 53 -9.65 -2.15 -10.43
C SER A 53 -10.20 -3.54 -10.09
N ILE A 54 -11.52 -3.61 -9.94
CA ILE A 54 -12.18 -4.86 -9.63
C ILE A 54 -11.79 -5.95 -10.63
N GLY A 55 -11.38 -7.09 -10.11
CA GLY A 55 -10.94 -8.18 -10.96
C GLY A 55 -9.43 -8.29 -11.05
N THR A 56 -8.71 -7.30 -10.51
CA THR A 56 -7.27 -7.32 -10.57
C THR A 56 -6.64 -7.23 -9.17
N LYS A 57 -5.37 -7.55 -9.09
CA LYS A 57 -4.61 -7.51 -7.84
C LYS A 57 -3.27 -6.83 -8.11
N PHE A 58 -2.75 -6.12 -7.12
CA PHE A 58 -1.51 -5.39 -7.31
C PHE A 58 -0.29 -6.29 -7.14
N ASP A 59 0.69 -6.08 -8.01
CA ASP A 59 1.95 -6.81 -7.94
C ASP A 59 3.06 -5.87 -7.47
N PRO A 60 3.80 -6.28 -6.41
CA PRO A 60 4.84 -5.43 -5.81
C PRO A 60 6.01 -5.14 -6.74
N ILE A 61 6.41 -6.12 -7.51
CA ILE A 61 7.55 -5.98 -8.39
C ILE A 61 7.20 -5.21 -9.65
N SER A 62 6.13 -5.63 -10.32
CA SER A 62 5.67 -4.95 -11.53
C SER A 62 5.25 -3.52 -11.22
N ARG A 63 4.64 -3.35 -10.03
CA ARG A 63 4.19 -2.05 -9.54
C ARG A 63 2.95 -1.59 -10.29
N ASN A 64 2.04 -2.53 -10.53
CA ASN A 64 0.79 -2.26 -11.20
C ASN A 64 -0.22 -3.34 -10.83
N CYS A 65 -1.43 -3.23 -11.33
CA CYS A 65 -2.45 -4.22 -11.01
C CYS A 65 -2.60 -5.20 -12.15
N VAL A 66 -2.48 -6.47 -11.84
CA VAL A 66 -2.59 -7.54 -12.82
C VAL A 66 -3.85 -8.35 -12.58
N LEU A 67 -4.24 -9.14 -13.55
CA LEU A 67 -5.44 -9.95 -13.45
C LEU A 67 -5.40 -10.88 -12.24
N ASP A 68 -6.41 -10.77 -11.41
CA ASP A 68 -6.53 -11.63 -10.24
C ASP A 68 -7.29 -12.89 -10.60
N ASN A 69 -6.56 -13.93 -10.94
CA ASN A 69 -7.16 -15.20 -11.27
C ASN A 69 -6.53 -16.29 -10.41
N GLY A 1 -3.01 10.98 14.06
CA GLY A 1 -1.76 11.56 13.56
C GLY A 1 -1.26 10.84 12.32
N PRO A 2 -1.05 11.55 11.20
CA PRO A 2 -0.53 10.97 9.97
C PRO A 2 0.87 10.41 10.15
N LEU A 3 1.10 9.22 9.64
CA LEU A 3 2.38 8.56 9.73
C LEU A 3 2.89 8.22 8.34
N GLY A 4 4.12 7.76 8.26
CA GLY A 4 4.68 7.43 6.96
C GLY A 4 5.53 6.17 6.99
N SER A 5 6.25 5.98 8.09
CA SER A 5 7.09 4.80 8.23
C SER A 5 6.25 3.55 8.46
N ASP A 6 5.26 3.66 9.35
CA ASP A 6 4.36 2.56 9.66
C ASP A 6 2.99 3.12 10.00
N LEU A 7 2.12 3.15 9.02
CA LEU A 7 0.77 3.67 9.18
C LEU A 7 -0.20 2.50 9.29
N ILE A 8 -1.06 2.53 10.29
CA ILE A 8 -1.99 1.45 10.49
C ILE A 8 -3.34 1.77 9.86
N VAL A 9 -3.99 0.76 9.31
CA VAL A 9 -5.27 0.93 8.67
C VAL A 9 -6.21 -0.17 9.14
N HIS A 10 -7.48 -0.01 8.85
CA HIS A 10 -8.46 -1.01 9.22
C HIS A 10 -8.94 -1.77 7.99
N GLU A 11 -8.63 -3.05 7.98
CA GLU A 11 -9.06 -3.94 6.91
C GLU A 11 -10.12 -4.87 7.46
N GLY A 12 -11.36 -4.62 7.13
CA GLY A 12 -12.44 -5.45 7.65
C GLY A 12 -12.61 -5.25 9.13
N GLY A 13 -12.24 -4.06 9.60
CA GLY A 13 -12.34 -3.75 11.00
C GLY A 13 -11.04 -3.99 11.74
N LYS A 14 -10.21 -4.89 11.22
CA LYS A 14 -8.96 -5.27 11.88
C LYS A 14 -7.84 -4.31 11.51
N THR A 15 -6.92 -4.11 12.41
CA THR A 15 -5.81 -3.21 12.16
C THR A 15 -4.65 -3.91 11.47
N TYR A 16 -4.29 -3.40 10.31
CA TYR A 16 -3.15 -3.90 9.57
C TYR A 16 -2.16 -2.78 9.41
N HIS A 17 -0.90 -3.10 9.49
CA HIS A 17 0.14 -2.08 9.39
C HIS A 17 0.60 -1.92 7.97
N VAL A 18 0.92 -0.69 7.63
CA VAL A 18 1.46 -0.35 6.34
C VAL A 18 2.83 0.23 6.54
N VAL A 19 3.82 -0.43 6.01
CA VAL A 19 5.18 0.00 6.17
C VAL A 19 5.85 0.15 4.80
N CYS A 20 6.61 1.20 4.64
CA CYS A 20 7.30 1.45 3.40
C CYS A 20 8.79 1.51 3.63
N HIS A 21 9.49 0.53 3.09
CA HIS A 21 10.94 0.47 3.25
C HIS A 21 11.61 1.15 2.07
N GLU A 22 10.87 1.31 1.00
CA GLU A 22 11.39 1.91 -0.21
C GLU A 22 10.37 2.84 -0.82
N GLU A 23 10.86 3.77 -1.62
CA GLU A 23 10.00 4.69 -2.32
C GLU A 23 9.37 4.01 -3.52
N GLY A 24 8.09 4.22 -3.71
CA GLY A 24 7.38 3.58 -4.80
C GLY A 24 6.10 2.91 -4.34
N PRO A 25 5.25 2.50 -5.27
CA PRO A 25 4.00 1.82 -4.94
C PRO A 25 4.19 0.30 -4.75
N ILE A 26 3.58 -0.23 -3.71
CA ILE A 26 3.64 -1.65 -3.40
C ILE A 26 2.25 -2.14 -2.94
N PRO A 27 1.96 -3.45 -3.06
CA PRO A 27 0.65 -4.00 -2.65
C PRO A 27 0.46 -3.95 -1.14
N HIS A 28 -0.74 -4.26 -0.69
CA HIS A 28 -1.05 -4.24 0.71
C HIS A 28 -0.83 -5.63 1.28
N PRO A 29 -0.12 -5.75 2.42
CA PRO A 29 0.20 -7.04 3.05
C PRO A 29 -1.04 -7.91 3.27
N GLY A 30 -2.08 -7.32 3.87
CA GLY A 30 -3.32 -8.04 4.10
C GLY A 30 -4.02 -8.47 2.82
N ASN A 31 -4.49 -7.51 2.03
CA ASN A 31 -5.17 -7.80 0.78
C ASN A 31 -4.47 -7.17 -0.42
N VAL A 32 -3.90 -8.02 -1.26
CA VAL A 32 -3.22 -7.58 -2.50
C VAL A 32 -4.17 -6.81 -3.45
N HIS A 33 -5.47 -6.90 -3.21
CA HIS A 33 -6.47 -6.17 -4.02
C HIS A 33 -6.33 -4.65 -3.81
N LYS A 34 -5.46 -4.28 -2.90
CA LYS A 34 -5.20 -2.89 -2.60
C LYS A 34 -3.71 -2.69 -2.49
N TYR A 35 -3.26 -1.48 -2.71
CA TYR A 35 -1.85 -1.19 -2.65
C TYR A 35 -1.62 0.16 -2.02
N ILE A 36 -0.39 0.46 -1.71
CA ILE A 36 -0.05 1.72 -1.10
C ILE A 36 1.02 2.42 -1.92
N ILE A 37 0.91 3.72 -2.04
CA ILE A 37 1.90 4.50 -2.71
C ILE A 37 2.81 5.11 -1.66
N CYS A 38 4.06 4.74 -1.71
CA CYS A 38 5.03 5.22 -0.74
C CYS A 38 5.90 6.29 -1.39
N SER A 39 5.93 7.46 -0.79
CA SER A 39 6.74 8.54 -1.32
C SER A 39 7.49 9.24 -0.20
N LYS A 40 8.66 9.73 -0.51
CA LYS A 40 9.47 10.39 0.50
C LYS A 40 9.70 11.85 0.13
N SER A 41 9.13 12.73 0.92
CA SER A 41 9.27 14.15 0.74
C SER A 41 10.36 14.69 1.66
N GLY A 42 11.59 14.38 1.30
CA GLY A 42 12.71 14.81 2.11
C GLY A 42 12.89 13.88 3.28
N SER A 43 12.40 14.29 4.43
CA SER A 43 12.46 13.46 5.61
C SER A 43 11.04 13.05 6.05
N LEU A 44 10.05 13.40 5.24
CA LEU A 44 8.66 13.11 5.54
C LEU A 44 8.08 12.14 4.53
N TRP A 45 7.61 11.01 5.00
CA TRP A 45 7.03 10.02 4.11
C TRP A 45 5.53 10.23 3.93
N TYR A 46 5.10 10.20 2.67
CA TYR A 46 3.69 10.28 2.33
C TYR A 46 3.21 8.95 1.79
N ILE A 47 2.17 8.45 2.38
CA ILE A 47 1.61 7.17 1.99
C ILE A 47 0.12 7.27 1.67
N THR A 48 -0.34 6.42 0.77
CA THR A 48 -1.76 6.38 0.41
C THR A 48 -2.15 4.97 -0.04
N VAL A 49 -3.16 4.39 0.61
CA VAL A 49 -3.62 3.06 0.24
C VAL A 49 -4.79 3.14 -0.75
N MET A 50 -4.54 2.72 -1.97
CA MET A 50 -5.52 2.76 -3.04
C MET A 50 -5.91 1.34 -3.46
N PRO A 51 -7.17 1.13 -3.81
CA PRO A 51 -7.65 -0.18 -4.25
C PRO A 51 -7.49 -0.38 -5.76
N CYS A 52 -7.19 -1.61 -6.16
CA CYS A 52 -7.09 -1.94 -7.57
C CYS A 52 -8.47 -2.24 -8.14
N SER A 53 -8.55 -2.39 -9.45
CA SER A 53 -9.80 -2.74 -10.09
C SER A 53 -10.29 -4.09 -9.58
N ILE A 54 -11.57 -4.29 -9.59
CA ILE A 54 -12.16 -5.53 -9.14
C ILE A 54 -11.70 -6.68 -10.05
N GLY A 55 -11.12 -7.68 -9.43
CA GLY A 55 -10.59 -8.80 -10.19
C GLY A 55 -9.09 -8.71 -10.39
N THR A 56 -8.51 -7.54 -10.11
CA THR A 56 -7.08 -7.37 -10.27
C THR A 56 -6.37 -7.19 -8.92
N LYS A 57 -5.13 -7.64 -8.87
CA LYS A 57 -4.28 -7.54 -7.70
C LYS A 57 -3.04 -6.75 -8.06
N PHE A 58 -2.52 -5.96 -7.13
CA PHE A 58 -1.36 -5.13 -7.41
C PHE A 58 -0.05 -5.91 -7.28
N ASP A 59 0.84 -5.72 -8.24
CA ASP A 59 2.15 -6.35 -8.21
C ASP A 59 3.21 -5.33 -7.82
N PRO A 60 4.06 -5.67 -6.84
CA PRO A 60 5.09 -4.74 -6.32
C PRO A 60 6.16 -4.35 -7.33
N ILE A 61 6.64 -5.31 -8.09
CA ILE A 61 7.73 -5.05 -9.02
C ILE A 61 7.25 -4.34 -10.28
N SER A 62 6.21 -4.87 -10.92
CA SER A 62 5.69 -4.27 -12.14
C SER A 62 5.00 -2.93 -11.86
N ARG A 63 4.43 -2.82 -10.65
CA ARG A 63 3.83 -1.58 -10.18
C ARG A 63 2.52 -1.28 -10.90
N ASN A 64 1.66 -2.27 -10.98
CA ASN A 64 0.36 -2.12 -11.59
C ASN A 64 -0.55 -3.24 -11.12
N CYS A 65 -1.80 -3.20 -11.54
CA CYS A 65 -2.74 -4.23 -11.10
C CYS A 65 -2.92 -5.25 -12.21
N VAL A 66 -2.69 -6.51 -11.88
CA VAL A 66 -2.82 -7.60 -12.84
C VAL A 66 -4.00 -8.47 -12.46
N LEU A 67 -4.51 -9.24 -13.40
CA LEU A 67 -5.65 -10.08 -13.14
C LEU A 67 -5.34 -11.14 -12.09
N ASP A 68 -6.23 -11.29 -11.14
CA ASP A 68 -6.07 -12.28 -10.11
C ASP A 68 -6.88 -13.49 -10.49
N ASN A 69 -6.24 -14.40 -11.18
CA ASN A 69 -6.90 -15.58 -11.67
C ASN A 69 -6.27 -16.80 -11.06
N GLY A 1 1.81 11.17 16.31
CA GLY A 1 0.98 10.39 15.36
C GLY A 1 1.82 9.74 14.28
N PRO A 2 1.22 8.93 13.40
CA PRO A 2 1.93 8.27 12.30
C PRO A 2 2.64 9.26 11.38
N LEU A 3 3.92 9.01 11.13
CA LEU A 3 4.71 9.89 10.28
C LEU A 3 4.76 9.37 8.86
N GLY A 4 4.07 8.26 8.60
CA GLY A 4 4.07 7.68 7.28
C GLY A 4 5.00 6.48 7.21
N SER A 5 5.80 6.31 8.25
CA SER A 5 6.75 5.22 8.33
C SER A 5 6.03 3.91 8.65
N ASP A 6 4.95 4.02 9.42
CA ASP A 6 4.14 2.86 9.83
C ASP A 6 2.71 3.31 10.07
N LEU A 7 1.86 3.08 9.09
CA LEU A 7 0.46 3.46 9.22
C LEU A 7 -0.42 2.22 9.30
N ILE A 8 -1.36 2.24 10.20
CA ILE A 8 -2.26 1.13 10.35
C ILE A 8 -3.58 1.44 9.67
N VAL A 9 -4.21 0.43 9.10
CA VAL A 9 -5.48 0.58 8.41
C VAL A 9 -6.38 -0.60 8.71
N HIS A 10 -7.62 -0.52 8.30
CA HIS A 10 -8.57 -1.60 8.56
C HIS A 10 -9.03 -2.27 7.28
N GLU A 11 -8.66 -3.53 7.11
CA GLU A 11 -9.12 -4.32 5.98
C GLU A 11 -10.03 -5.42 6.50
N GLY A 12 -11.32 -5.32 6.17
CA GLY A 12 -12.28 -6.29 6.68
C GLY A 12 -12.53 -6.07 8.16
N GLY A 13 -12.07 -4.93 8.64
CA GLY A 13 -12.18 -4.60 10.03
C GLY A 13 -10.89 -4.85 10.79
N LYS A 14 -10.02 -5.64 10.20
CA LYS A 14 -8.76 -6.02 10.84
C LYS A 14 -7.69 -4.99 10.55
N THR A 15 -6.85 -4.72 11.53
CA THR A 15 -5.80 -3.76 11.39
C THR A 15 -4.55 -4.34 10.76
N TYR A 16 -4.03 -3.65 9.76
CA TYR A 16 -2.81 -4.04 9.10
C TYR A 16 -1.87 -2.86 9.04
N HIS A 17 -0.59 -3.10 9.28
CA HIS A 17 0.40 -2.04 9.26
C HIS A 17 0.98 -1.88 7.86
N VAL A 18 1.25 -0.65 7.50
CA VAL A 18 1.83 -0.33 6.22
C VAL A 18 3.19 0.30 6.44
N VAL A 19 4.21 -0.29 5.87
CA VAL A 19 5.56 0.19 6.02
C VAL A 19 6.18 0.42 4.66
N CYS A 20 6.78 1.57 4.45
CA CYS A 20 7.40 1.89 3.19
C CYS A 20 8.90 1.78 3.31
N HIS A 21 9.45 0.83 2.61
CA HIS A 21 10.88 0.57 2.65
C HIS A 21 11.61 1.49 1.70
N GLU A 22 10.90 1.96 0.70
CA GLU A 22 11.45 2.84 -0.31
C GLU A 22 10.32 3.58 -1.01
N GLU A 23 10.66 4.47 -1.91
CA GLU A 23 9.66 5.20 -2.66
C GLU A 23 9.12 4.34 -3.80
N GLY A 24 7.84 4.46 -4.05
CA GLY A 24 7.22 3.67 -5.08
C GLY A 24 5.95 3.00 -4.60
N PRO A 25 5.16 2.45 -5.52
CA PRO A 25 3.92 1.77 -5.19
C PRO A 25 4.13 0.26 -4.92
N ILE A 26 3.54 -0.21 -3.84
CA ILE A 26 3.60 -1.62 -3.47
C ILE A 26 2.23 -2.07 -2.97
N PRO A 27 1.92 -3.38 -3.02
CA PRO A 27 0.61 -3.88 -2.61
C PRO A 27 0.39 -3.76 -1.11
N HIS A 28 -0.81 -4.03 -0.68
CA HIS A 28 -1.14 -3.96 0.71
C HIS A 28 -0.90 -5.34 1.32
N PRO A 29 -0.11 -5.41 2.41
CA PRO A 29 0.29 -6.69 3.02
C PRO A 29 -0.88 -7.59 3.37
N GLY A 30 -1.91 -7.01 3.95
CA GLY A 30 -3.06 -7.79 4.35
C GLY A 30 -4.18 -7.78 3.34
N ASN A 31 -3.98 -7.14 2.19
CA ASN A 31 -5.01 -7.08 1.18
C ASN A 31 -4.45 -6.68 -0.18
N VAL A 32 -3.99 -7.67 -0.95
CA VAL A 32 -3.44 -7.44 -2.30
C VAL A 32 -4.41 -6.69 -3.24
N HIS A 33 -5.67 -6.55 -2.84
CA HIS A 33 -6.64 -5.80 -3.64
C HIS A 33 -6.43 -4.28 -3.47
N LYS A 34 -5.45 -3.94 -2.67
CA LYS A 34 -5.10 -2.55 -2.41
C LYS A 34 -3.60 -2.38 -2.51
N TYR A 35 -3.16 -1.18 -2.79
CA TYR A 35 -1.75 -0.89 -2.84
C TYR A 35 -1.48 0.49 -2.26
N ILE A 36 -0.25 0.74 -1.91
CA ILE A 36 0.11 2.00 -1.32
C ILE A 36 1.20 2.67 -2.12
N ILE A 37 1.09 3.97 -2.28
CA ILE A 37 2.12 4.73 -2.97
C ILE A 37 3.00 5.37 -1.93
N CYS A 38 4.26 5.03 -1.93
CA CYS A 38 5.18 5.55 -0.96
C CYS A 38 5.99 6.68 -1.55
N SER A 39 5.93 7.83 -0.91
CA SER A 39 6.66 8.99 -1.36
C SER A 39 7.41 9.60 -0.18
N LYS A 40 8.64 10.04 -0.42
CA LYS A 40 9.45 10.61 0.63
C LYS A 40 9.71 12.09 0.35
N SER A 41 9.17 12.93 1.22
CA SER A 41 9.34 14.35 1.09
C SER A 41 10.41 14.82 2.07
N GLY A 42 11.65 14.65 1.66
CA GLY A 42 12.75 15.06 2.50
C GLY A 42 12.98 14.08 3.63
N SER A 43 12.49 14.44 4.80
CA SER A 43 12.65 13.59 5.98
C SER A 43 11.31 13.03 6.43
N LEU A 44 10.27 13.31 5.65
CA LEU A 44 8.94 12.89 6.00
C LEU A 44 8.33 12.05 4.89
N TRP A 45 7.72 10.93 5.27
CA TRP A 45 7.10 10.05 4.31
C TRP A 45 5.61 10.32 4.20
N TYR A 46 5.13 10.40 2.98
CA TYR A 46 3.73 10.57 2.71
C TYR A 46 3.23 9.43 1.86
N ILE A 47 2.25 8.73 2.37
CA ILE A 47 1.75 7.54 1.70
C ILE A 47 0.27 7.65 1.38
N THR A 48 -0.15 6.90 0.40
CA THR A 48 -1.54 6.87 0.00
C THR A 48 -1.95 5.45 -0.36
N VAL A 49 -2.98 4.93 0.30
CA VAL A 49 -3.43 3.58 0.03
C VAL A 49 -4.61 3.59 -0.95
N MET A 50 -4.32 3.21 -2.17
CA MET A 50 -5.32 3.19 -3.23
C MET A 50 -5.72 1.74 -3.53
N PRO A 51 -7.01 1.50 -3.76
CA PRO A 51 -7.51 0.18 -4.09
C PRO A 51 -7.40 -0.12 -5.58
N CYS A 52 -7.12 -1.36 -5.91
CA CYS A 52 -7.06 -1.79 -7.31
C CYS A 52 -8.44 -2.05 -7.82
N SER A 53 -8.57 -2.12 -9.14
CA SER A 53 -9.84 -2.43 -9.76
C SER A 53 -10.37 -3.76 -9.22
N ILE A 54 -11.66 -3.87 -9.16
CA ILE A 54 -12.28 -5.07 -8.65
C ILE A 54 -11.93 -6.25 -9.55
N GLY A 55 -11.46 -7.32 -8.94
CA GLY A 55 -11.04 -8.48 -9.70
C GLY A 55 -9.54 -8.49 -9.95
N THR A 56 -8.86 -7.40 -9.63
CA THR A 56 -7.43 -7.32 -9.85
C THR A 56 -6.68 -7.12 -8.52
N LYS A 57 -5.44 -7.55 -8.48
CA LYS A 57 -4.60 -7.45 -7.29
C LYS A 57 -3.26 -6.84 -7.67
N PHE A 58 -2.70 -6.06 -6.78
CA PHE A 58 -1.45 -5.35 -7.07
C PHE A 58 -0.23 -6.23 -6.80
N ASP A 59 0.73 -6.17 -7.72
CA ASP A 59 1.98 -6.90 -7.58
C ASP A 59 3.11 -5.92 -7.30
N PRO A 60 3.99 -6.23 -6.32
CA PRO A 60 5.07 -5.32 -5.90
C PRO A 60 6.15 -5.13 -6.96
N ILE A 61 6.46 -6.21 -7.65
CA ILE A 61 7.53 -6.17 -8.64
C ILE A 61 7.08 -5.51 -9.92
N SER A 62 5.99 -5.97 -10.51
CA SER A 62 5.49 -5.38 -11.73
C SER A 62 4.94 -3.96 -11.47
N ARG A 63 4.43 -3.74 -10.25
CA ARG A 63 3.95 -2.43 -9.81
C ARG A 63 2.65 -2.04 -10.51
N ASN A 64 1.76 -2.99 -10.64
CA ASN A 64 0.46 -2.76 -11.24
C ASN A 64 -0.50 -3.81 -10.74
N CYS A 65 -1.77 -3.69 -11.08
CA CYS A 65 -2.75 -4.65 -10.62
C CYS A 65 -3.05 -5.66 -11.74
N VAL A 66 -2.89 -6.92 -11.43
CA VAL A 66 -3.13 -7.98 -12.39
C VAL A 66 -4.42 -8.71 -12.06
N LEU A 67 -4.99 -9.40 -13.02
CA LEU A 67 -6.23 -10.12 -12.81
C LEU A 67 -6.07 -11.21 -11.77
N ASP A 68 -6.83 -11.11 -10.70
CA ASP A 68 -6.83 -12.13 -9.67
C ASP A 68 -7.67 -13.29 -10.12
N ASN A 69 -7.02 -14.23 -10.76
CA ASN A 69 -7.66 -15.39 -11.32
C ASN A 69 -7.26 -16.64 -10.56
N GLY A 1 -2.94 10.08 15.03
CA GLY A 1 -2.97 10.86 13.77
C GLY A 1 -2.31 10.11 12.63
N PRO A 2 -1.81 10.81 11.61
CA PRO A 2 -1.13 10.19 10.49
C PRO A 2 0.29 9.78 10.85
N LEU A 3 0.81 8.80 10.15
CA LEU A 3 2.16 8.31 10.40
C LEU A 3 2.88 8.11 9.08
N GLY A 4 4.20 8.12 9.13
CA GLY A 4 4.99 7.98 7.94
C GLY A 4 5.69 6.65 7.85
N SER A 5 6.36 6.28 8.94
CA SER A 5 7.10 5.02 8.98
C SER A 5 6.16 3.84 8.80
N ASP A 6 5.03 3.88 9.50
CA ASP A 6 4.03 2.82 9.38
C ASP A 6 2.66 3.34 9.77
N LEU A 7 1.77 3.37 8.80
CA LEU A 7 0.40 3.80 9.05
C LEU A 7 -0.47 2.58 9.26
N ILE A 8 -1.39 2.67 10.21
CA ILE A 8 -2.27 1.57 10.47
C ILE A 8 -3.61 1.82 9.80
N VAL A 9 -4.24 0.76 9.35
CA VAL A 9 -5.52 0.86 8.68
C VAL A 9 -6.39 -0.34 9.07
N HIS A 10 -7.63 -0.34 8.61
CA HIS A 10 -8.54 -1.43 8.90
C HIS A 10 -8.97 -2.18 7.66
N GLU A 11 -8.68 -3.46 7.65
CA GLU A 11 -9.09 -4.33 6.56
C GLU A 11 -9.85 -5.52 7.13
N GLY A 12 -11.12 -5.62 6.76
CA GLY A 12 -11.94 -6.70 7.28
C GLY A 12 -12.19 -6.54 8.77
N GLY A 13 -12.07 -5.31 9.24
CA GLY A 13 -12.23 -5.02 10.65
C GLY A 13 -10.92 -5.03 11.40
N LYS A 14 -9.96 -5.81 10.91
CA LYS A 14 -8.67 -5.95 11.59
C LYS A 14 -7.72 -4.84 11.19
N THR A 15 -6.76 -4.54 12.06
CA THR A 15 -5.79 -3.51 11.81
C THR A 15 -4.53 -4.07 11.13
N TYR A 16 -4.04 -3.34 10.14
CA TYR A 16 -2.83 -3.74 9.42
C TYR A 16 -1.90 -2.54 9.32
N HIS A 17 -0.62 -2.79 9.38
CA HIS A 17 0.37 -1.73 9.29
C HIS A 17 0.92 -1.64 7.88
N VAL A 18 1.18 -0.43 7.45
CA VAL A 18 1.77 -0.21 6.14
C VAL A 18 3.14 0.38 6.33
N VAL A 19 4.14 -0.32 5.87
CA VAL A 19 5.51 0.11 6.02
C VAL A 19 6.14 0.26 4.64
N CYS A 20 6.89 1.31 4.44
CA CYS A 20 7.52 1.54 3.16
C CYS A 20 9.04 1.46 3.28
N HIS A 21 9.61 0.45 2.64
CA HIS A 21 11.05 0.23 2.68
C HIS A 21 11.78 1.12 1.68
N GLU A 22 11.06 1.56 0.65
CA GLU A 22 11.66 2.40 -0.39
C GLU A 22 10.60 3.25 -1.07
N GLU A 23 11.02 4.21 -1.86
CA GLU A 23 10.12 5.09 -2.57
C GLU A 23 9.49 4.37 -3.77
N GLY A 24 8.20 4.09 -3.68
CA GLY A 24 7.51 3.41 -4.76
C GLY A 24 6.21 2.81 -4.30
N PRO A 25 5.35 2.41 -5.25
CA PRO A 25 4.07 1.79 -4.94
C PRO A 25 4.19 0.27 -4.74
N ILE A 26 3.54 -0.22 -3.70
CA ILE A 26 3.55 -1.66 -3.39
C ILE A 26 2.16 -2.11 -2.93
N PRO A 27 1.85 -3.42 -3.05
CA PRO A 27 0.53 -3.96 -2.64
C PRO A 27 0.28 -3.81 -1.14
N HIS A 28 -0.96 -4.07 -0.73
CA HIS A 28 -1.33 -3.92 0.66
C HIS A 28 -1.21 -5.28 1.37
N PRO A 29 -0.68 -5.29 2.60
CA PRO A 29 -0.48 -6.52 3.39
C PRO A 29 -1.75 -7.38 3.51
N GLY A 30 -2.85 -6.75 3.91
CA GLY A 30 -4.09 -7.47 4.06
C GLY A 30 -4.70 -7.87 2.73
N ASN A 31 -5.09 -6.88 1.93
CA ASN A 31 -5.69 -7.15 0.64
C ASN A 31 -4.82 -6.64 -0.49
N VAL A 32 -4.13 -7.55 -1.18
CA VAL A 32 -3.35 -7.20 -2.37
C VAL A 32 -4.22 -6.50 -3.44
N HIS A 33 -5.54 -6.54 -3.25
CA HIS A 33 -6.49 -5.85 -4.12
C HIS A 33 -6.32 -4.32 -3.99
N LYS A 34 -5.51 -3.92 -3.03
CA LYS A 34 -5.24 -2.53 -2.78
C LYS A 34 -3.75 -2.34 -2.72
N TYR A 35 -3.31 -1.13 -2.96
CA TYR A 35 -1.89 -0.87 -2.92
C TYR A 35 -1.61 0.49 -2.31
N ILE A 36 -0.36 0.74 -1.99
CA ILE A 36 0.02 1.99 -1.39
C ILE A 36 1.14 2.63 -2.18
N ILE A 37 1.06 3.93 -2.34
CA ILE A 37 2.11 4.67 -2.99
C ILE A 37 2.98 5.29 -1.92
N CYS A 38 4.22 4.88 -1.86
CA CYS A 38 5.11 5.43 -0.86
C CYS A 38 5.90 6.56 -1.47
N SER A 39 5.79 7.73 -0.90
CA SER A 39 6.48 8.89 -1.40
C SER A 39 7.22 9.59 -0.27
N LYS A 40 8.31 10.22 -0.62
CA LYS A 40 9.12 10.94 0.35
C LYS A 40 8.90 12.42 0.27
N SER A 41 8.87 13.04 1.41
CA SER A 41 8.80 14.47 1.51
C SER A 41 9.97 14.91 2.36
N GLY A 42 11.11 14.98 1.73
CA GLY A 42 12.32 15.27 2.44
C GLY A 42 12.76 14.09 3.26
N SER A 43 12.56 14.17 4.56
CA SER A 43 12.90 13.09 5.46
C SER A 43 11.66 12.47 6.07
N LEU A 44 10.50 12.74 5.49
CA LEU A 44 9.25 12.23 6.01
C LEU A 44 8.54 11.39 4.96
N TRP A 45 7.90 10.32 5.40
CA TRP A 45 7.17 9.46 4.49
C TRP A 45 5.71 9.87 4.37
N TYR A 46 5.24 9.93 3.14
CA TYR A 46 3.83 10.16 2.86
C TYR A 46 3.32 9.03 2.00
N ILE A 47 2.31 8.36 2.48
CA ILE A 47 1.77 7.22 1.76
C ILE A 47 0.32 7.44 1.40
N THR A 48 -0.12 6.74 0.37
CA THR A 48 -1.49 6.81 -0.07
C THR A 48 -1.97 5.43 -0.48
N VAL A 49 -3.00 4.91 0.17
CA VAL A 49 -3.50 3.60 -0.15
C VAL A 49 -4.65 3.67 -1.15
N MET A 50 -4.37 3.25 -2.36
CA MET A 50 -5.34 3.25 -3.42
C MET A 50 -5.79 1.83 -3.73
N PRO A 51 -7.10 1.59 -3.74
CA PRO A 51 -7.65 0.30 -4.10
C PRO A 51 -7.66 0.12 -5.61
N CYS A 52 -7.38 -1.08 -6.08
CA CYS A 52 -7.38 -1.33 -7.50
C CYS A 52 -8.74 -1.86 -7.95
N SER A 53 -8.86 -2.16 -9.24
CA SER A 53 -10.08 -2.64 -9.80
C SER A 53 -10.45 -4.00 -9.20
N ILE A 54 -11.73 -4.24 -9.06
CA ILE A 54 -12.23 -5.49 -8.51
C ILE A 54 -11.82 -6.65 -9.41
N GLY A 55 -11.24 -7.67 -8.81
CA GLY A 55 -10.78 -8.80 -9.57
C GLY A 55 -9.32 -8.70 -9.95
N THR A 56 -8.67 -7.59 -9.62
CA THR A 56 -7.26 -7.42 -9.90
C THR A 56 -6.49 -7.01 -8.66
N LYS A 57 -5.23 -7.39 -8.60
CA LYS A 57 -4.38 -7.08 -7.47
C LYS A 57 -3.11 -6.42 -7.95
N PHE A 58 -2.49 -5.65 -7.09
CA PHE A 58 -1.28 -4.93 -7.43
C PHE A 58 -0.03 -5.80 -7.18
N ASP A 59 0.89 -5.76 -8.13
CA ASP A 59 2.14 -6.52 -8.03
C ASP A 59 3.26 -5.59 -7.54
N PRO A 60 4.06 -6.05 -6.57
CA PRO A 60 5.13 -5.24 -5.96
C PRO A 60 6.23 -4.81 -6.95
N ILE A 61 6.77 -5.75 -7.69
CA ILE A 61 7.88 -5.45 -8.59
C ILE A 61 7.40 -4.85 -9.91
N SER A 62 6.39 -5.46 -10.51
CA SER A 62 5.87 -4.97 -11.78
C SER A 62 5.23 -3.60 -11.61
N ARG A 63 4.61 -3.41 -10.44
CA ARG A 63 3.98 -2.14 -10.07
C ARG A 63 2.79 -1.86 -10.97
N ASN A 64 1.91 -2.83 -11.04
CA ASN A 64 0.70 -2.74 -11.83
C ASN A 64 -0.34 -3.71 -11.29
N CYS A 65 -1.53 -3.70 -11.85
CA CYS A 65 -2.57 -4.61 -11.43
C CYS A 65 -2.74 -5.78 -12.39
N VAL A 66 -2.77 -6.98 -11.83
CA VAL A 66 -2.98 -8.20 -12.59
C VAL A 66 -4.16 -8.97 -12.00
N LEU A 67 -4.68 -9.96 -12.74
CA LEU A 67 -5.82 -10.76 -12.25
C LEU A 67 -5.57 -11.30 -10.84
N ASP A 68 -6.43 -10.90 -9.92
CA ASP A 68 -6.36 -11.36 -8.55
C ASP A 68 -7.11 -12.67 -8.45
N ASN A 69 -6.38 -13.75 -8.65
CA ASN A 69 -6.96 -15.07 -8.64
C ASN A 69 -5.93 -16.06 -8.13
N GLY A 1 0.60 10.90 18.14
CA GLY A 1 1.58 10.08 17.38
C GLY A 1 1.39 10.23 15.89
N PRO A 2 2.02 11.25 15.27
CA PRO A 2 1.89 11.51 13.83
C PRO A 2 2.51 10.38 13.00
N LEU A 3 1.66 9.61 12.36
CA LEU A 3 2.12 8.50 11.55
C LEU A 3 2.40 8.91 10.12
N GLY A 4 3.00 8.00 9.39
CA GLY A 4 3.37 8.24 8.01
C GLY A 4 4.47 7.31 7.60
N SER A 5 5.42 7.15 8.50
CA SER A 5 6.52 6.24 8.30
C SER A 5 6.03 4.80 8.51
N ASP A 6 5.19 4.64 9.53
CA ASP A 6 4.57 3.36 9.85
C ASP A 6 3.10 3.61 10.15
N LEU A 7 2.28 3.60 9.12
CA LEU A 7 0.86 3.89 9.29
C LEU A 7 0.09 2.61 9.54
N ILE A 8 -0.97 2.73 10.30
CA ILE A 8 -1.83 1.60 10.53
C ILE A 8 -3.12 1.79 9.74
N VAL A 9 -3.66 0.70 9.24
CA VAL A 9 -4.86 0.75 8.43
C VAL A 9 -5.86 -0.29 8.93
N HIS A 10 -7.12 -0.09 8.62
CA HIS A 10 -8.17 -0.99 9.06
C HIS A 10 -8.85 -1.68 7.90
N GLU A 11 -8.49 -2.92 7.67
CA GLU A 11 -9.08 -3.71 6.59
C GLU A 11 -9.81 -4.91 7.18
N GLY A 12 -11.13 -4.92 7.01
CA GLY A 12 -11.94 -6.03 7.52
C GLY A 12 -11.95 -6.09 9.03
N GLY A 13 -11.68 -4.95 9.66
CA GLY A 13 -11.65 -4.89 11.11
C GLY A 13 -10.28 -5.19 11.67
N LYS A 14 -9.35 -5.56 10.81
CA LYS A 14 -8.01 -5.89 11.24
C LYS A 14 -7.08 -4.73 10.99
N THR A 15 -6.27 -4.42 11.97
CA THR A 15 -5.32 -3.34 11.86
C THR A 15 -4.00 -3.82 11.25
N TYR A 16 -3.77 -3.43 10.03
CA TYR A 16 -2.54 -3.79 9.35
C TYR A 16 -1.60 -2.61 9.37
N HIS A 17 -0.32 -2.89 9.44
CA HIS A 17 0.69 -1.83 9.41
C HIS A 17 1.25 -1.67 8.02
N VAL A 18 1.46 -0.44 7.62
CA VAL A 18 2.04 -0.13 6.34
C VAL A 18 3.30 0.67 6.53
N VAL A 19 4.40 0.12 6.08
CA VAL A 19 5.67 0.77 6.18
C VAL A 19 6.34 0.76 4.82
N CYS A 20 6.87 1.88 4.41
CA CYS A 20 7.50 1.98 3.12
C CYS A 20 9.00 2.19 3.26
N HIS A 21 9.77 1.31 2.66
CA HIS A 21 11.23 1.39 2.68
C HIS A 21 11.70 1.96 1.36
N GLU A 22 10.86 1.84 0.35
CA GLU A 22 11.16 2.32 -0.98
C GLU A 22 10.04 3.18 -1.48
N GLU A 23 10.37 4.20 -2.22
CA GLU A 23 9.39 5.07 -2.80
C GLU A 23 8.73 4.39 -3.99
N GLY A 24 7.43 4.54 -4.10
CA GLY A 24 6.70 3.90 -5.16
C GLY A 24 5.47 3.19 -4.66
N PRO A 25 4.65 2.68 -5.56
CA PRO A 25 3.43 1.95 -5.19
C PRO A 25 3.68 0.46 -4.96
N ILE A 26 3.12 -0.05 -3.86
CA ILE A 26 3.24 -1.46 -3.51
C ILE A 26 1.88 -1.99 -3.03
N PRO A 27 1.64 -3.31 -3.10
CA PRO A 27 0.34 -3.89 -2.70
C PRO A 27 0.04 -3.74 -1.20
N HIS A 28 -1.21 -3.90 -0.86
CA HIS A 28 -1.65 -3.80 0.51
C HIS A 28 -1.61 -5.18 1.17
N PRO A 29 -0.83 -5.33 2.26
CA PRO A 29 -0.62 -6.63 2.94
C PRO A 29 -1.92 -7.24 3.48
N GLY A 30 -2.96 -6.43 3.60
CA GLY A 30 -4.22 -6.92 4.10
C GLY A 30 -5.13 -7.43 3.00
N ASN A 31 -4.91 -6.94 1.79
CA ASN A 31 -5.71 -7.33 0.62
C ASN A 31 -5.05 -6.85 -0.66
N VAL A 32 -4.48 -7.80 -1.40
CA VAL A 32 -3.78 -7.51 -2.68
C VAL A 32 -4.63 -6.72 -3.69
N HIS A 33 -5.93 -6.57 -3.42
CA HIS A 33 -6.81 -5.81 -4.30
C HIS A 33 -6.68 -4.31 -4.04
N LYS A 34 -5.78 -3.97 -3.13
CA LYS A 34 -5.50 -2.58 -2.80
C LYS A 34 -4.00 -2.38 -2.75
N TYR A 35 -3.56 -1.17 -2.93
CA TYR A 35 -2.15 -0.88 -2.89
C TYR A 35 -1.90 0.48 -2.23
N ILE A 36 -0.67 0.73 -1.87
CA ILE A 36 -0.31 1.98 -1.24
C ILE A 36 0.77 2.68 -2.04
N ILE A 37 0.63 3.97 -2.19
CA ILE A 37 1.63 4.77 -2.87
C ILE A 37 2.55 5.37 -1.82
N CYS A 38 3.83 5.09 -1.92
CA CYS A 38 4.79 5.59 -0.95
C CYS A 38 5.61 6.72 -1.57
N SER A 39 5.65 7.85 -0.90
CA SER A 39 6.40 9.00 -1.37
C SER A 39 7.36 9.48 -0.29
N LYS A 40 8.61 9.70 -0.65
CA LYS A 40 9.60 10.15 0.30
C LYS A 40 9.78 11.66 0.23
N SER A 41 9.41 12.34 1.30
CA SER A 41 9.56 13.77 1.38
C SER A 41 10.59 14.15 2.43
N GLY A 42 11.85 14.04 2.05
CA GLY A 42 12.93 14.36 2.96
C GLY A 42 13.09 13.28 4.00
N SER A 43 12.55 13.51 5.18
CA SER A 43 12.61 12.53 6.25
C SER A 43 11.22 12.00 6.57
N LEU A 44 10.25 12.43 5.79
CA LEU A 44 8.87 12.08 6.05
C LEU A 44 8.28 11.28 4.91
N TRP A 45 7.63 10.19 5.22
CA TRP A 45 6.98 9.38 4.21
C TRP A 45 5.52 9.77 4.07
N TYR A 46 5.09 9.96 2.84
CA TYR A 46 3.70 10.20 2.53
C TYR A 46 3.14 8.99 1.86
N ILE A 47 2.04 8.51 2.37
CA ILE A 47 1.44 7.29 1.86
C ILE A 47 -0.06 7.42 1.63
N THR A 48 -0.56 6.63 0.70
CA THR A 48 -1.97 6.61 0.40
C THR A 48 -2.39 5.23 -0.09
N VAL A 49 -3.42 4.65 0.52
CA VAL A 49 -3.87 3.32 0.15
C VAL A 49 -5.08 3.40 -0.79
N MET A 50 -4.84 3.10 -2.04
CA MET A 50 -5.87 3.13 -3.05
C MET A 50 -6.24 1.72 -3.49
N PRO A 51 -7.55 1.46 -3.71
CA PRO A 51 -8.01 0.17 -4.20
C PRO A 51 -7.88 0.06 -5.71
N CYS A 52 -7.50 -1.10 -6.19
CA CYS A 52 -7.35 -1.30 -7.62
C CYS A 52 -8.62 -1.87 -8.23
N SER A 53 -8.56 -2.18 -9.51
CA SER A 53 -9.67 -2.76 -10.22
C SER A 53 -10.05 -4.11 -9.60
N ILE A 54 -11.34 -4.34 -9.46
CA ILE A 54 -11.82 -5.59 -8.93
C ILE A 54 -11.48 -6.72 -9.91
N GLY A 55 -11.07 -7.85 -9.37
CA GLY A 55 -10.64 -8.94 -10.21
C GLY A 55 -9.14 -8.94 -10.44
N THR A 56 -8.48 -7.82 -10.12
CA THR A 56 -7.05 -7.73 -10.31
C THR A 56 -6.35 -7.52 -8.98
N LYS A 57 -5.07 -7.83 -8.94
CA LYS A 57 -4.27 -7.68 -7.75
C LYS A 57 -3.01 -6.91 -8.07
N PHE A 58 -2.52 -6.15 -7.13
CA PHE A 58 -1.34 -5.35 -7.34
C PHE A 58 -0.07 -6.16 -7.02
N ASP A 59 0.92 -6.04 -7.90
CA ASP A 59 2.19 -6.74 -7.71
C ASP A 59 3.24 -5.75 -7.20
N PRO A 60 4.03 -6.17 -6.18
CA PRO A 60 5.04 -5.30 -5.56
C PRO A 60 6.19 -4.94 -6.48
N ILE A 61 6.66 -5.89 -7.25
CA ILE A 61 7.80 -5.66 -8.11
C ILE A 61 7.39 -4.97 -9.40
N SER A 62 6.41 -5.52 -10.09
CA SER A 62 5.92 -4.94 -11.32
C SER A 62 5.32 -3.56 -11.06
N ARG A 63 4.67 -3.44 -9.92
CA ARG A 63 4.07 -2.17 -9.46
C ARG A 63 2.87 -1.79 -10.32
N ASN A 64 2.05 -2.78 -10.62
CA ASN A 64 0.84 -2.58 -11.39
C ASN A 64 -0.13 -3.68 -11.03
N CYS A 65 -1.32 -3.64 -11.59
CA CYS A 65 -2.33 -4.62 -11.26
C CYS A 65 -2.45 -5.67 -12.35
N VAL A 66 -2.34 -6.91 -11.94
CA VAL A 66 -2.44 -8.05 -12.82
C VAL A 66 -3.68 -8.87 -12.47
N LEU A 67 -4.16 -9.67 -13.41
CA LEU A 67 -5.33 -10.51 -13.20
C LEU A 67 -5.15 -11.40 -11.97
N ASP A 68 -6.07 -11.29 -11.04
CA ASP A 68 -6.03 -12.08 -9.82
C ASP A 68 -6.75 -13.39 -9.98
N ASN A 69 -5.99 -14.44 -10.18
CA ASN A 69 -6.53 -15.78 -10.31
C ASN A 69 -5.62 -16.77 -9.59
N GLY A 1 -2.69 4.97 14.77
CA GLY A 1 -1.25 5.28 14.72
C GLY A 1 -0.96 6.39 13.71
N PRO A 2 -0.97 7.66 14.15
CA PRO A 2 -0.73 8.82 13.27
C PRO A 2 0.75 9.03 12.96
N LEU A 3 1.44 7.94 12.67
CA LEU A 3 2.86 7.99 12.38
C LEU A 3 3.10 8.22 10.89
N GLY A 4 4.35 8.18 10.49
CA GLY A 4 4.68 8.36 9.10
C GLY A 4 5.38 7.15 8.53
N SER A 5 6.25 6.57 9.33
CA SER A 5 7.00 5.39 8.93
C SER A 5 6.13 4.13 9.00
N ASP A 6 5.19 4.11 9.95
CA ASP A 6 4.34 2.94 10.18
C ASP A 6 2.90 3.40 10.42
N LEU A 7 2.08 3.31 9.41
CA LEU A 7 0.68 3.71 9.52
C LEU A 7 -0.20 2.49 9.69
N ILE A 8 -1.28 2.65 10.44
CA ILE A 8 -2.20 1.55 10.63
C ILE A 8 -3.51 1.81 9.91
N VAL A 9 -4.15 0.75 9.45
CA VAL A 9 -5.41 0.83 8.74
C VAL A 9 -6.28 -0.36 9.15
N HIS A 10 -7.51 -0.39 8.69
CA HIS A 10 -8.42 -1.46 9.08
C HIS A 10 -9.06 -2.14 7.87
N GLU A 11 -8.64 -3.35 7.61
CA GLU A 11 -9.17 -4.16 6.51
C GLU A 11 -9.85 -5.40 7.05
N GLY A 12 -11.16 -5.47 6.88
CA GLY A 12 -11.91 -6.63 7.34
C GLY A 12 -11.92 -6.75 8.85
N GLY A 13 -11.89 -5.62 9.53
CA GLY A 13 -11.91 -5.61 10.98
C GLY A 13 -10.53 -5.76 11.60
N LYS A 14 -9.54 -6.11 10.79
CA LYS A 14 -8.18 -6.29 11.28
C LYS A 14 -7.34 -5.06 11.00
N THR A 15 -6.55 -4.67 12.00
CA THR A 15 -5.68 -3.51 11.86
C THR A 15 -4.34 -3.90 11.24
N TYR A 16 -4.13 -3.50 9.99
CA TYR A 16 -2.89 -3.79 9.30
C TYR A 16 -1.98 -2.59 9.30
N HIS A 17 -0.69 -2.84 9.39
CA HIS A 17 0.29 -1.78 9.37
C HIS A 17 0.89 -1.65 7.99
N VAL A 18 1.19 -0.44 7.61
CA VAL A 18 1.79 -0.15 6.33
C VAL A 18 3.11 0.56 6.55
N VAL A 19 4.17 -0.08 6.12
CA VAL A 19 5.50 0.46 6.24
C VAL A 19 6.14 0.54 4.88
N CYS A 20 6.73 1.66 4.56
CA CYS A 20 7.37 1.83 3.28
C CYS A 20 8.87 1.74 3.42
N HIS A 21 9.45 0.71 2.84
CA HIS A 21 10.87 0.46 2.92
C HIS A 21 11.62 1.35 1.93
N GLU A 22 10.91 1.81 0.92
CA GLU A 22 11.48 2.66 -0.10
C GLU A 22 10.38 3.39 -0.84
N GLU A 23 10.74 4.28 -1.74
CA GLU A 23 9.77 5.04 -2.51
C GLU A 23 9.19 4.18 -3.62
N GLY A 24 7.92 4.38 -3.91
CA GLY A 24 7.26 3.62 -4.95
C GLY A 24 5.99 2.95 -4.45
N PRO A 25 5.14 2.49 -5.37
CA PRO A 25 3.89 1.81 -5.02
C PRO A 25 4.07 0.30 -4.81
N ILE A 26 3.41 -0.22 -3.77
CA ILE A 26 3.43 -1.65 -3.45
C ILE A 26 2.05 -2.10 -2.99
N PRO A 27 1.72 -3.41 -3.09
CA PRO A 27 0.41 -3.95 -2.69
C PRO A 27 0.13 -3.80 -1.20
N HIS A 28 -1.10 -4.00 -0.80
CA HIS A 28 -1.52 -3.87 0.57
C HIS A 28 -1.44 -5.23 1.26
N PRO A 29 -0.76 -5.31 2.42
CA PRO A 29 -0.54 -6.59 3.15
C PRO A 29 -1.85 -7.23 3.63
N GLY A 30 -2.90 -6.45 3.72
CA GLY A 30 -4.18 -6.96 4.20
C GLY A 30 -5.12 -7.37 3.07
N ASN A 31 -4.84 -6.88 1.86
CA ASN A 31 -5.68 -7.19 0.69
C ASN A 31 -5.00 -6.73 -0.59
N VAL A 32 -4.46 -7.68 -1.34
CA VAL A 32 -3.79 -7.41 -2.63
C VAL A 32 -4.66 -6.62 -3.64
N HIS A 33 -5.95 -6.50 -3.36
CA HIS A 33 -6.84 -5.71 -4.22
C HIS A 33 -6.63 -4.21 -4.00
N LYS A 34 -5.71 -3.89 -3.11
CA LYS A 34 -5.37 -2.50 -2.80
C LYS A 34 -3.87 -2.36 -2.74
N TYR A 35 -3.39 -1.16 -2.95
CA TYR A 35 -1.98 -0.90 -2.90
C TYR A 35 -1.70 0.45 -2.27
N ILE A 36 -0.46 0.72 -1.94
CA ILE A 36 -0.10 1.97 -1.34
C ILE A 36 1.01 2.63 -2.14
N ILE A 37 0.93 3.93 -2.30
CA ILE A 37 1.97 4.68 -2.96
C ILE A 37 2.86 5.29 -1.92
N CYS A 38 4.11 4.92 -1.92
CA CYS A 38 5.05 5.42 -0.94
C CYS A 38 5.88 6.53 -1.54
N SER A 39 5.86 7.68 -0.91
CA SER A 39 6.64 8.80 -1.36
C SER A 39 7.38 9.41 -0.18
N LYS A 40 8.61 9.81 -0.41
CA LYS A 40 9.40 10.38 0.66
C LYS A 40 9.73 11.83 0.36
N SER A 41 9.08 12.71 1.07
CA SER A 41 9.30 14.14 0.92
C SER A 41 10.42 14.57 1.85
N GLY A 42 11.65 14.41 1.38
CA GLY A 42 12.79 14.75 2.17
C GLY A 42 13.02 13.72 3.26
N SER A 43 12.59 14.05 4.46
CA SER A 43 12.71 13.15 5.59
C SER A 43 11.33 12.73 6.07
N LEU A 44 10.31 13.20 5.36
CA LEU A 44 8.95 12.96 5.74
C LEU A 44 8.29 11.97 4.79
N TRP A 45 7.78 10.88 5.32
CA TRP A 45 7.13 9.89 4.48
C TRP A 45 5.65 10.22 4.29
N TYR A 46 5.22 10.21 3.05
CA TYR A 46 3.81 10.37 2.72
C TYR A 46 3.33 9.18 1.93
N ILE A 47 2.28 8.56 2.41
CA ILE A 47 1.74 7.38 1.76
C ILE A 47 0.28 7.57 1.42
N THR A 48 -0.20 6.82 0.47
CA THR A 48 -1.60 6.85 0.09
C THR A 48 -2.05 5.46 -0.33
N VAL A 49 -3.05 4.93 0.34
CA VAL A 49 -3.53 3.59 0.03
C VAL A 49 -4.70 3.65 -0.95
N MET A 50 -4.43 3.27 -2.16
CA MET A 50 -5.42 3.30 -3.22
C MET A 50 -5.89 1.89 -3.57
N PRO A 51 -7.19 1.71 -3.72
CA PRO A 51 -7.75 0.43 -4.14
C PRO A 51 -7.68 0.28 -5.65
N CYS A 52 -7.34 -0.91 -6.11
CA CYS A 52 -7.29 -1.14 -7.53
C CYS A 52 -8.61 -1.74 -7.98
N SER A 53 -8.71 -2.03 -9.26
CA SER A 53 -9.91 -2.59 -9.80
C SER A 53 -10.18 -3.97 -9.19
N ILE A 54 -11.42 -4.21 -8.82
CA ILE A 54 -11.79 -5.48 -8.26
C ILE A 54 -11.56 -6.57 -9.30
N GLY A 55 -11.09 -7.71 -8.87
CA GLY A 55 -10.74 -8.76 -9.80
C GLY A 55 -9.29 -8.70 -10.23
N THR A 56 -8.60 -7.62 -9.90
CA THR A 56 -7.20 -7.49 -10.20
C THR A 56 -6.41 -7.18 -8.93
N LYS A 57 -5.15 -7.58 -8.92
CA LYS A 57 -4.31 -7.37 -7.75
C LYS A 57 -3.04 -6.65 -8.13
N PHE A 58 -2.53 -5.84 -7.24
CA PHE A 58 -1.32 -5.08 -7.50
C PHE A 58 -0.08 -5.91 -7.20
N ASP A 59 0.85 -5.92 -8.13
CA ASP A 59 2.10 -6.66 -7.98
C ASP A 59 3.20 -5.72 -7.50
N PRO A 60 3.98 -6.13 -6.49
CA PRO A 60 5.04 -5.30 -5.90
C PRO A 60 6.22 -5.03 -6.86
N ILE A 61 6.63 -6.05 -7.58
CA ILE A 61 7.77 -5.93 -8.49
C ILE A 61 7.38 -5.25 -9.80
N SER A 62 6.34 -5.77 -10.45
CA SER A 62 5.88 -5.21 -11.71
C SER A 62 5.31 -3.81 -11.48
N ARG A 63 4.67 -3.64 -10.33
CA ARG A 63 4.08 -2.37 -9.91
C ARG A 63 2.92 -1.99 -10.81
N ASN A 64 1.97 -2.90 -10.89
CA ASN A 64 0.77 -2.72 -11.68
C ASN A 64 -0.27 -3.72 -11.21
N CYS A 65 -1.47 -3.63 -11.74
CA CYS A 65 -2.52 -4.55 -11.36
C CYS A 65 -2.71 -5.62 -12.43
N VAL A 66 -2.66 -6.87 -12.01
CA VAL A 66 -2.82 -7.99 -12.90
C VAL A 66 -4.01 -8.85 -12.47
N LEU A 67 -4.39 -9.80 -13.32
CA LEU A 67 -5.50 -10.72 -13.02
C LEU A 67 -5.32 -11.36 -11.65
N ASP A 68 -6.26 -11.08 -10.76
CA ASP A 68 -6.22 -11.62 -9.41
C ASP A 68 -6.85 -13.00 -9.36
N ASN A 69 -6.02 -14.00 -9.36
CA ASN A 69 -6.46 -15.35 -9.20
C ASN A 69 -6.28 -15.77 -7.75
N GLY A 1 2.36 14.44 9.92
CA GLY A 1 2.24 13.99 11.31
C GLY A 1 3.51 13.32 11.77
N PRO A 2 3.57 12.87 13.04
CA PRO A 2 4.74 12.18 13.58
C PRO A 2 5.02 10.88 12.84
N LEU A 3 3.96 10.25 12.36
CA LEU A 3 4.06 9.02 11.63
C LEU A 3 4.14 9.29 10.13
N GLY A 4 4.47 8.27 9.39
CA GLY A 4 4.59 8.39 7.95
C GLY A 4 5.45 7.29 7.40
N SER A 5 6.37 6.83 8.22
CA SER A 5 7.25 5.74 7.84
C SER A 5 6.47 4.43 7.90
N ASP A 6 5.48 4.40 8.79
CA ASP A 6 4.62 3.25 8.98
C ASP A 6 3.23 3.70 9.40
N LEU A 7 2.25 3.20 8.70
CA LEU A 7 0.86 3.50 9.02
C LEU A 7 0.05 2.26 9.20
N ILE A 8 -0.78 2.22 10.22
CA ILE A 8 -1.66 1.11 10.43
C ILE A 8 -3.00 1.45 9.80
N VAL A 9 -3.66 0.46 9.25
CA VAL A 9 -4.92 0.67 8.57
C VAL A 9 -5.94 -0.35 9.05
N HIS A 10 -7.16 -0.21 8.60
CA HIS A 10 -8.23 -1.10 9.01
C HIS A 10 -8.86 -1.79 7.81
N GLU A 11 -8.50 -3.03 7.58
CA GLU A 11 -9.06 -3.81 6.49
C GLU A 11 -9.93 -4.91 7.04
N GLY A 12 -11.22 -4.86 6.71
CA GLY A 12 -12.14 -5.86 7.21
C GLY A 12 -12.26 -5.84 8.71
N GLY A 13 -12.06 -4.66 9.29
CA GLY A 13 -12.13 -4.51 10.72
C GLY A 13 -10.83 -4.86 11.44
N LYS A 14 -9.89 -5.42 10.70
CA LYS A 14 -8.61 -5.81 11.28
C LYS A 14 -7.53 -4.79 10.96
N THR A 15 -6.68 -4.55 11.94
CA THR A 15 -5.60 -3.61 11.77
C THR A 15 -4.41 -4.24 11.08
N TYR A 16 -4.01 -3.66 9.96
CA TYR A 16 -2.85 -4.12 9.23
C TYR A 16 -1.83 -3.01 9.18
N HIS A 17 -0.57 -3.36 9.27
CA HIS A 17 0.51 -2.39 9.27
C HIS A 17 1.04 -2.19 7.87
N VAL A 18 1.33 -0.95 7.53
CA VAL A 18 1.91 -0.62 6.25
C VAL A 18 3.25 0.05 6.47
N VAL A 19 4.29 -0.57 5.98
CA VAL A 19 5.64 -0.07 6.15
C VAL A 19 6.31 0.05 4.79
N CYS A 20 6.97 1.17 4.55
CA CYS A 20 7.62 1.39 3.29
C CYS A 20 9.12 1.48 3.48
N HIS A 21 9.85 0.60 2.81
CA HIS A 21 11.30 0.58 2.91
C HIS A 21 11.92 1.48 1.86
N GLU A 22 11.13 1.79 0.83
CA GLU A 22 11.58 2.60 -0.29
C GLU A 22 10.41 3.38 -0.86
N GLU A 23 10.70 4.31 -1.75
CA GLU A 23 9.67 5.09 -2.40
C GLU A 23 9.18 4.37 -3.64
N GLY A 24 7.93 3.96 -3.61
CA GLY A 24 7.35 3.27 -4.73
C GLY A 24 6.04 2.63 -4.37
N PRO A 25 5.26 2.21 -5.36
CA PRO A 25 3.98 1.56 -5.13
C PRO A 25 4.11 0.04 -4.94
N ILE A 26 3.49 -0.46 -3.88
CA ILE A 26 3.48 -1.88 -3.58
C ILE A 26 2.10 -2.31 -3.07
N PRO A 27 1.74 -3.60 -3.17
CA PRO A 27 0.42 -4.09 -2.76
C PRO A 27 0.17 -3.97 -1.27
N HIS A 28 -1.08 -4.15 -0.87
CA HIS A 28 -1.48 -4.05 0.51
C HIS A 28 -1.42 -5.44 1.14
N PRO A 29 -0.67 -5.61 2.25
CA PRO A 29 -0.43 -6.91 2.89
C PRO A 29 -1.72 -7.63 3.34
N GLY A 30 -2.73 -6.86 3.69
CA GLY A 30 -3.97 -7.46 4.17
C GLY A 30 -4.96 -7.74 3.06
N ASN A 31 -4.74 -7.13 1.90
CA ASN A 31 -5.65 -7.27 0.77
C ASN A 31 -5.00 -6.72 -0.49
N VAL A 32 -4.44 -7.62 -1.30
CA VAL A 32 -3.77 -7.25 -2.56
C VAL A 32 -4.67 -6.46 -3.54
N HIS A 33 -5.98 -6.41 -3.25
CA HIS A 33 -6.92 -5.61 -4.05
C HIS A 33 -6.66 -4.11 -3.84
N LYS A 34 -5.68 -3.81 -3.01
CA LYS A 34 -5.29 -2.45 -2.71
C LYS A 34 -3.78 -2.35 -2.76
N TYR A 35 -3.29 -1.16 -2.96
CA TYR A 35 -1.86 -0.94 -2.96
C TYR A 35 -1.54 0.39 -2.32
N ILE A 36 -0.28 0.60 -1.99
CA ILE A 36 0.13 1.82 -1.36
C ILE A 36 1.23 2.49 -2.16
N ILE A 37 1.17 3.79 -2.25
CA ILE A 37 2.20 4.55 -2.89
C ILE A 37 3.04 5.19 -1.82
N CYS A 38 4.28 4.78 -1.73
CA CYS A 38 5.16 5.31 -0.71
C CYS A 38 6.00 6.43 -1.28
N SER A 39 5.91 7.59 -0.66
CA SER A 39 6.65 8.75 -1.13
C SER A 39 7.32 9.47 0.01
N LYS A 40 8.49 10.02 -0.25
CA LYS A 40 9.22 10.76 0.75
C LYS A 40 9.24 12.23 0.38
N SER A 41 8.71 13.04 1.26
CA SER A 41 8.68 14.47 1.06
C SER A 41 9.76 15.13 1.91
N GLY A 42 10.95 15.19 1.37
CA GLY A 42 12.06 15.76 2.08
C GLY A 42 12.46 14.92 3.28
N SER A 43 12.04 15.35 4.45
CA SER A 43 12.34 14.64 5.68
C SER A 43 11.09 13.98 6.27
N LEU A 44 9.98 14.03 5.54
CA LEU A 44 8.74 13.45 6.03
C LEU A 44 8.19 12.44 5.03
N TRP A 45 7.75 11.30 5.52
CA TRP A 45 7.19 10.26 4.66
C TRP A 45 5.67 10.35 4.55
N TYR A 46 5.16 10.22 3.34
CA TYR A 46 3.73 10.20 3.09
C TYR A 46 3.35 8.99 2.25
N ILE A 47 2.35 8.25 2.70
CA ILE A 47 1.91 7.08 1.98
C ILE A 47 0.42 7.17 1.67
N THR A 48 0.03 6.60 0.55
CA THR A 48 -1.36 6.64 0.12
C THR A 48 -1.82 5.24 -0.29
N VAL A 49 -2.89 4.75 0.32
CA VAL A 49 -3.40 3.43 -0.03
C VAL A 49 -4.59 3.54 -1.01
N MET A 50 -4.34 3.16 -2.24
CA MET A 50 -5.32 3.22 -3.28
C MET A 50 -5.83 1.84 -3.63
N PRO A 51 -7.15 1.65 -3.67
CA PRO A 51 -7.74 0.39 -4.06
C PRO A 51 -7.75 0.25 -5.58
N CYS A 52 -7.36 -0.91 -6.06
CA CYS A 52 -7.32 -1.12 -7.49
C CYS A 52 -8.66 -1.63 -7.99
N SER A 53 -8.73 -1.91 -9.27
CA SER A 53 -9.93 -2.40 -9.88
C SER A 53 -10.32 -3.76 -9.32
N ILE A 54 -11.62 -4.00 -9.26
CA ILE A 54 -12.14 -5.26 -8.79
C ILE A 54 -11.74 -6.37 -9.75
N GLY A 55 -11.37 -7.51 -9.19
CA GLY A 55 -10.92 -8.61 -9.99
C GLY A 55 -9.44 -8.57 -10.27
N THR A 56 -8.79 -7.44 -9.98
CA THR A 56 -7.36 -7.32 -10.19
C THR A 56 -6.64 -7.06 -8.87
N LYS A 57 -5.38 -7.40 -8.82
CA LYS A 57 -4.56 -7.21 -7.64
C LYS A 57 -3.23 -6.57 -8.03
N PHE A 58 -2.65 -5.85 -7.11
CA PHE A 58 -1.39 -5.17 -7.39
C PHE A 58 -0.19 -6.10 -7.12
N ASP A 59 0.76 -6.08 -8.03
CA ASP A 59 1.99 -6.87 -7.92
C ASP A 59 3.13 -5.97 -7.44
N PRO A 60 3.93 -6.44 -6.46
CA PRO A 60 5.03 -5.65 -5.89
C PRO A 60 6.24 -5.49 -6.82
N ILE A 61 6.49 -6.50 -7.63
CA ILE A 61 7.63 -6.48 -8.53
C ILE A 61 7.34 -5.68 -9.79
N SER A 62 6.28 -6.04 -10.49
CA SER A 62 5.93 -5.33 -11.71
C SER A 62 5.36 -3.95 -11.41
N ARG A 63 4.69 -3.84 -10.25
CA ARG A 63 4.11 -2.58 -9.79
C ARG A 63 2.93 -2.18 -10.66
N ASN A 64 2.03 -3.11 -10.86
CA ASN A 64 0.83 -2.89 -11.64
C ASN A 64 -0.26 -3.82 -11.14
N CYS A 65 -1.45 -3.70 -11.69
CA CYS A 65 -2.54 -4.57 -11.29
C CYS A 65 -2.75 -5.66 -12.33
N VAL A 66 -2.75 -6.89 -11.86
CA VAL A 66 -2.94 -8.04 -12.72
C VAL A 66 -4.18 -8.80 -12.28
N LEU A 67 -4.63 -9.72 -13.13
CA LEU A 67 -5.81 -10.54 -12.83
C LEU A 67 -5.64 -11.26 -11.48
N ASP A 68 -6.50 -10.93 -10.53
CA ASP A 68 -6.44 -11.50 -9.20
C ASP A 68 -7.08 -12.88 -9.16
N ASN A 69 -6.27 -13.90 -9.36
CA ASN A 69 -6.71 -15.28 -9.29
C ASN A 69 -5.51 -16.20 -9.35
N GLY A 1 -2.27 11.52 16.46
CA GLY A 1 -1.95 11.94 15.08
C GLY A 1 -1.48 10.78 14.23
N PRO A 2 -1.36 10.96 12.91
CA PRO A 2 -0.91 9.91 12.00
C PRO A 2 0.56 9.57 12.19
N LEU A 3 0.85 8.31 12.44
CA LEU A 3 2.24 7.87 12.62
C LEU A 3 3.00 7.92 11.31
N GLY A 4 4.31 8.01 11.41
CA GLY A 4 5.13 8.13 10.22
C GLY A 4 5.83 6.85 9.84
N SER A 5 6.48 6.22 10.81
CA SER A 5 7.19 4.99 10.59
C SER A 5 6.25 3.91 10.06
N ASP A 6 5.06 3.86 10.61
CA ASP A 6 4.06 2.91 10.19
C ASP A 6 2.67 3.45 10.37
N LEU A 7 1.94 3.48 9.28
CA LEU A 7 0.58 3.97 9.26
C LEU A 7 -0.36 2.78 9.33
N ILE A 8 -1.28 2.80 10.27
CA ILE A 8 -2.18 1.69 10.46
C ILE A 8 -3.44 1.86 9.62
N VAL A 9 -3.95 0.75 9.14
CA VAL A 9 -5.15 0.71 8.34
C VAL A 9 -6.08 -0.37 8.89
N HIS A 10 -7.31 -0.38 8.43
CA HIS A 10 -8.28 -1.36 8.91
C HIS A 10 -8.93 -2.10 7.76
N GLU A 11 -8.65 -3.39 7.67
CA GLU A 11 -9.20 -4.22 6.62
C GLU A 11 -10.03 -5.35 7.20
N GLY A 12 -11.35 -5.19 7.16
CA GLY A 12 -12.24 -6.22 7.66
C GLY A 12 -12.11 -6.42 9.16
N GLY A 13 -11.97 -5.33 9.89
CA GLY A 13 -11.84 -5.40 11.33
C GLY A 13 -10.43 -5.65 11.78
N LYS A 14 -9.53 -5.95 10.84
CA LYS A 14 -8.16 -6.24 11.17
C LYS A 14 -7.28 -5.03 10.92
N THR A 15 -6.51 -4.67 11.91
CA THR A 15 -5.60 -3.56 11.79
C THR A 15 -4.26 -4.00 11.20
N TYR A 16 -3.83 -3.32 10.16
CA TYR A 16 -2.57 -3.62 9.52
C TYR A 16 -1.67 -2.40 9.54
N HIS A 17 -0.39 -2.63 9.60
CA HIS A 17 0.58 -1.54 9.62
C HIS A 17 1.22 -1.40 8.24
N VAL A 18 1.48 -0.17 7.84
CA VAL A 18 2.10 0.12 6.56
C VAL A 18 3.44 0.82 6.75
N VAL A 19 4.47 0.26 6.16
CA VAL A 19 5.80 0.81 6.25
C VAL A 19 6.54 0.64 4.92
N CYS A 20 7.16 1.70 4.44
CA CYS A 20 7.90 1.66 3.20
C CYS A 20 9.30 2.21 3.38
N HIS A 21 10.29 1.48 2.90
CA HIS A 21 11.68 1.91 3.00
C HIS A 21 12.18 2.40 1.65
N GLU A 22 11.39 2.15 0.63
CA GLU A 22 11.71 2.55 -0.73
C GLU A 22 10.54 3.33 -1.31
N GLU A 23 10.83 4.33 -2.10
CA GLU A 23 9.80 5.15 -2.70
C GLU A 23 9.17 4.44 -3.90
N GLY A 24 7.95 4.02 -3.75
CA GLY A 24 7.26 3.34 -4.80
C GLY A 24 5.98 2.71 -4.30
N PRO A 25 5.12 2.25 -5.21
CA PRO A 25 3.88 1.58 -4.87
C PRO A 25 4.06 0.08 -4.64
N ILE A 26 3.42 -0.43 -3.61
CA ILE A 26 3.45 -1.85 -3.28
C ILE A 26 2.05 -2.31 -2.85
N PRO A 27 1.75 -3.62 -2.94
CA PRO A 27 0.42 -4.15 -2.60
C PRO A 27 0.07 -3.95 -1.12
N HIS A 28 -1.18 -4.18 -0.79
CA HIS A 28 -1.65 -4.03 0.57
C HIS A 28 -1.55 -5.37 1.28
N PRO A 29 -0.82 -5.43 2.41
CA PRO A 29 -0.58 -6.68 3.17
C PRO A 29 -1.87 -7.36 3.66
N GLY A 30 -2.94 -6.60 3.78
CA GLY A 30 -4.19 -7.16 4.26
C GLY A 30 -5.13 -7.58 3.14
N ASN A 31 -4.88 -7.09 1.94
CA ASN A 31 -5.72 -7.38 0.77
C ASN A 31 -5.05 -6.93 -0.52
N VAL A 32 -4.47 -7.88 -1.24
CA VAL A 32 -3.76 -7.62 -2.51
C VAL A 32 -4.61 -6.83 -3.54
N HIS A 33 -5.92 -6.77 -3.35
CA HIS A 33 -6.81 -6.00 -4.25
C HIS A 33 -6.66 -4.50 -4.04
N LYS A 34 -5.71 -4.14 -3.19
CA LYS A 34 -5.41 -2.76 -2.89
C LYS A 34 -3.92 -2.59 -2.79
N TYR A 35 -3.45 -1.39 -2.95
CA TYR A 35 -2.05 -1.11 -2.87
C TYR A 35 -1.79 0.21 -2.20
N ILE A 36 -0.54 0.51 -1.96
CA ILE A 36 -0.16 1.72 -1.31
C ILE A 36 0.93 2.41 -2.10
N ILE A 37 0.84 3.71 -2.22
CA ILE A 37 1.87 4.48 -2.88
C ILE A 37 2.70 5.14 -1.82
N CYS A 38 3.95 4.81 -1.77
CA CYS A 38 4.82 5.35 -0.76
C CYS A 38 5.78 6.36 -1.37
N SER A 39 5.75 7.56 -0.84
CA SER A 39 6.59 8.62 -1.33
C SER A 39 7.30 9.29 -0.17
N LYS A 40 8.49 9.78 -0.40
CA LYS A 40 9.25 10.41 0.64
C LYS A 40 9.49 11.87 0.31
N SER A 41 8.88 12.73 1.10
CA SER A 41 9.00 14.15 0.93
C SER A 41 10.10 14.64 1.86
N GLY A 42 11.26 14.87 1.29
CA GLY A 42 12.40 15.25 2.08
C GLY A 42 12.79 14.14 3.03
N SER A 43 12.47 14.31 4.30
CA SER A 43 12.77 13.30 5.30
C SER A 43 11.49 12.69 5.89
N LEU A 44 10.34 12.98 5.29
CA LEU A 44 9.06 12.50 5.82
C LEU A 44 8.32 11.66 4.77
N TRP A 45 7.79 10.53 5.19
CA TRP A 45 7.10 9.62 4.28
C TRP A 45 5.60 9.88 4.24
N TYR A 46 5.06 9.92 3.03
CA TYR A 46 3.64 10.04 2.81
C TYR A 46 3.14 8.82 2.08
N ILE A 47 2.13 8.17 2.62
CA ILE A 47 1.60 6.97 2.01
C ILE A 47 0.12 7.11 1.72
N THR A 48 -0.31 6.48 0.64
CA THR A 48 -1.70 6.50 0.25
C THR A 48 -2.15 5.11 -0.18
N VAL A 49 -3.18 4.58 0.45
CA VAL A 49 -3.67 3.25 0.10
C VAL A 49 -4.83 3.37 -0.89
N MET A 50 -4.57 2.94 -2.11
CA MET A 50 -5.56 2.98 -3.18
C MET A 50 -6.00 1.58 -3.58
N PRO A 51 -7.23 1.42 -4.06
CA PRO A 51 -7.73 0.14 -4.51
C PRO A 51 -7.43 -0.12 -6.00
N CYS A 52 -7.14 -1.36 -6.33
CA CYS A 52 -6.91 -1.75 -7.72
C CYS A 52 -8.22 -1.93 -8.44
N SER A 53 -8.15 -2.06 -9.76
CA SER A 53 -9.32 -2.33 -10.56
C SER A 53 -10.05 -3.57 -10.05
N ILE A 54 -11.36 -3.57 -10.16
CA ILE A 54 -12.15 -4.68 -9.69
C ILE A 54 -11.79 -5.96 -10.44
N GLY A 55 -11.40 -6.97 -9.68
CA GLY A 55 -10.99 -8.22 -10.28
C GLY A 55 -9.49 -8.32 -10.49
N THR A 56 -8.75 -7.32 -10.02
CA THR A 56 -7.30 -7.33 -10.17
C THR A 56 -6.59 -7.28 -8.81
N LYS A 57 -5.29 -7.53 -8.82
CA LYS A 57 -4.48 -7.51 -7.63
C LYS A 57 -3.14 -6.83 -7.94
N PHE A 58 -2.59 -6.11 -6.99
CA PHE A 58 -1.35 -5.37 -7.22
C PHE A 58 -0.12 -6.25 -6.98
N ASP A 59 0.82 -6.19 -7.92
CA ASP A 59 2.07 -6.94 -7.81
C ASP A 59 3.18 -6.00 -7.33
N PRO A 60 3.94 -6.42 -6.30
CA PRO A 60 4.99 -5.59 -5.68
C PRO A 60 6.13 -5.22 -6.63
N ILE A 61 6.57 -6.17 -7.42
CA ILE A 61 7.70 -5.93 -8.30
C ILE A 61 7.27 -5.22 -9.56
N SER A 62 6.22 -5.71 -10.20
CA SER A 62 5.72 -5.09 -11.42
C SER A 62 5.21 -3.68 -11.14
N ARG A 63 4.65 -3.49 -9.94
CA ARG A 63 4.15 -2.20 -9.49
C ARG A 63 2.93 -1.76 -10.28
N ASN A 64 2.03 -2.71 -10.51
CA ASN A 64 0.77 -2.46 -11.19
C ASN A 64 -0.22 -3.55 -10.80
N CYS A 65 -1.47 -3.39 -11.18
CA CYS A 65 -2.48 -4.38 -10.82
C CYS A 65 -2.77 -5.30 -12.00
N VAL A 66 -2.65 -6.60 -11.76
CA VAL A 66 -2.90 -7.60 -12.80
C VAL A 66 -4.18 -8.36 -12.46
N LEU A 67 -4.73 -9.06 -13.44
CA LEU A 67 -5.96 -9.81 -13.24
C LEU A 67 -5.81 -10.86 -12.14
N ASP A 68 -6.60 -10.74 -11.10
CA ASP A 68 -6.56 -11.67 -9.98
C ASP A 68 -7.37 -12.91 -10.29
N ASN A 69 -6.69 -13.95 -10.73
CA ASN A 69 -7.35 -15.19 -11.11
C ASN A 69 -6.54 -16.39 -10.66
N GLY A 1 1.18 12.07 14.29
CA GLY A 1 0.21 11.36 13.45
C GLY A 1 0.89 10.46 12.43
N PRO A 2 0.45 10.49 11.17
CA PRO A 2 1.06 9.70 10.10
C PRO A 2 2.49 10.15 9.80
N LEU A 3 3.46 9.42 10.35
CA LEU A 3 4.87 9.73 10.14
C LEU A 3 5.38 9.07 8.88
N GLY A 4 4.64 8.09 8.40
CA GLY A 4 5.00 7.40 7.19
C GLY A 4 5.81 6.15 7.42
N SER A 5 6.44 6.05 8.59
CA SER A 5 7.23 4.89 8.94
C SER A 5 6.33 3.66 9.05
N ASP A 6 5.10 3.88 9.51
CA ASP A 6 4.08 2.84 9.57
C ASP A 6 2.71 3.48 9.76
N LEU A 7 1.88 3.35 8.75
CA LEU A 7 0.54 3.90 8.77
C LEU A 7 -0.45 2.77 9.03
N ILE A 8 -1.39 2.98 9.92
CA ILE A 8 -2.34 1.93 10.25
C ILE A 8 -3.63 2.08 9.44
N VAL A 9 -4.16 0.95 9.02
CA VAL A 9 -5.36 0.91 8.22
C VAL A 9 -6.36 -0.08 8.81
N HIS A 10 -7.61 0.05 8.45
CA HIS A 10 -8.66 -0.82 8.96
C HIS A 10 -9.27 -1.63 7.82
N GLU A 11 -8.89 -2.89 7.72
CA GLU A 11 -9.40 -3.77 6.68
C GLU A 11 -10.32 -4.82 7.29
N GLY A 12 -11.61 -4.65 7.09
CA GLY A 12 -12.58 -5.59 7.64
C GLY A 12 -12.49 -5.68 9.14
N GLY A 13 -12.32 -4.54 9.77
CA GLY A 13 -12.19 -4.48 11.21
C GLY A 13 -10.79 -4.80 11.70
N LYS A 14 -9.96 -5.36 10.83
CA LYS A 14 -8.61 -5.73 11.20
C LYS A 14 -7.65 -4.59 10.95
N THR A 15 -6.91 -4.23 11.96
CA THR A 15 -5.93 -3.18 11.85
C THR A 15 -4.62 -3.69 11.27
N TYR A 16 -4.21 -3.12 10.16
CA TYR A 16 -2.95 -3.49 9.53
C TYR A 16 -2.01 -2.30 9.51
N HIS A 17 -0.74 -2.57 9.47
CA HIS A 17 0.27 -1.53 9.37
C HIS A 17 0.86 -1.49 7.98
N VAL A 18 1.10 -0.31 7.49
CA VAL A 18 1.68 -0.13 6.17
C VAL A 18 3.03 0.52 6.33
N VAL A 19 4.05 -0.15 5.85
CA VAL A 19 5.39 0.34 5.96
C VAL A 19 6.02 0.40 4.58
N CYS A 20 6.62 1.52 4.24
CA CYS A 20 7.26 1.66 2.96
C CYS A 20 8.75 1.79 3.14
N HIS A 21 9.47 0.78 2.70
CA HIS A 21 10.91 0.77 2.83
C HIS A 21 11.56 1.39 1.60
N GLU A 22 10.80 1.48 0.53
CA GLU A 22 11.27 2.02 -0.73
C GLU A 22 10.22 2.94 -1.32
N GLU A 23 10.68 3.92 -2.08
CA GLU A 23 9.77 4.86 -2.73
C GLU A 23 9.09 4.21 -3.93
N GLY A 24 7.82 4.51 -4.12
CA GLY A 24 7.09 3.93 -5.23
C GLY A 24 5.82 3.23 -4.78
N PRO A 25 4.98 2.80 -5.72
CA PRO A 25 3.75 2.08 -5.43
C PRO A 25 3.96 0.58 -5.21
N ILE A 26 3.41 0.06 -4.14
CA ILE A 26 3.51 -1.37 -3.81
C ILE A 26 2.15 -1.88 -3.31
N PRO A 27 1.90 -3.21 -3.38
CA PRO A 27 0.63 -3.80 -2.92
C PRO A 27 0.40 -3.64 -1.41
N HIS A 28 -0.80 -3.94 -0.98
CA HIS A 28 -1.19 -3.82 0.41
C HIS A 28 -0.94 -5.16 1.13
N PRO A 29 -0.24 -5.14 2.28
CA PRO A 29 0.14 -6.37 3.03
C PRO A 29 -1.06 -7.28 3.33
N GLY A 30 -2.15 -6.70 3.77
CA GLY A 30 -3.34 -7.46 4.07
C GLY A 30 -4.01 -8.01 2.84
N ASN A 31 -4.46 -7.11 1.99
CA ASN A 31 -5.14 -7.48 0.75
C ASN A 31 -4.44 -6.88 -0.46
N VAL A 32 -3.76 -7.74 -1.23
CA VAL A 32 -3.07 -7.33 -2.47
C VAL A 32 -4.01 -6.65 -3.49
N HIS A 33 -5.31 -6.72 -3.24
CA HIS A 33 -6.30 -6.05 -4.10
C HIS A 33 -6.27 -4.54 -3.89
N LYS A 34 -5.35 -4.11 -3.05
CA LYS A 34 -5.14 -2.71 -2.76
C LYS A 34 -3.66 -2.43 -2.88
N TYR A 35 -3.31 -1.20 -3.12
CA TYR A 35 -1.91 -0.84 -3.19
C TYR A 35 -1.69 0.52 -2.57
N ILE A 36 -0.46 0.80 -2.23
CA ILE A 36 -0.13 2.06 -1.60
C ILE A 36 0.92 2.78 -2.41
N ILE A 37 0.78 4.07 -2.50
CA ILE A 37 1.77 4.88 -3.16
C ILE A 37 2.67 5.45 -2.09
N CYS A 38 3.90 5.02 -2.08
CA CYS A 38 4.83 5.46 -1.08
C CYS A 38 5.70 6.59 -1.60
N SER A 39 5.65 7.71 -0.92
CA SER A 39 6.44 8.85 -1.29
C SER A 39 7.25 9.32 -0.10
N LYS A 40 8.50 9.65 -0.33
CA LYS A 40 9.37 10.08 0.74
C LYS A 40 9.64 11.56 0.62
N SER A 41 9.31 12.29 1.66
CA SER A 41 9.53 13.71 1.71
C SER A 41 10.52 14.02 2.82
N GLY A 42 11.75 14.35 2.45
CA GLY A 42 12.79 14.57 3.43
C GLY A 42 13.03 13.35 4.29
N SER A 43 12.67 13.44 5.56
CA SER A 43 12.84 12.34 6.49
C SER A 43 11.47 11.81 6.93
N LEU A 44 10.45 12.17 6.17
CA LEU A 44 9.09 11.80 6.48
C LEU A 44 8.48 11.09 5.30
N TRP A 45 7.69 10.08 5.55
CA TRP A 45 7.06 9.36 4.46
C TRP A 45 5.57 9.67 4.37
N TYR A 46 5.10 9.84 3.16
CA TYR A 46 3.70 10.07 2.91
C TYR A 46 3.17 8.99 2.00
N ILE A 47 2.17 8.29 2.46
CA ILE A 47 1.61 7.18 1.72
C ILE A 47 0.12 7.36 1.47
N THR A 48 -0.38 6.65 0.48
CA THR A 48 -1.80 6.67 0.15
C THR A 48 -2.22 5.29 -0.37
N VAL A 49 -3.20 4.67 0.30
CA VAL A 49 -3.65 3.35 -0.09
C VAL A 49 -4.84 3.43 -1.03
N MET A 50 -4.62 3.07 -2.27
CA MET A 50 -5.65 3.10 -3.27
C MET A 50 -6.07 1.67 -3.63
N PRO A 51 -7.36 1.36 -3.54
CA PRO A 51 -7.87 0.04 -3.90
C PRO A 51 -7.93 -0.14 -5.40
N CYS A 52 -7.48 -1.28 -5.88
CA CYS A 52 -7.48 -1.53 -7.30
C CYS A 52 -8.80 -2.20 -7.69
N SER A 53 -8.90 -2.61 -8.94
CA SER A 53 -10.08 -3.27 -9.44
C SER A 53 -10.30 -4.61 -8.73
N ILE A 54 -11.55 -4.87 -8.38
CA ILE A 54 -11.90 -6.12 -7.74
C ILE A 54 -11.55 -7.30 -8.64
N GLY A 55 -10.93 -8.31 -8.08
CA GLY A 55 -10.50 -9.44 -8.85
C GLY A 55 -9.06 -9.32 -9.32
N THR A 56 -8.50 -8.12 -9.28
CA THR A 56 -7.11 -7.93 -9.68
C THR A 56 -6.25 -7.61 -8.48
N LYS A 57 -4.96 -7.84 -8.59
CA LYS A 57 -4.02 -7.61 -7.52
C LYS A 57 -2.84 -6.80 -8.02
N PHE A 58 -2.32 -5.93 -7.18
CA PHE A 58 -1.20 -5.09 -7.56
C PHE A 58 0.12 -5.83 -7.37
N ASP A 59 0.99 -5.73 -8.37
CA ASP A 59 2.30 -6.37 -8.31
C ASP A 59 3.35 -5.35 -7.91
N PRO A 60 4.20 -5.68 -6.92
CA PRO A 60 5.22 -4.76 -6.39
C PRO A 60 6.30 -4.40 -7.40
N ILE A 61 6.80 -5.39 -8.12
CA ILE A 61 7.88 -5.18 -9.06
C ILE A 61 7.37 -4.51 -10.34
N SER A 62 6.32 -5.07 -10.93
CA SER A 62 5.76 -4.53 -12.16
C SER A 62 5.11 -3.17 -11.93
N ARG A 63 4.53 -3.00 -10.73
CA ARG A 63 3.91 -1.74 -10.32
C ARG A 63 2.62 -1.49 -11.09
N ASN A 64 1.82 -2.54 -11.23
CA ASN A 64 0.55 -2.46 -11.93
C ASN A 64 -0.38 -3.54 -11.38
N CYS A 65 -1.61 -3.58 -11.84
CA CYS A 65 -2.56 -4.56 -11.36
C CYS A 65 -2.73 -5.69 -12.37
N VAL A 66 -2.55 -6.91 -11.90
CA VAL A 66 -2.72 -8.08 -12.74
C VAL A 66 -3.89 -8.90 -12.20
N LEU A 67 -4.44 -9.76 -13.03
CA LEU A 67 -5.57 -10.58 -12.63
C LEU A 67 -5.18 -11.54 -11.50
N ASP A 68 -6.04 -11.63 -10.50
CA ASP A 68 -5.82 -12.53 -9.40
C ASP A 68 -6.59 -13.81 -9.64
N ASN A 69 -5.91 -14.80 -10.18
CA ASN A 69 -6.54 -16.08 -10.48
C ASN A 69 -5.48 -17.11 -10.74
N GLY A 1 -1.29 11.31 10.12
CA GLY A 1 0.04 11.29 10.75
C GLY A 1 1.10 11.87 9.83
N PRO A 2 2.04 12.67 10.37
CA PRO A 2 3.09 13.29 9.57
C PRO A 2 4.05 12.26 8.99
N LEU A 3 4.51 11.36 9.83
CA LEU A 3 5.42 10.33 9.41
C LEU A 3 4.66 9.06 9.03
N GLY A 4 4.86 8.60 7.82
CA GLY A 4 4.20 7.41 7.36
C GLY A 4 5.15 6.26 7.25
N SER A 5 6.02 6.14 8.24
CA SER A 5 6.99 5.07 8.30
C SER A 5 6.27 3.81 8.73
N ASP A 6 5.13 4.01 9.36
CA ASP A 6 4.27 2.95 9.84
C ASP A 6 2.86 3.49 9.98
N LEU A 7 2.07 3.34 8.95
CA LEU A 7 0.70 3.82 8.95
C LEU A 7 -0.24 2.65 9.18
N ILE A 8 -1.15 2.80 10.12
CA ILE A 8 -2.07 1.73 10.43
C ILE A 8 -3.37 1.89 9.65
N VAL A 9 -3.94 0.78 9.24
CA VAL A 9 -5.18 0.79 8.48
C VAL A 9 -6.12 -0.26 9.04
N HIS A 10 -7.36 -0.16 8.65
CA HIS A 10 -8.37 -1.11 9.09
C HIS A 10 -8.88 -1.90 7.91
N GLU A 11 -8.75 -3.21 7.98
CA GLU A 11 -9.18 -4.06 6.88
C GLU A 11 -9.74 -5.37 7.38
N GLY A 12 -11.02 -5.60 7.16
CA GLY A 12 -11.67 -6.85 7.55
C GLY A 12 -11.64 -7.09 9.05
N GLY A 13 -11.64 -6.01 9.82
CA GLY A 13 -11.64 -6.14 11.27
C GLY A 13 -10.24 -6.20 11.84
N LYS A 14 -9.26 -6.25 10.96
CA LYS A 14 -7.87 -6.29 11.39
C LYS A 14 -7.21 -4.93 11.24
N THR A 15 -6.21 -4.69 12.04
CA THR A 15 -5.46 -3.46 11.96
C THR A 15 -4.11 -3.75 11.33
N TYR A 16 -3.92 -3.34 10.10
CA TYR A 16 -2.70 -3.62 9.38
C TYR A 16 -1.76 -2.43 9.43
N HIS A 17 -0.48 -2.73 9.47
CA HIS A 17 0.53 -1.70 9.46
C HIS A 17 1.12 -1.62 8.07
N VAL A 18 1.28 -0.42 7.57
CA VAL A 18 1.85 -0.21 6.27
C VAL A 18 3.18 0.48 6.42
N VAL A 19 4.22 -0.18 5.99
CA VAL A 19 5.55 0.34 6.09
C VAL A 19 6.14 0.48 4.71
N CYS A 20 6.72 1.64 4.44
CA CYS A 20 7.30 1.88 3.15
C CYS A 20 8.80 2.06 3.29
N HIS A 21 9.54 1.12 2.74
CA HIS A 21 10.99 1.14 2.81
C HIS A 21 11.59 1.84 1.60
N GLU A 22 10.81 1.96 0.55
CA GLU A 22 11.28 2.57 -0.68
C GLU A 22 10.18 3.37 -1.34
N GLU A 23 10.57 4.29 -2.19
CA GLU A 23 9.62 5.12 -2.91
C GLU A 23 8.95 4.32 -4.02
N GLY A 24 7.64 4.37 -4.06
CA GLY A 24 6.90 3.65 -5.06
C GLY A 24 5.68 2.96 -4.49
N PRO A 25 4.71 2.64 -5.34
CA PRO A 25 3.49 1.95 -4.91
C PRO A 25 3.69 0.44 -4.69
N ILE A 26 3.08 -0.08 -3.65
CA ILE A 26 3.15 -1.50 -3.32
C ILE A 26 1.76 -1.99 -2.89
N PRO A 27 1.47 -3.31 -2.99
CA PRO A 27 0.15 -3.86 -2.62
C PRO A 27 -0.20 -3.65 -1.15
N HIS A 28 -1.48 -3.83 -0.84
CA HIS A 28 -1.99 -3.65 0.51
C HIS A 28 -1.88 -4.97 1.27
N PRO A 29 -1.13 -5.00 2.39
CA PRO A 29 -0.91 -6.23 3.19
C PRO A 29 -2.20 -6.91 3.65
N GLY A 30 -3.27 -6.14 3.71
CA GLY A 30 -4.54 -6.69 4.14
C GLY A 30 -5.37 -7.26 3.01
N ASN A 31 -5.08 -6.83 1.77
CA ASN A 31 -5.81 -7.28 0.59
C ASN A 31 -5.08 -6.84 -0.70
N VAL A 32 -4.49 -7.78 -1.42
CA VAL A 32 -3.75 -7.47 -2.67
C VAL A 32 -4.60 -6.73 -3.72
N HIS A 33 -5.92 -6.66 -3.52
CA HIS A 33 -6.81 -5.94 -4.45
C HIS A 33 -6.70 -4.42 -4.24
N LYS A 34 -5.81 -4.01 -3.36
CA LYS A 34 -5.57 -2.61 -3.06
C LYS A 34 -4.09 -2.39 -2.92
N TYR A 35 -3.66 -1.16 -3.03
CA TYR A 35 -2.25 -0.86 -2.92
C TYR A 35 -2.03 0.48 -2.21
N ILE A 36 -0.79 0.78 -1.91
CA ILE A 36 -0.44 2.03 -1.27
C ILE A 36 0.69 2.70 -2.04
N ILE A 37 0.62 4.01 -2.18
CA ILE A 37 1.66 4.75 -2.83
C ILE A 37 2.60 5.29 -1.77
N CYS A 38 3.86 4.94 -1.87
CA CYS A 38 4.83 5.38 -0.89
C CYS A 38 5.73 6.46 -1.48
N SER A 39 5.79 7.59 -0.81
CA SER A 39 6.62 8.68 -1.26
C SER A 39 7.48 9.20 -0.12
N LYS A 40 8.71 9.52 -0.41
CA LYS A 40 9.61 10.03 0.60
C LYS A 40 9.95 11.48 0.31
N SER A 41 9.35 12.37 1.07
CA SER A 41 9.58 13.78 0.91
C SER A 41 10.72 14.20 1.82
N GLY A 42 11.93 14.10 1.31
CA GLY A 42 13.09 14.42 2.11
C GLY A 42 13.33 13.39 3.17
N SER A 43 12.93 13.68 4.40
CA SER A 43 13.07 12.75 5.50
C SER A 43 11.70 12.30 6.01
N LEU A 44 10.64 12.74 5.33
CA LEU A 44 9.29 12.45 5.77
C LEU A 44 8.57 11.58 4.75
N TRP A 45 7.96 10.51 5.21
CA TRP A 45 7.26 9.61 4.31
C TRP A 45 5.78 9.94 4.20
N TYR A 46 5.30 10.00 2.98
CA TYR A 46 3.91 10.22 2.68
C TYR A 46 3.31 8.97 2.06
N ILE A 47 2.13 8.62 2.48
CA ILE A 47 1.49 7.39 2.00
C ILE A 47 0.03 7.61 1.63
N THR A 48 -0.46 6.80 0.70
CA THR A 48 -1.85 6.85 0.30
C THR A 48 -2.32 5.47 -0.20
N VAL A 49 -3.36 4.92 0.44
CA VAL A 49 -3.84 3.60 0.05
C VAL A 49 -5.01 3.70 -0.95
N MET A 50 -4.75 3.26 -2.16
CA MET A 50 -5.74 3.31 -3.22
C MET A 50 -6.18 1.90 -3.61
N PRO A 51 -7.48 1.71 -3.86
CA PRO A 51 -8.02 0.43 -4.29
C PRO A 51 -7.87 0.25 -5.80
N CYS A 52 -7.53 -0.96 -6.22
CA CYS A 52 -7.41 -1.23 -7.64
C CYS A 52 -8.72 -1.80 -8.16
N SER A 53 -8.75 -2.12 -9.43
CA SER A 53 -9.92 -2.67 -10.04
C SER A 53 -10.18 -4.07 -9.53
N ILE A 54 -11.44 -4.39 -9.30
CA ILE A 54 -11.83 -5.70 -8.83
C ILE A 54 -11.42 -6.75 -9.86
N GLY A 55 -10.97 -7.89 -9.37
CA GLY A 55 -10.50 -8.92 -10.26
C GLY A 55 -9.00 -8.86 -10.47
N THR A 56 -8.40 -7.71 -10.20
CA THR A 56 -6.96 -7.57 -10.37
C THR A 56 -6.27 -7.32 -9.02
N LYS A 57 -5.00 -7.68 -8.95
CA LYS A 57 -4.22 -7.51 -7.75
C LYS A 57 -2.94 -6.75 -8.07
N PHE A 58 -2.49 -5.92 -7.16
CA PHE A 58 -1.30 -5.12 -7.37
C PHE A 58 -0.04 -5.91 -7.04
N ASP A 59 0.93 -5.84 -7.94
CA ASP A 59 2.21 -6.55 -7.76
C ASP A 59 3.25 -5.61 -7.14
N PRO A 60 3.97 -6.09 -6.12
CA PRO A 60 4.97 -5.28 -5.39
C PRO A 60 6.20 -4.89 -6.22
N ILE A 61 6.72 -5.82 -7.01
CA ILE A 61 7.92 -5.57 -7.78
C ILE A 61 7.62 -4.83 -9.08
N SER A 62 6.68 -5.35 -9.86
CA SER A 62 6.31 -4.74 -11.13
C SER A 62 5.60 -3.41 -10.89
N ARG A 63 4.82 -3.38 -9.82
CA ARG A 63 4.08 -2.18 -9.42
C ARG A 63 3.01 -1.82 -10.42
N ASN A 64 2.06 -2.74 -10.55
CA ASN A 64 0.90 -2.58 -11.40
C ASN A 64 -0.12 -3.64 -11.03
N CYS A 65 -1.29 -3.58 -11.60
CA CYS A 65 -2.32 -4.55 -11.27
C CYS A 65 -2.42 -5.62 -12.35
N VAL A 66 -2.32 -6.86 -11.92
CA VAL A 66 -2.43 -8.00 -12.80
C VAL A 66 -3.69 -8.77 -12.47
N LEU A 67 -4.19 -9.56 -13.41
CA LEU A 67 -5.40 -10.33 -13.20
C LEU A 67 -5.19 -11.32 -12.04
N ASP A 68 -5.96 -11.15 -10.99
CA ASP A 68 -5.85 -11.99 -9.81
C ASP A 68 -6.53 -13.32 -10.04
N ASN A 69 -5.77 -14.28 -10.50
CA ASN A 69 -6.27 -15.61 -10.76
C ASN A 69 -5.34 -16.63 -10.14
N GLY A 1 -0.74 12.24 5.85
CA GLY A 1 0.20 11.26 6.43
C GLY A 1 0.63 11.65 7.83
N PRO A 2 -0.13 11.24 8.86
CA PRO A 2 0.21 11.55 10.25
C PRO A 2 1.47 10.82 10.68
N LEU A 3 1.64 9.63 10.15
CA LEU A 3 2.77 8.80 10.45
C LEU A 3 3.49 8.43 9.16
N GLY A 4 4.79 8.20 9.26
CA GLY A 4 5.57 7.86 8.09
C GLY A 4 6.21 6.50 8.23
N SER A 5 6.66 6.18 9.45
CA SER A 5 7.28 4.89 9.73
C SER A 5 6.32 3.73 9.43
N ASP A 6 5.13 3.79 10.01
CA ASP A 6 4.12 2.79 9.77
C ASP A 6 2.72 3.37 9.97
N LEU A 7 1.92 3.30 8.94
CA LEU A 7 0.57 3.81 8.97
C LEU A 7 -0.37 2.64 9.17
N ILE A 8 -1.34 2.78 10.06
CA ILE A 8 -2.24 1.69 10.36
C ILE A 8 -3.52 1.81 9.53
N VAL A 9 -4.03 0.68 9.10
CA VAL A 9 -5.24 0.63 8.30
C VAL A 9 -6.21 -0.38 8.88
N HIS A 10 -7.48 -0.18 8.62
CA HIS A 10 -8.51 -1.07 9.14
C HIS A 10 -9.20 -1.80 8.02
N GLU A 11 -8.83 -3.06 7.83
CA GLU A 11 -9.46 -3.90 6.80
C GLU A 11 -10.38 -4.92 7.45
N GLY A 12 -11.67 -4.74 7.26
CA GLY A 12 -12.65 -5.64 7.85
C GLY A 12 -12.63 -5.58 9.35
N GLY A 13 -12.31 -4.41 9.89
CA GLY A 13 -12.25 -4.23 11.32
C GLY A 13 -10.90 -4.64 11.90
N LYS A 14 -10.06 -5.25 11.08
CA LYS A 14 -8.75 -5.69 11.51
C LYS A 14 -7.72 -4.63 11.24
N THR A 15 -6.81 -4.46 12.16
CA THR A 15 -5.77 -3.49 12.02
C THR A 15 -4.53 -4.08 11.36
N TYR A 16 -4.05 -3.39 10.35
CA TYR A 16 -2.85 -3.79 9.64
C TYR A 16 -1.89 -2.61 9.61
N HIS A 17 -0.62 -2.89 9.60
CA HIS A 17 0.37 -1.85 9.54
C HIS A 17 0.97 -1.78 8.16
N VAL A 18 1.15 -0.58 7.66
CA VAL A 18 1.74 -0.37 6.37
C VAL A 18 3.11 0.24 6.54
N VAL A 19 4.11 -0.41 6.02
CA VAL A 19 5.47 0.07 6.14
C VAL A 19 6.10 0.16 4.76
N CYS A 20 6.72 1.27 4.48
CA CYS A 20 7.33 1.49 3.19
C CYS A 20 8.84 1.28 3.26
N HIS A 21 9.34 0.42 2.39
CA HIS A 21 10.76 0.10 2.35
C HIS A 21 11.49 1.05 1.41
N GLU A 22 10.78 1.49 0.39
CA GLU A 22 11.35 2.36 -0.64
C GLU A 22 10.26 3.23 -1.24
N GLU A 23 10.66 4.16 -2.08
CA GLU A 23 9.72 5.04 -2.75
C GLU A 23 9.00 4.28 -3.86
N GLY A 24 7.70 4.48 -3.96
CA GLY A 24 6.94 3.81 -4.98
C GLY A 24 5.77 3.04 -4.38
N PRO A 25 4.76 2.73 -5.19
CA PRO A 25 3.59 1.97 -4.73
C PRO A 25 3.86 0.46 -4.62
N ILE A 26 3.33 -0.12 -3.56
CA ILE A 26 3.45 -1.56 -3.31
C ILE A 26 2.10 -2.10 -2.83
N PRO A 27 1.87 -3.43 -2.96
CA PRO A 27 0.58 -4.05 -2.57
C PRO A 27 0.30 -3.95 -1.08
N HIS A 28 -0.92 -4.28 -0.71
CA HIS A 28 -1.35 -4.25 0.67
C HIS A 28 -1.04 -5.59 1.32
N PRO A 29 -0.35 -5.60 2.49
CA PRO A 29 0.07 -6.84 3.17
C PRO A 29 -1.09 -7.80 3.41
N GLY A 30 -2.22 -7.26 3.83
CA GLY A 30 -3.38 -8.09 4.10
C GLY A 30 -4.07 -8.57 2.83
N ASN A 31 -4.55 -7.63 2.04
CA ASN A 31 -5.28 -7.93 0.83
C ASN A 31 -4.67 -7.26 -0.41
N VAL A 32 -4.04 -8.07 -1.26
CA VAL A 32 -3.38 -7.64 -2.51
C VAL A 32 -4.33 -6.86 -3.47
N HIS A 33 -5.64 -6.90 -3.21
CA HIS A 33 -6.61 -6.18 -4.05
C HIS A 33 -6.49 -4.67 -3.85
N LYS A 34 -5.63 -4.28 -2.92
CA LYS A 34 -5.37 -2.89 -2.65
C LYS A 34 -3.89 -2.68 -2.53
N TYR A 35 -3.45 -1.45 -2.68
CA TYR A 35 -2.05 -1.13 -2.60
C TYR A 35 -1.83 0.21 -1.93
N ILE A 36 -0.59 0.54 -1.68
CA ILE A 36 -0.27 1.80 -1.07
C ILE A 36 0.81 2.49 -1.87
N ILE A 37 0.70 3.79 -2.02
CA ILE A 37 1.70 4.56 -2.71
C ILE A 37 2.62 5.16 -1.70
N CYS A 38 3.88 4.82 -1.76
CA CYS A 38 4.84 5.36 -0.83
C CYS A 38 5.56 6.51 -1.47
N SER A 39 5.47 7.66 -0.85
CA SER A 39 6.10 8.84 -1.36
C SER A 39 7.01 9.43 -0.31
N LYS A 40 8.17 9.84 -0.72
CA LYS A 40 9.12 10.40 0.21
C LYS A 40 9.33 11.88 -0.06
N SER A 41 8.84 12.68 0.85
CA SER A 41 9.01 14.10 0.78
C SER A 41 10.25 14.46 1.56
N GLY A 42 11.38 14.44 0.88
CA GLY A 42 12.63 14.69 1.55
C GLY A 42 13.01 13.51 2.42
N SER A 43 12.77 13.63 3.71
CA SER A 43 13.04 12.56 4.64
C SER A 43 11.76 12.04 5.29
N LEU A 44 10.61 12.53 4.82
CA LEU A 44 9.33 12.18 5.43
C LEU A 44 8.47 11.35 4.48
N TRP A 45 7.86 10.31 5.01
CA TRP A 45 7.03 9.44 4.20
C TRP A 45 5.56 9.90 4.16
N TYR A 46 5.03 9.96 2.97
CA TYR A 46 3.61 10.17 2.75
C TYR A 46 3.05 8.97 2.03
N ILE A 47 2.06 8.35 2.59
CA ILE A 47 1.49 7.15 2.00
C ILE A 47 0.00 7.29 1.74
N THR A 48 -0.46 6.66 0.69
CA THR A 48 -1.86 6.68 0.33
C THR A 48 -2.30 5.29 -0.09
N VAL A 49 -3.29 4.73 0.57
CA VAL A 49 -3.75 3.39 0.24
C VAL A 49 -4.91 3.43 -0.76
N MET A 50 -4.66 2.94 -1.96
CA MET A 50 -5.66 2.93 -3.02
C MET A 50 -5.98 1.49 -3.41
N PRO A 51 -7.20 1.24 -3.89
CA PRO A 51 -7.58 -0.08 -4.34
C PRO A 51 -7.34 -0.30 -5.83
N CYS A 52 -7.10 -1.54 -6.21
CA CYS A 52 -6.97 -1.89 -7.61
C CYS A 52 -8.34 -2.14 -8.19
N SER A 53 -8.43 -2.22 -9.50
CA SER A 53 -9.67 -2.52 -10.16
C SER A 53 -10.18 -3.88 -9.69
N ILE A 54 -11.48 -4.00 -9.56
CA ILE A 54 -12.08 -5.24 -9.08
C ILE A 54 -11.74 -6.39 -10.02
N GLY A 55 -11.12 -7.41 -9.47
CA GLY A 55 -10.68 -8.52 -10.27
C GLY A 55 -9.18 -8.50 -10.53
N THR A 56 -8.47 -7.52 -9.98
CA THR A 56 -7.03 -7.44 -10.18
C THR A 56 -6.27 -7.35 -8.84
N LYS A 57 -4.99 -7.67 -8.89
CA LYS A 57 -4.12 -7.64 -7.71
C LYS A 57 -2.90 -6.78 -8.02
N PHE A 58 -2.38 -6.07 -7.03
CA PHE A 58 -1.23 -5.21 -7.24
C PHE A 58 0.08 -5.98 -7.08
N ASP A 59 1.01 -5.73 -7.98
CA ASP A 59 2.32 -6.37 -7.95
C ASP A 59 3.38 -5.42 -7.39
N PRO A 60 4.20 -5.89 -6.45
CA PRO A 60 5.22 -5.05 -5.78
C PRO A 60 6.39 -4.65 -6.69
N ILE A 61 6.92 -5.59 -7.44
CA ILE A 61 8.09 -5.31 -8.27
C ILE A 61 7.73 -4.49 -9.51
N SER A 62 6.67 -4.87 -10.19
CA SER A 62 6.24 -4.16 -11.37
C SER A 62 5.55 -2.85 -10.99
N ARG A 63 4.89 -2.87 -9.83
CA ARG A 63 4.19 -1.72 -9.28
C ARG A 63 3.01 -1.30 -10.15
N ASN A 64 2.05 -2.22 -10.27
CA ASN A 64 0.84 -2.00 -11.05
C ASN A 64 -0.18 -3.07 -10.69
N CYS A 65 -1.39 -2.95 -11.18
CA CYS A 65 -2.42 -3.94 -10.90
C CYS A 65 -2.56 -4.88 -12.08
N VAL A 66 -2.41 -6.16 -11.82
CA VAL A 66 -2.53 -7.19 -12.85
C VAL A 66 -3.74 -8.05 -12.58
N LEU A 67 -4.16 -8.81 -13.57
CA LEU A 67 -5.33 -9.65 -13.44
C LEU A 67 -5.19 -10.65 -12.29
N ASP A 68 -6.14 -10.62 -11.37
CA ASP A 68 -6.15 -11.54 -10.25
C ASP A 68 -7.00 -12.74 -10.58
N ASN A 69 -6.35 -13.79 -10.99
CA ASN A 69 -7.03 -15.01 -11.37
C ASN A 69 -6.32 -16.21 -10.78
#